data_5B43
#
_entry.id   5B43
#
_cell.length_a   81.515
_cell.length_b   136.732
_cell.length_c   196.909
_cell.angle_alpha   90.00
_cell.angle_beta   90.00
_cell.angle_gamma   90.00
#
_symmetry.space_group_name_H-M   'P 21 21 21'
#
loop_
_entity.id
_entity.type
_entity.pdbx_description
1 polymer 'CRISPR-associated endonuclease Cpf1'
2 polymer 'RNA (43-MER)'
3 polymer 'DNA (34-MER)'
4 polymer "DNA (5'-D(*CP*AP*GP*TP*CP*CP*TP*TP*TP*A)-3')"
5 non-polymer 1,2-ETHANEDIOL
6 non-polymer 'SODIUM ION'
7 water water
#
loop_
_entity_poly.entity_id
_entity_poly.type
_entity_poly.pdbx_seq_one_letter_code
_entity_poly.pdbx_strand_id
1 'polypeptide(L)'
;GSHMTQFEGFTNLYQVSKTLRFELIPQGKTLKHIQEQGFIEEDKARNDHYKELKPIIDRIYKTYADQCLQLVQLDWENLS
AAIDSYRKEKTEETRNALIEEQATYRNAIHDYFIGRTDNLTDAINKRHAEIYKGLFKAELFNGKVLKQLGTVTTTEHENA
LLRSFDKFTTYFSGFYENRKNVFSAEDISTAIPHRIVQDNFPKFKENCHIFTRLITAVPSLREHFENVKKAIGIFVSTSI
EEVFSFPFYNQLLTQTQIDLYNQLLGGISREAGTEKIKGLNEVLNLAIQKNDETAHIIASLPHRFIPLFKQILSDRNTLS
FILEEFKSDEEVIQSFCKYKTLLRNENVLETAEALFNELNSIDLTHIFISHKKLETISSALCDHWDTLRNALYERRISEL
TGKITKSAKEKVQRSLKHEDINLQEIISAAGKELSEAFKQKTSEILSHAHAALDQPLPTTLKKQEEKEILKSQLDSLLGL
YHLLDWFAVDESNEVDPEFSARLTGIKLEMEPSLSFYNKARNYATKKPYSVEKFKLNFQMPTLASGWDVNKEKNNGAILF
VKNGLYYLGIMPKQKGRYKALSFEPTEKTSEGFDKMYYDYFPDAAKMIPKCSTQLKAVTAHFQTHTTPILLSNNFIEPLE
ITKEIYDLNNPEKEPKKFQTAYAKKTGDQKGYREALCKWIDFTRDFLSKYTKTTSIDLSSLRPSSQYKDLGEYYAELNPL
LYHISFQRIAEKEIMDAVETGKLYLFQIYNKDFAKGHHGKPNLHTLYWTGLFSPENLAKTSIKLNGQAELFYRPKSRMKR
MAHRLGEKMLNKKLKDQKTPIPDTLYQELYDYVNHRLSHDLSDEARALLPNVITKEVSHEIIKDRRFTSDKFFFHVPITL
NYQAANSPSKFNQRVNAYLKEHPETPIIGIDRGERNLIYITVIDSTGKILEQRSLNTIQQFDYQKKLDNREKERVAARQA
WSVVGTIKDLKQGYLSQVIHEIVDLMIHYQAVVVLENLNFGFKSKRTGIAEKAVYQQFEKMLIDKLNCLVLKDYPAEKVG
GVLNPYQLTDQFTSFAKMGTQSGFLFYVPAPYTSKIDPLTGFVDPFVWKTIKNHESRKHFLEGFDFLHYDVKTGDFILHF
KMNRNLSFQRGLPGFMPAWDIVFEKNETQFDAKGTPFIAGKRIVPVIENHRFTGRYRDLYPANELIALLEEKGIVFRDGS
NILPKLLENDDSHAIDTMVALIRSVLQMRNSNAATGEDYINSPVRDLNGVCFDSRFQNPEWPMDADANGAYHIALKGQLL
LNHLKESKDLKLQNGISNQDWLAYIQELRN
;
A
2 'polyribonucleotide' AAUUUCUACUCUUGUAGAUGGAAAUUAGGUGCGCUUGGCAACC B
3 'polydeoxyribonucleotide'
;(DG)(DG)(DT)(DT)(DG)(DC)(DC)(DA)(DA)(DG)(DC)(DG)(DC)(DA)(DC)(DC)(DT)(DA)(DA)(DT)
(DT)(DT)(DC)(DC)(DT)(DA)(DA)(DA)(DG)(DG)(DA)(DC)(DT)(DG)
;
C
4 'polydeoxyribonucleotide' (DC)(DA)(DG)(DT)(DC)(DC)(DT)(DT)(DT)(DA) D
#
loop_
_chem_comp.id
_chem_comp.type
_chem_comp.name
_chem_comp.formula
A RNA linking ADENOSINE-5'-MONOPHOSPHATE 'C10 H14 N5 O7 P'
C RNA linking CYTIDINE-5'-MONOPHOSPHATE 'C9 H14 N3 O8 P'
DA DNA linking 2'-DEOXYADENOSINE-5'-MONOPHOSPHATE 'C10 H14 N5 O6 P'
DC DNA linking 2'-DEOXYCYTIDINE-5'-MONOPHOSPHATE 'C9 H14 N3 O7 P'
DG DNA linking 2'-DEOXYGUANOSINE-5'-MONOPHOSPHATE 'C10 H14 N5 O7 P'
DT DNA linking THYMIDINE-5'-MONOPHOSPHATE 'C10 H15 N2 O8 P'
EDO non-polymer 1,2-ETHANEDIOL 'C2 H6 O2'
G RNA linking GUANOSINE-5'-MONOPHOSPHATE 'C10 H14 N5 O8 P'
NA non-polymer 'SODIUM ION' 'Na 1'
U RNA linking URIDINE-5'-MONOPHOSPHATE 'C9 H13 N2 O9 P'
#
# COMPACT_ATOMS: atom_id res chain seq x y z
N MET A 4 -35.75 -12.65 16.53
CA MET A 4 -35.56 -13.19 15.18
C MET A 4 -35.05 -12.10 14.25
N THR A 5 -33.84 -12.29 13.72
CA THR A 5 -33.16 -11.28 12.93
C THR A 5 -33.52 -11.38 11.45
N GLN A 6 -33.36 -10.27 10.75
CA GLN A 6 -33.60 -10.20 9.32
C GLN A 6 -32.43 -9.47 8.65
N PHE A 7 -32.30 -9.68 7.33
CA PHE A 7 -31.18 -9.08 6.61
C PHE A 7 -31.31 -7.57 6.50
N GLU A 8 -32.55 -7.06 6.49
CA GLU A 8 -32.78 -5.62 6.43
C GLU A 8 -32.52 -4.93 7.77
N GLY A 9 -32.10 -5.67 8.80
CA GLY A 9 -31.78 -5.09 10.08
C GLY A 9 -30.38 -4.53 10.20
N PHE A 10 -29.51 -4.79 9.23
CA PHE A 10 -28.14 -4.28 9.24
C PHE A 10 -28.12 -2.89 8.61
N THR A 11 -28.72 -1.95 9.33
CA THR A 11 -28.80 -0.56 8.89
C THR A 11 -28.86 0.32 10.14
N ASN A 12 -28.34 1.54 10.01
CA ASN A 12 -28.33 2.52 11.09
C ASN A 12 -27.64 1.95 12.33
N LEU A 13 -26.38 1.54 12.14
CA LEU A 13 -25.60 0.92 13.21
C LEU A 13 -24.40 1.75 13.66
N TYR A 14 -23.88 2.62 12.80
CA TYR A 14 -22.85 3.57 13.21
C TYR A 14 -22.73 4.65 12.15
N GLN A 15 -22.31 5.84 12.58
CA GLN A 15 -22.18 6.97 11.68
C GLN A 15 -21.00 6.78 10.73
N VAL A 16 -21.17 7.29 9.51
CA VAL A 16 -20.13 7.25 8.48
C VAL A 16 -19.99 8.64 7.90
N SER A 17 -18.75 9.12 7.81
CA SER A 17 -18.46 10.47 7.31
C SER A 17 -17.89 10.38 5.90
N LYS A 18 -18.50 11.13 4.99
CA LYS A 18 -18.03 11.23 3.61
C LYS A 18 -17.89 12.70 3.24
N THR A 19 -17.06 12.97 2.25
CA THR A 19 -16.84 14.32 1.74
C THR A 19 -17.31 14.39 0.29
N LEU A 20 -18.13 15.40 0.00
CA LEU A 20 -18.63 15.63 -1.34
C LEU A 20 -17.87 16.79 -1.98
N ARG A 21 -17.64 16.68 -3.29
CA ARG A 21 -16.95 17.72 -4.04
C ARG A 21 -17.85 18.23 -5.15
N PHE A 22 -17.83 19.55 -5.35
CA PHE A 22 -18.63 20.20 -6.38
C PHE A 22 -17.80 21.28 -7.05
N GLU A 23 -18.32 21.79 -8.16
CA GLU A 23 -17.80 22.99 -8.80
C GLU A 23 -18.65 24.18 -8.40
N LEU A 24 -18.01 25.33 -8.21
CA LEU A 24 -18.70 26.58 -7.92
C LEU A 24 -18.72 27.45 -9.16
N ILE A 25 -19.91 27.89 -9.56
CA ILE A 25 -20.10 28.74 -10.73
C ILE A 25 -20.45 30.14 -10.23
N PRO A 26 -19.57 31.13 -10.38
CA PRO A 26 -19.90 32.48 -9.92
C PRO A 26 -21.11 33.04 -10.65
N GLN A 27 -21.84 33.91 -9.95
CA GLN A 27 -23.10 34.46 -10.43
C GLN A 27 -23.02 35.98 -10.46
N GLY A 28 -23.34 36.57 -11.61
CA GLY A 28 -23.41 38.01 -11.70
C GLY A 28 -22.06 38.68 -11.52
N LYS A 29 -22.02 39.70 -10.66
CA LYS A 29 -20.80 40.45 -10.41
C LYS A 29 -19.87 39.78 -9.40
N THR A 30 -20.09 38.50 -9.10
CA THR A 30 -19.27 37.82 -8.11
C THR A 30 -17.82 37.72 -8.57
N LEU A 31 -17.60 37.21 -9.78
CA LEU A 31 -16.23 37.05 -10.29
C LEU A 31 -15.54 38.40 -10.45
N LYS A 32 -16.31 39.46 -10.73
CA LYS A 32 -15.71 40.76 -10.98
C LYS A 32 -15.21 41.41 -9.69
N HIS A 33 -15.98 41.29 -8.60
CA HIS A 33 -15.57 41.90 -7.35
C HIS A 33 -14.38 41.18 -6.72
N ILE A 34 -14.26 39.87 -6.93
CA ILE A 34 -13.13 39.14 -6.39
C ILE A 34 -11.84 39.58 -7.06
N GLN A 35 -11.88 39.83 -8.38
CA GLN A 35 -10.69 40.30 -9.09
C GLN A 35 -10.32 41.70 -8.66
N GLU A 36 -11.28 42.51 -8.21
CA GLU A 36 -10.99 43.87 -7.78
C GLU A 36 -10.42 43.92 -6.37
N GLN A 37 -10.87 43.03 -5.48
CA GLN A 37 -10.37 42.99 -4.12
C GLN A 37 -9.08 42.20 -3.97
N GLY A 38 -8.63 41.53 -5.02
CA GLY A 38 -7.37 40.79 -4.95
C GLY A 38 -7.39 39.62 -3.98
N PHE A 39 -8.54 38.96 -3.83
CA PHE A 39 -8.63 37.85 -2.89
C PHE A 39 -7.88 36.63 -3.40
N ILE A 40 -8.14 36.22 -4.64
CA ILE A 40 -7.47 35.05 -5.19
C ILE A 40 -5.97 35.27 -5.27
N GLU A 41 -5.55 36.51 -5.52
CA GLU A 41 -4.13 36.82 -5.61
C GLU A 41 -3.45 36.63 -4.26
N GLU A 42 -4.04 37.17 -3.20
CA GLU A 42 -3.45 37.06 -1.87
C GLU A 42 -3.71 35.72 -1.21
N ASP A 43 -4.67 34.93 -1.73
CA ASP A 43 -4.88 33.59 -1.20
C ASP A 43 -3.71 32.68 -1.58
N LYS A 44 -3.15 32.85 -2.78
CA LYS A 44 -1.98 32.09 -3.17
C LYS A 44 -0.72 32.58 -2.47
N ALA A 45 -0.59 33.90 -2.31
CA ALA A 45 0.57 34.46 -1.63
C ALA A 45 0.63 33.99 -0.18
N ARG A 46 -0.52 34.02 0.51
CA ARG A 46 -0.59 33.48 1.85
C ARG A 46 -0.36 31.97 1.85
N ASN A 47 -0.81 31.28 0.81
CA ASN A 47 -0.51 29.85 0.68
C ASN A 47 0.98 29.61 0.49
N ASP A 48 1.62 30.40 -0.37
CA ASP A 48 3.06 30.25 -0.58
C ASP A 48 3.86 30.64 0.67
N HIS A 49 3.39 31.63 1.42
CA HIS A 49 4.06 31.99 2.66
C HIS A 49 3.98 30.85 3.68
N TYR A 50 2.88 30.08 3.65
CA TYR A 50 2.77 28.94 4.54
C TYR A 50 3.79 27.86 4.20
N LYS A 51 3.98 27.59 2.90
CA LYS A 51 4.91 26.54 2.49
C LYS A 51 6.35 26.94 2.74
N GLU A 52 6.65 28.23 2.70
CA GLU A 52 8.00 28.68 3.04
C GLU A 52 8.23 28.64 4.55
N LEU A 53 7.19 28.96 5.32
CA LEU A 53 7.34 29.08 6.77
C LEU A 53 7.28 27.72 7.47
N LYS A 54 6.57 26.75 6.89
CA LYS A 54 6.43 25.44 7.52
C LYS A 54 7.76 24.79 7.89
N PRO A 55 8.76 24.70 7.01
CA PRO A 55 10.04 24.11 7.44
C PRO A 55 10.75 24.92 8.50
N ILE A 56 10.58 26.25 8.49
CA ILE A 56 11.19 27.08 9.53
C ILE A 56 10.58 26.78 10.89
N ILE A 57 9.25 26.69 10.95
CA ILE A 57 8.58 26.36 12.21
C ILE A 57 8.96 24.97 12.68
N ASP A 58 9.15 24.05 11.74
CA ASP A 58 9.51 22.68 12.09
C ASP A 58 10.85 22.60 12.81
N ARG A 59 11.72 23.59 12.62
CA ARG A 59 12.98 23.60 13.36
C ARG A 59 12.75 23.60 14.86
N ILE A 60 11.69 24.26 15.33
CA ILE A 60 11.37 24.28 16.75
C ILE A 60 11.00 22.89 17.22
N TYR A 61 10.12 22.21 16.47
CA TYR A 61 9.73 20.85 16.84
C TYR A 61 10.92 19.90 16.76
N LYS A 62 11.66 19.94 15.65
CA LYS A 62 12.78 19.03 15.46
C LYS A 62 13.83 19.20 16.56
N THR A 63 14.20 20.46 16.84
CA THR A 63 15.22 20.70 17.86
C THR A 63 14.74 20.28 19.24
N TYR A 64 13.53 20.71 19.62
CA TYR A 64 13.02 20.39 20.96
C TYR A 64 12.83 18.90 21.13
N ALA A 65 12.28 18.22 20.11
CA ALA A 65 12.10 16.77 20.21
C ALA A 65 13.45 16.06 20.27
N ASP A 66 14.42 16.49 19.45
CA ASP A 66 15.74 15.88 19.48
C ASP A 66 16.41 16.10 20.82
N GLN A 67 16.27 17.30 21.40
CA GLN A 67 16.88 17.58 22.69
C GLN A 67 16.26 16.73 23.80
N CYS A 68 14.94 16.54 23.76
CA CYS A 68 14.28 15.73 24.78
C CYS A 68 14.66 14.25 24.67
N LEU A 69 14.89 13.77 23.45
CA LEU A 69 15.25 12.37 23.25
C LEU A 69 16.71 12.07 23.61
N GLN A 70 17.53 13.09 23.83
CA GLN A 70 18.93 12.85 24.18
C GLN A 70 19.09 12.43 25.64
N LEU A 71 18.15 12.80 26.51
CA LEU A 71 18.22 12.48 27.92
C LEU A 71 17.48 11.21 28.27
N VAL A 72 16.90 10.51 27.30
CA VAL A 72 16.07 9.35 27.59
C VAL A 72 16.97 8.17 27.98
N GLN A 73 16.78 7.65 29.19
CA GLN A 73 17.47 6.46 29.68
C GLN A 73 16.43 5.56 30.33
N LEU A 74 16.17 4.41 29.71
CA LEU A 74 15.16 3.48 30.20
C LEU A 74 15.73 2.06 30.21
N ASP A 75 15.08 1.22 31.01
CA ASP A 75 15.42 -0.20 31.09
C ASP A 75 14.38 -0.96 30.26
N TRP A 76 14.79 -1.45 29.10
CA TRP A 76 13.90 -2.09 28.15
C TRP A 76 13.72 -3.59 28.42
N GLU A 77 14.16 -4.07 29.57
CA GLU A 77 14.07 -5.51 29.85
C GLU A 77 12.62 -5.94 30.00
N ASN A 78 11.78 -5.11 30.63
CA ASN A 78 10.38 -5.47 30.82
C ASN A 78 9.64 -5.53 29.48
N LEU A 79 9.94 -4.60 28.57
CA LEU A 79 9.29 -4.61 27.27
C LEU A 79 9.69 -5.85 26.46
N SER A 80 10.95 -6.27 26.57
CA SER A 80 11.40 -7.46 25.85
C SER A 80 10.68 -8.70 26.36
N ALA A 81 10.46 -8.79 27.68
CA ALA A 81 9.81 -9.97 28.24
C ALA A 81 8.35 -10.04 27.81
N ALA A 82 7.68 -8.90 27.67
CA ALA A 82 6.31 -8.89 27.19
C ALA A 82 6.23 -9.27 25.72
N ILE A 83 7.24 -8.91 24.92
CA ILE A 83 7.27 -9.34 23.53
C ILE A 83 7.52 -10.84 23.44
N ASP A 84 8.43 -11.35 24.26
CA ASP A 84 8.73 -12.79 24.25
C ASP A 84 7.52 -13.61 24.66
N SER A 85 6.81 -13.17 25.70
CA SER A 85 5.67 -13.94 26.20
C SER A 85 4.53 -13.98 25.18
N TYR A 86 4.35 -12.91 24.41
CA TYR A 86 3.28 -12.92 23.41
C TYR A 86 3.64 -13.82 22.24
N ARG A 87 4.91 -13.82 21.83
CA ARG A 87 5.35 -14.76 20.80
C ARG A 87 5.37 -16.19 21.31
N LYS A 88 5.59 -16.37 22.61
CA LYS A 88 5.61 -17.69 23.22
C LYS A 88 4.20 -18.26 23.26
N GLU A 89 3.33 -17.68 24.07
CA GLU A 89 1.92 -18.05 24.12
C GLU A 89 1.10 -17.02 23.34
N LYS A 90 0.30 -17.50 22.39
CA LYS A 90 -0.53 -16.62 21.57
C LYS A 90 -1.93 -16.46 22.18
N THR A 91 -1.97 -16.13 23.47
CA THR A 91 -3.23 -15.95 24.18
C THR A 91 -3.56 -14.47 24.31
N GLU A 92 -4.86 -14.18 24.45
CA GLU A 92 -5.32 -12.81 24.58
C GLU A 92 -4.83 -12.13 25.86
N GLU A 93 -4.43 -12.92 26.86
CA GLU A 93 -3.89 -12.32 28.08
C GLU A 93 -2.50 -11.74 27.84
N THR A 94 -1.67 -12.44 27.08
CA THR A 94 -0.33 -11.92 26.79
C THR A 94 -0.39 -10.77 25.80
N ARG A 95 -1.43 -10.71 24.96
CA ARG A 95 -1.58 -9.58 24.06
C ARG A 95 -1.92 -8.31 24.82
N ASN A 96 -2.91 -8.38 25.72
CA ASN A 96 -3.28 -7.21 26.52
C ASN A 96 -2.14 -6.80 27.45
N ALA A 97 -1.33 -7.76 27.90
CA ALA A 97 -0.18 -7.43 28.72
C ALA A 97 0.86 -6.64 27.91
N LEU A 98 1.05 -7.02 26.64
CA LEU A 98 1.98 -6.27 25.79
C LEU A 98 1.43 -4.90 25.43
N ILE A 99 0.11 -4.81 25.18
CA ILE A 99 -0.49 -3.52 24.84
C ILE A 99 -0.35 -2.54 25.99
N GLU A 100 -0.55 -3.01 27.22
CA GLU A 100 -0.36 -2.14 28.38
C GLU A 100 1.12 -1.80 28.58
N GLU A 101 2.00 -2.77 28.36
CA GLU A 101 3.43 -2.53 28.52
C GLU A 101 3.92 -1.50 27.51
N GLN A 102 3.42 -1.56 26.28
CA GLN A 102 3.78 -0.57 25.28
C GLN A 102 3.26 0.81 25.66
N ALA A 103 2.03 0.88 26.15
CA ALA A 103 1.46 2.17 26.57
C ALA A 103 2.24 2.76 27.73
N THR A 104 2.78 1.93 28.61
CA THR A 104 3.59 2.43 29.71
C THR A 104 4.90 3.04 29.20
N TYR A 105 5.54 2.37 28.24
CA TYR A 105 6.80 2.90 27.69
C TYR A 105 6.56 4.15 26.86
N ARG A 106 5.43 4.20 26.12
CA ARG A 106 5.12 5.40 25.35
C ARG A 106 4.93 6.61 26.25
N ASN A 107 4.30 6.41 27.41
CA ASN A 107 4.14 7.50 28.37
C ASN A 107 5.47 7.89 28.99
N ALA A 108 6.37 6.93 29.18
CA ALA A 108 7.69 7.25 29.73
C ALA A 108 8.46 8.17 28.79
N ILE A 109 8.33 7.96 27.47
CA ILE A 109 8.92 8.88 26.52
C ILE A 109 8.16 10.20 26.51
N HIS A 110 6.83 10.12 26.62
CA HIS A 110 6.00 11.32 26.60
C HIS A 110 6.29 12.24 27.78
N ASP A 111 6.64 11.66 28.93
CA ASP A 111 6.94 12.47 30.10
C ASP A 111 8.21 13.30 29.93
N TYR A 112 9.10 12.89 29.02
CA TYR A 112 10.24 13.74 28.68
C TYR A 112 9.81 14.98 27.91
N PHE A 113 8.77 14.85 27.09
CA PHE A 113 8.27 16.00 26.33
C PHE A 113 7.52 16.98 27.23
N ILE A 114 6.54 16.47 27.99
CA ILE A 114 5.70 17.34 28.81
C ILE A 114 6.34 17.69 30.15
N GLY A 115 7.36 16.94 30.57
CA GLY A 115 8.02 17.22 31.83
C GLY A 115 7.30 16.65 33.04
N ARG A 116 7.16 15.33 33.09
CA ARG A 116 6.57 14.64 34.23
C ARG A 116 7.26 13.29 34.46
N THR A 117 8.57 13.25 34.23
CA THR A 117 9.37 12.05 34.44
C THR A 117 10.22 12.21 35.69
N ASP A 118 10.34 11.15 36.48
CA ASP A 118 11.12 11.19 37.71
C ASP A 118 12.62 11.17 37.45
N ASN A 119 13.05 11.01 36.20
CA ASN A 119 14.46 10.91 35.88
C ASN A 119 15.15 12.28 35.81
N LEU A 120 14.39 13.36 35.65
CA LEU A 120 14.94 14.70 35.53
C LEU A 120 14.53 15.55 36.71
N THR A 121 15.39 16.50 37.06
CA THR A 121 15.16 17.37 38.20
C THR A 121 14.08 18.42 37.87
N ASP A 122 13.55 19.04 38.93
CA ASP A 122 12.42 19.94 38.78
C ASP A 122 12.76 21.14 37.89
N ALA A 123 13.99 21.64 37.99
CA ALA A 123 14.38 22.79 37.17
C ALA A 123 14.33 22.44 35.69
N ILE A 124 14.88 21.29 35.32
CA ILE A 124 14.83 20.85 33.93
C ILE A 124 13.44 20.36 33.57
N ASN A 125 12.76 19.70 34.50
CA ASN A 125 11.46 19.12 34.22
C ASN A 125 10.41 20.20 33.98
N LYS A 126 10.46 21.29 34.74
CA LYS A 126 9.48 22.36 34.58
C LYS A 126 9.77 23.22 33.35
N ARG A 127 11.03 23.30 32.93
CA ARG A 127 11.37 24.09 31.75
C ARG A 127 10.75 23.52 30.48
N HIS A 128 10.62 22.20 30.40
CA HIS A 128 9.99 21.58 29.24
C HIS A 128 8.49 21.85 29.19
N ALA A 129 7.85 21.94 30.36
CA ALA A 129 6.40 22.20 30.39
C ALA A 129 6.08 23.60 29.88
N GLU A 130 6.94 24.58 30.18
CA GLU A 130 6.73 25.93 29.68
C GLU A 130 6.86 26.01 28.17
N ILE A 131 7.56 25.05 27.56
CA ILE A 131 7.69 25.01 26.10
C ILE A 131 6.56 24.20 25.47
N TYR A 132 6.25 23.03 26.04
CA TYR A 132 5.20 22.18 25.48
C TYR A 132 3.83 22.82 25.60
N LYS A 133 3.64 23.74 26.55
CA LYS A 133 2.35 24.41 26.68
C LYS A 133 2.08 25.31 25.48
N GLY A 134 3.01 26.20 25.16
CA GLY A 134 2.87 27.08 24.01
C GLY A 134 3.48 26.52 22.75
N LEU A 135 3.47 25.19 22.62
CA LEU A 135 4.06 24.51 21.48
C LEU A 135 3.06 24.27 20.35
N PHE A 136 1.77 24.45 20.61
CA PHE A 136 0.73 24.16 19.61
C PHE A 136 -0.24 25.33 19.48
N LYS A 137 0.23 26.55 19.66
CA LYS A 137 -0.60 27.74 19.46
C LYS A 137 0.31 28.90 19.11
N ALA A 138 -0.18 30.13 19.30
CA ALA A 138 0.49 31.33 18.80
C ALA A 138 1.85 31.57 19.44
N GLU A 139 2.22 30.85 20.51
CA GLU A 139 3.50 31.09 21.16
C GLU A 139 4.69 30.62 20.33
N LEU A 140 4.46 29.84 19.27
CA LEU A 140 5.54 29.52 18.36
C LEU A 140 6.10 30.77 17.68
N PHE A 141 5.21 31.72 17.37
CA PHE A 141 5.57 32.91 16.62
C PHE A 141 6.16 34.02 17.49
N ASN A 142 6.01 33.93 18.81
CA ASN A 142 6.59 34.92 19.71
C ASN A 142 8.11 34.94 19.63
N GLY A 143 8.73 33.89 19.10
CA GLY A 143 10.13 33.66 19.33
C GLY A 143 10.46 33.24 20.75
N LYS A 144 9.46 33.16 21.63
CA LYS A 144 9.71 32.76 23.01
C LYS A 144 10.22 31.32 23.07
N VAL A 145 9.53 30.39 22.41
CA VAL A 145 9.98 29.01 22.39
C VAL A 145 11.37 28.91 21.76
N LEU A 146 11.60 29.66 20.69
CA LEU A 146 12.94 29.75 20.12
C LEU A 146 13.90 30.50 21.04
N LYS A 147 13.39 31.37 21.90
CA LYS A 147 14.25 32.01 22.89
C LYS A 147 14.69 31.02 23.96
N GLN A 148 13.85 30.03 24.29
CA GLN A 148 14.29 28.97 25.20
C GLN A 148 15.36 28.10 24.55
N LEU A 149 15.35 28.02 23.23
CA LEU A 149 16.31 27.19 22.50
C LEU A 149 17.51 28.01 22.05
N THR A 153 17.82 32.38 16.83
CA THR A 153 17.60 33.78 16.45
C THR A 153 17.00 33.87 15.05
N THR A 154 15.94 34.65 14.93
CA THR A 154 15.23 34.83 13.68
C THR A 154 15.99 35.78 12.75
N THR A 155 15.92 35.50 11.45
CA THR A 155 16.47 36.37 10.41
C THR A 155 15.36 37.25 9.85
N GLU A 156 15.75 38.33 9.18
CA GLU A 156 14.79 39.34 8.75
C GLU A 156 13.74 38.77 7.81
N HIS A 157 14.15 37.93 6.86
CA HIS A 157 13.17 37.32 5.96
C HIS A 157 12.24 36.36 6.70
N GLU A 158 12.78 35.63 7.68
CA GLU A 158 11.93 34.79 8.52
C GLU A 158 10.98 35.64 9.36
N ASN A 159 11.48 36.74 9.92
CA ASN A 159 10.60 37.66 10.64
C ASN A 159 9.53 38.23 9.73
N ALA A 160 9.89 38.55 8.48
CA ALA A 160 8.89 39.01 7.52
C ALA A 160 7.89 37.90 7.17
N LEU A 161 8.31 36.64 7.24
CA LEU A 161 7.40 35.53 7.00
C LEU A 161 6.47 35.29 8.18
N LEU A 162 6.93 35.52 9.41
CA LEU A 162 6.07 35.36 10.58
C LEU A 162 4.96 36.40 10.58
N ARG A 163 5.28 37.65 10.27
CA ARG A 163 4.29 38.72 10.26
C ARG A 163 3.29 38.59 9.13
N SER A 164 3.56 37.76 8.12
CA SER A 164 2.59 37.54 7.06
C SER A 164 1.33 36.86 7.57
N PHE A 165 1.39 36.27 8.77
CA PHE A 165 0.24 35.64 9.42
C PHE A 165 -0.12 36.37 10.71
N ASP A 166 0.05 37.70 10.71
CA ASP A 166 -0.44 38.51 11.83
C ASP A 166 -1.96 38.55 11.78
N LYS A 167 -2.59 38.32 12.95
CA LYS A 167 -4.05 38.20 13.06
C LYS A 167 -4.58 37.13 12.11
N PHE A 168 -3.80 36.06 11.91
CA PHE A 168 -4.24 34.99 11.00
C PHE A 168 -3.59 33.65 11.34
N THR A 169 -3.14 33.42 12.57
CA THR A 169 -2.47 32.18 12.92
C THR A 169 -3.43 30.99 12.95
N THR A 170 -4.73 31.22 12.82
CA THR A 170 -5.68 30.11 12.68
C THR A 170 -5.50 29.36 11.36
N TYR A 171 -4.72 29.90 10.43
CA TYR A 171 -4.38 29.17 9.21
C TYR A 171 -3.60 27.90 9.51
N PHE A 172 -2.91 27.85 10.65
CA PHE A 172 -2.20 26.65 11.10
C PHE A 172 -3.05 25.79 12.02
N SER A 173 -4.37 25.86 11.90
CA SER A 173 -5.24 25.10 12.81
C SER A 173 -5.05 23.60 12.63
N GLY A 174 -5.23 23.11 11.40
CA GLY A 174 -5.01 21.70 11.14
C GLY A 174 -3.56 21.28 11.30
N PHE A 175 -2.63 22.19 11.01
CA PHE A 175 -1.21 21.91 11.22
C PHE A 175 -0.89 21.69 12.70
N TYR A 176 -1.58 22.41 13.59
CA TYR A 176 -1.39 22.19 15.02
C TYR A 176 -1.75 20.76 15.41
N GLU A 177 -2.81 20.22 14.80
CA GLU A 177 -3.19 18.84 15.09
C GLU A 177 -2.16 17.84 14.57
N ASN A 178 -1.59 18.13 13.39
CA ASN A 178 -0.58 17.24 12.83
C ASN A 178 0.67 17.20 13.70
N ARG A 179 0.96 18.29 14.41
CA ARG A 179 2.13 18.30 15.29
C ARG A 179 1.82 17.70 16.65
N LYS A 180 0.55 17.74 17.09
CA LYS A 180 0.18 16.98 18.27
C LYS A 180 0.27 15.48 18.01
N ASN A 181 0.01 15.06 16.77
CA ASN A 181 0.17 13.66 16.41
C ASN A 181 1.62 13.20 16.46
N VAL A 182 2.57 14.14 16.46
CA VAL A 182 3.98 13.77 16.50
C VAL A 182 4.42 13.50 17.94
N PHE A 183 3.96 14.30 18.88
CA PHE A 183 4.35 14.17 20.28
C PHE A 183 3.35 13.38 21.11
N SER A 184 2.27 12.90 20.51
CA SER A 184 1.24 12.18 21.26
C SER A 184 1.80 10.90 21.86
N ALA A 185 1.24 10.51 22.99
CA ALA A 185 1.58 9.25 23.65
C ALA A 185 0.64 8.12 23.26
N GLU A 186 -0.39 8.40 22.46
CA GLU A 186 -1.33 7.38 22.06
C GLU A 186 -0.67 6.39 21.10
N ASP A 187 -1.36 5.28 20.86
CA ASP A 187 -0.87 4.22 19.98
C ASP A 187 -1.19 4.57 18.53
N ILE A 188 -0.56 5.65 18.07
CA ILE A 188 -0.73 6.14 16.71
C ILE A 188 0.64 6.17 16.04
N SER A 189 0.69 5.75 14.77
CA SER A 189 1.96 5.59 14.07
C SER A 189 2.60 6.92 13.67
N THR A 190 1.87 8.04 13.79
CA THR A 190 2.44 9.34 13.49
C THR A 190 3.35 9.86 14.59
N ALA A 191 3.41 9.20 15.74
CA ALA A 191 4.02 9.74 16.94
C ALA A 191 5.44 9.24 17.13
N ILE A 192 6.21 10.02 17.89
CA ILE A 192 7.59 9.70 18.23
C ILE A 192 7.64 8.58 19.27
N PRO A 193 6.85 8.61 20.36
CA PRO A 193 6.88 7.48 21.30
C PRO A 193 6.53 6.15 20.66
N HIS A 194 5.55 6.13 19.75
CA HIS A 194 5.18 4.90 19.07
C HIS A 194 6.32 4.39 18.19
N ARG A 195 6.99 5.30 17.47
CA ARG A 195 8.12 4.90 16.63
C ARG A 195 9.24 4.29 17.47
N ILE A 196 9.43 4.77 18.69
CA ILE A 196 10.52 4.26 19.52
C ILE A 196 10.14 2.92 20.13
N VAL A 197 8.92 2.81 20.66
CA VAL A 197 8.55 1.63 21.43
C VAL A 197 8.12 0.48 20.54
N GLN A 198 7.30 0.75 19.52
CA GLN A 198 6.65 -0.31 18.78
C GLN A 198 7.19 -0.53 17.37
N ASP A 199 8.10 0.33 16.90
CA ASP A 199 8.68 0.18 15.57
C ASP A 199 10.16 -0.18 15.62
N ASN A 200 10.99 0.65 16.27
CA ASN A 200 12.43 0.46 16.19
C ASN A 200 12.93 -0.55 17.21
N PHE A 201 12.37 -0.56 18.42
CA PHE A 201 12.88 -1.48 19.44
C PHE A 201 12.67 -2.95 19.07
N PRO A 202 11.50 -3.38 18.60
CA PRO A 202 11.41 -4.77 18.12
C PRO A 202 12.39 -5.09 17.01
N LYS A 203 12.75 -4.10 16.18
CA LYS A 203 13.82 -4.30 15.21
C LYS A 203 15.17 -4.39 15.89
N PHE A 204 15.44 -3.49 16.83
CA PHE A 204 16.72 -3.53 17.56
C PHE A 204 16.81 -4.77 18.43
N LYS A 205 15.71 -5.15 19.08
CA LYS A 205 15.70 -6.36 19.90
C LYS A 205 15.98 -7.60 19.05
N GLU A 206 15.41 -7.64 17.85
CA GLU A 206 15.70 -8.75 16.94
C GLU A 206 17.14 -8.73 16.47
N ASN A 207 17.72 -7.54 16.28
CA ASN A 207 19.12 -7.45 15.86
C ASN A 207 20.06 -8.06 16.90
N CYS A 208 19.76 -7.84 18.18
CA CYS A 208 20.59 -8.43 19.23
C CYS A 208 20.51 -9.95 19.23
N HIS A 209 19.34 -10.50 18.90
CA HIS A 209 19.20 -11.95 18.87
C HIS A 209 19.89 -12.55 17.65
N ILE A 210 19.81 -11.88 16.51
CA ILE A 210 20.53 -12.33 15.32
C ILE A 210 22.04 -12.29 15.55
N PHE A 211 22.49 -11.28 16.30
CA PHE A 211 23.93 -11.12 16.55
C PHE A 211 24.47 -12.27 17.37
N THR A 212 23.87 -12.54 18.53
CA THR A 212 24.41 -13.55 19.44
C THR A 212 24.31 -14.95 18.85
N ARG A 213 23.31 -15.22 18.01
CA ARG A 213 23.22 -16.54 17.38
C ARG A 213 24.35 -16.76 16.39
N LEU A 214 24.72 -15.72 15.62
CA LEU A 214 25.82 -15.86 14.68
C LEU A 214 27.16 -15.97 15.41
N ILE A 215 27.36 -15.17 16.46
CA ILE A 215 28.64 -15.17 17.17
C ILE A 215 28.84 -16.50 17.90
N THR A 216 27.77 -17.10 18.40
CA THR A 216 27.90 -18.38 19.09
C THR A 216 28.26 -19.50 18.12
N ALA A 217 27.60 -19.53 16.96
CA ALA A 217 27.89 -20.56 15.97
C ALA A 217 29.22 -20.31 15.27
N VAL A 218 29.46 -19.08 14.83
CA VAL A 218 30.71 -18.73 14.16
C VAL A 218 31.41 -17.65 14.96
N PRO A 219 32.24 -18.02 15.94
CA PRO A 219 32.89 -16.99 16.79
C PRO A 219 33.83 -16.08 16.02
N SER A 220 34.40 -16.54 14.90
CA SER A 220 35.27 -15.68 14.10
C SER A 220 34.53 -14.47 13.55
N LEU A 221 33.20 -14.54 13.45
CA LEU A 221 32.41 -13.41 12.97
C LEU A 221 32.38 -12.26 13.96
N ARG A 222 32.75 -12.50 15.22
CA ARG A 222 32.75 -11.44 16.22
C ARG A 222 33.84 -10.41 15.91
N GLU A 223 35.09 -10.88 15.79
CA GLU A 223 36.19 -9.99 15.46
C GLU A 223 35.99 -9.36 14.08
N HIS A 224 35.29 -10.06 13.18
CA HIS A 224 35.05 -9.53 11.85
C HIS A 224 34.05 -8.38 11.90
N PHE A 225 32.99 -8.51 12.70
CA PHE A 225 32.06 -7.40 12.87
C PHE A 225 32.73 -6.22 13.56
N GLU A 226 33.61 -6.50 14.52
CA GLU A 226 34.32 -5.43 15.23
C GLU A 226 35.22 -4.64 14.27
N ASN A 227 35.84 -5.33 13.31
CA ASN A 227 36.70 -4.64 12.36
C ASN A 227 35.91 -3.71 11.45
N VAL A 228 34.69 -4.12 11.08
CA VAL A 228 33.85 -3.28 10.24
C VAL A 228 33.46 -2.01 10.98
N LYS A 229 33.18 -2.12 12.28
CA LYS A 229 32.81 -0.95 13.06
C LYS A 229 34.00 -0.01 13.23
N LYS A 230 35.19 -0.56 13.45
CA LYS A 230 36.37 0.27 13.62
C LYS A 230 36.83 0.89 12.30
N ALA A 231 36.64 0.18 11.18
CA ALA A 231 37.08 0.69 9.89
C ALA A 231 36.23 1.85 9.39
N ILE A 232 35.01 2.01 9.91
CA ILE A 232 34.16 3.11 9.49
C ILE A 232 34.33 4.32 10.40
N GLY A 233 34.39 4.11 11.71
CA GLY A 233 34.53 5.19 12.67
C GLY A 233 33.30 5.49 13.49
N ILE A 234 32.26 4.67 13.38
CA ILE A 234 31.01 4.88 14.11
C ILE A 234 31.12 4.21 15.46
N PHE A 235 30.61 4.87 16.50
CA PHE A 235 30.52 4.33 17.86
C PHE A 235 31.92 3.91 18.35
N VAL A 236 32.82 4.89 18.41
CA VAL A 236 34.19 4.60 18.81
C VAL A 236 34.27 4.23 20.28
N SER A 237 33.35 4.75 21.11
CA SER A 237 33.35 4.48 22.54
C SER A 237 32.51 3.28 22.91
N THR A 238 32.06 2.49 21.93
CA THR A 238 31.16 1.38 22.17
C THR A 238 31.64 0.16 21.39
N SER A 239 31.79 -0.97 22.07
CA SER A 239 32.21 -2.20 21.41
C SER A 239 31.05 -2.77 20.59
N ILE A 240 31.35 -3.84 19.84
CA ILE A 240 30.34 -4.41 18.96
C ILE A 240 29.31 -5.21 19.76
N GLU A 241 29.71 -5.76 20.91
CA GLU A 241 28.74 -6.49 21.73
C GLU A 241 27.78 -5.54 22.42
N GLU A 242 28.22 -4.33 22.76
CA GLU A 242 27.37 -3.39 23.47
C GLU A 242 26.33 -2.76 22.56
N VAL A 243 26.68 -2.49 21.30
CA VAL A 243 25.68 -1.96 20.36
C VAL A 243 24.60 -2.98 20.07
N PHE A 244 24.84 -4.26 20.39
CA PHE A 244 23.82 -5.29 20.33
C PHE A 244 23.36 -5.71 21.72
N SER A 245 23.40 -4.78 22.67
CA SER A 245 22.83 -4.97 23.99
C SER A 245 21.77 -3.89 24.23
N PHE A 246 20.82 -4.21 25.12
CA PHE A 246 19.68 -3.32 25.33
C PHE A 246 20.06 -1.91 25.77
N PRO A 247 21.01 -1.69 26.70
CA PRO A 247 21.27 -0.31 27.14
C PRO A 247 21.68 0.64 26.02
N PHE A 248 22.22 0.13 24.90
CA PHE A 248 22.65 1.01 23.83
C PHE A 248 21.47 1.60 23.05
N TYR A 249 20.30 0.98 23.13
CA TYR A 249 19.14 1.49 22.39
C TYR A 249 18.71 2.86 22.88
N ASN A 250 19.06 3.23 24.12
CA ASN A 250 18.78 4.58 24.59
C ASN A 250 19.52 5.63 23.77
N GLN A 251 20.67 5.27 23.20
CA GLN A 251 21.42 6.14 22.32
C GLN A 251 21.11 5.90 20.85
N LEU A 252 19.94 5.33 20.54
CA LEU A 252 19.46 5.12 19.19
C LEU A 252 18.08 5.72 19.02
N LEU A 253 17.84 6.86 19.66
CA LEU A 253 16.54 7.51 19.64
C LEU A 253 16.52 8.79 18.83
N THR A 254 17.67 9.23 18.31
CA THR A 254 17.75 10.42 17.47
C THR A 254 18.17 10.02 16.06
N GLN A 255 17.83 10.87 15.10
CA GLN A 255 18.04 10.53 13.69
C GLN A 255 19.53 10.37 13.38
N THR A 256 20.37 11.25 13.92
CA THR A 256 21.81 11.14 13.66
C THR A 256 22.36 9.82 14.16
N GLN A 257 21.86 9.35 15.31
CA GLN A 257 22.29 8.05 15.83
C GLN A 257 21.63 6.91 15.04
N ILE A 258 20.38 7.08 14.63
CA ILE A 258 19.73 6.06 13.81
C ILE A 258 20.41 5.96 12.45
N ASP A 259 20.81 7.10 11.88
CA ASP A 259 21.51 7.07 10.60
C ASP A 259 22.86 6.38 10.73
N LEU A 260 23.62 6.68 11.79
CA LEU A 260 24.90 6.02 12.00
C LEU A 260 24.71 4.52 12.22
N TYR A 261 23.66 4.14 12.94
CA TYR A 261 23.37 2.73 13.14
C TYR A 261 23.02 2.04 11.83
N ASN A 262 22.20 2.69 11.00
CA ASN A 262 21.85 2.10 9.71
C ASN A 262 23.04 2.04 8.77
N GLN A 263 23.97 2.99 8.87
CA GLN A 263 25.14 2.97 8.00
C GLN A 263 26.18 1.95 8.45
N LEU A 264 26.19 1.60 9.75
CA LEU A 264 26.97 0.46 10.18
C LEU A 264 26.46 -0.83 9.55
N LEU A 265 25.15 -0.92 9.33
CA LEU A 265 24.56 -2.09 8.69
C LEU A 265 24.67 -2.03 7.17
N GLY A 266 24.59 -0.84 6.60
CA GLY A 266 24.50 -0.70 5.16
C GLY A 266 25.77 -0.25 4.47
N GLY A 267 26.71 0.33 5.23
CA GLY A 267 27.95 0.79 4.67
C GLY A 267 27.85 2.18 4.08
N ILE A 268 28.96 2.65 3.52
CA ILE A 268 29.09 4.00 2.99
C ILE A 268 29.62 3.93 1.57
N SER A 269 29.00 4.68 0.67
CA SER A 269 29.45 4.80 -0.71
C SER A 269 30.13 6.14 -0.93
N ARG A 270 31.27 6.11 -1.61
CA ARG A 270 31.88 7.35 -2.10
C ARG A 270 31.21 7.74 -3.41
N GLU A 271 31.86 8.56 -4.22
CA GLU A 271 31.26 8.88 -5.51
C GLU A 271 31.26 7.66 -6.41
N ALA A 272 30.42 7.72 -7.44
CA ALA A 272 30.22 6.56 -8.32
C ALA A 272 31.52 6.15 -9.00
N GLY A 273 31.66 4.84 -9.20
CA GLY A 273 32.83 4.29 -9.85
C GLY A 273 33.96 3.87 -8.93
N THR A 274 33.82 4.07 -7.62
CA THR A 274 34.86 3.76 -6.66
C THR A 274 34.36 2.72 -5.66
N GLU A 275 35.31 2.02 -5.05
CA GLU A 275 34.97 0.95 -4.12
C GLU A 275 34.16 1.48 -2.94
N LYS A 276 33.18 0.69 -2.51
CA LYS A 276 32.25 1.07 -1.45
C LYS A 276 32.67 0.47 -0.12
N ILE A 277 32.46 1.23 0.95
CA ILE A 277 32.70 0.73 2.30
C ILE A 277 31.60 -0.26 2.66
N LYS A 278 31.99 -1.49 2.98
CA LYS A 278 31.03 -2.54 3.26
C LYS A 278 30.45 -2.40 4.67
N GLY A 279 29.20 -2.84 4.81
CA GLY A 279 28.55 -2.88 6.10
C GLY A 279 28.45 -4.30 6.64
N LEU A 280 27.71 -4.44 7.74
CA LEU A 280 27.58 -5.75 8.38
C LEU A 280 26.80 -6.72 7.50
N ASN A 281 25.75 -6.24 6.82
CA ASN A 281 24.96 -7.13 5.98
C ASN A 281 25.73 -7.57 4.74
N GLU A 282 26.59 -6.70 4.21
CA GLU A 282 27.37 -7.08 3.03
C GLU A 282 28.47 -8.07 3.39
N VAL A 283 29.06 -7.93 4.58
CA VAL A 283 30.04 -8.90 5.04
C VAL A 283 29.40 -10.28 5.18
N LEU A 284 28.21 -10.33 5.76
CA LEU A 284 27.49 -11.61 5.89
C LEU A 284 27.13 -12.17 4.52
N ASN A 285 26.74 -11.29 3.59
CA ASN A 285 26.37 -11.75 2.25
C ASN A 285 27.57 -12.32 1.51
N LEU A 286 28.74 -11.71 1.68
CA LEU A 286 29.95 -12.23 1.04
C LEU A 286 30.40 -13.53 1.70
N ALA A 287 30.25 -13.65 3.01
CA ALA A 287 30.62 -14.88 3.71
C ALA A 287 29.75 -16.05 3.26
N ILE A 288 28.48 -15.77 2.92
CA ILE A 288 27.60 -16.84 2.44
C ILE A 288 27.97 -17.23 1.02
N GLN A 289 28.36 -16.26 0.20
CA GLN A 289 28.67 -16.54 -1.20
C GLN A 289 30.00 -17.25 -1.39
N LYS A 290 30.79 -17.42 -0.33
CA LYS A 290 31.99 -18.25 -0.44
C LYS A 290 31.62 -19.71 -0.70
N ASN A 291 30.43 -20.13 -0.27
CA ASN A 291 29.91 -21.48 -0.52
C ASN A 291 30.81 -22.56 0.05
N ASP A 292 31.47 -22.27 1.17
CA ASP A 292 32.24 -23.28 1.89
C ASP A 292 31.39 -23.87 3.00
N GLU A 293 32.03 -24.62 3.90
CA GLU A 293 31.28 -25.22 5.01
C GLU A 293 30.75 -24.17 5.97
N THR A 294 31.53 -23.11 6.22
CA THR A 294 31.07 -22.03 7.07
C THR A 294 29.88 -21.31 6.45
N ALA A 295 29.90 -21.12 5.13
CA ALA A 295 28.83 -20.39 4.46
C ALA A 295 27.48 -21.07 4.66
N HIS A 296 27.46 -22.40 4.64
CA HIS A 296 26.20 -23.12 4.84
C HIS A 296 25.68 -22.97 6.26
N ILE A 297 26.58 -22.78 7.24
CA ILE A 297 26.14 -22.59 8.61
C ILE A 297 25.58 -21.19 8.81
N ILE A 298 26.25 -20.18 8.27
CA ILE A 298 25.73 -18.81 8.35
C ILE A 298 24.41 -18.69 7.59
N ALA A 299 24.30 -19.40 6.47
CA ALA A 299 23.06 -19.32 5.68
C ALA A 299 21.88 -19.95 6.41
N SER A 300 22.15 -20.89 7.32
CA SER A 300 21.06 -21.55 8.04
C SER A 300 20.44 -20.62 9.08
N LEU A 301 21.26 -19.78 9.71
CA LEU A 301 20.80 -18.83 10.72
C LEU A 301 20.31 -17.55 10.06
N PRO A 302 19.55 -16.73 10.80
CA PRO A 302 19.26 -15.37 10.30
C PRO A 302 20.55 -14.59 10.10
N HIS A 303 20.68 -13.97 8.94
CA HIS A 303 21.94 -13.39 8.51
C HIS A 303 21.74 -12.04 7.83
N ARG A 304 20.80 -11.24 8.33
CA ARG A 304 20.59 -9.90 7.80
C ARG A 304 20.01 -9.05 8.91
N PHE A 305 20.77 -8.06 9.37
CA PHE A 305 20.29 -7.17 10.42
C PHE A 305 19.29 -6.18 9.85
N ILE A 306 18.30 -5.83 10.68
CA ILE A 306 17.19 -4.98 10.25
C ILE A 306 17.56 -3.51 10.49
N PRO A 307 17.46 -2.65 9.48
CA PRO A 307 17.72 -1.22 9.71
C PRO A 307 16.54 -0.57 10.41
N LEU A 308 16.85 0.39 11.29
CA LEU A 308 15.83 1.08 12.06
C LEU A 308 15.12 2.11 11.20
N PHE A 309 13.86 2.37 11.55
CA PHE A 309 13.11 3.43 10.91
C PHE A 309 13.60 4.80 11.39
N LYS A 310 13.38 5.81 10.56
CA LYS A 310 13.79 7.16 10.90
C LYS A 310 12.91 7.72 12.01
N GLN A 311 13.39 8.78 12.65
CA GLN A 311 12.59 9.50 13.62
C GLN A 311 11.60 10.42 12.89
N ILE A 312 10.50 10.72 13.59
CA ILE A 312 9.45 11.55 13.00
C ILE A 312 9.96 12.97 12.82
N LEU A 313 9.65 13.55 11.65
CA LEU A 313 9.96 14.94 11.32
C LEU A 313 11.45 15.20 11.16
N SER A 314 12.29 14.21 11.49
CA SER A 314 13.73 14.41 11.46
C SER A 314 14.26 14.39 10.03
N ASP A 315 15.43 14.99 9.85
CA ASP A 315 16.09 15.06 8.55
C ASP A 315 17.13 13.95 8.45
N ARG A 316 17.04 13.15 7.39
CA ARG A 316 17.95 12.02 7.24
C ARG A 316 19.35 12.52 6.87
N ASN A 317 20.35 12.00 7.59
CA ASN A 317 21.75 12.29 7.32
C ASN A 317 22.44 11.05 6.77
N THR A 318 23.46 11.27 5.94
CA THR A 318 24.20 10.16 5.37
C THR A 318 25.66 10.58 5.17
N LEU A 319 26.56 9.63 5.39
CA LEU A 319 27.98 9.84 5.16
C LEU A 319 28.40 9.53 3.74
N SER A 320 27.46 9.14 2.88
CA SER A 320 27.78 8.80 1.51
C SER A 320 27.85 10.07 0.64
N PHE A 321 28.38 9.90 -0.57
CA PHE A 321 28.57 11.02 -1.48
C PHE A 321 27.27 11.40 -2.16
N ILE A 322 26.97 12.69 -2.19
CA ILE A 322 25.80 13.24 -2.87
C ILE A 322 26.30 14.07 -4.04
N LEU A 323 25.84 13.74 -5.25
CA LEU A 323 26.29 14.43 -6.44
C LEU A 323 25.81 15.88 -6.45
N GLU A 324 26.58 16.73 -7.13
CA GLU A 324 26.17 18.11 -7.31
C GLU A 324 24.99 18.17 -8.28
N GLU A 325 23.94 18.88 -7.89
CA GLU A 325 22.71 18.94 -8.66
C GLU A 325 22.77 20.07 -9.69
N PHE A 326 22.51 19.72 -10.95
CA PHE A 326 22.36 20.75 -11.98
C PHE A 326 21.14 21.60 -11.69
N LYS A 327 21.28 22.91 -11.85
CA LYS A 327 20.31 23.86 -11.33
C LYS A 327 19.38 24.45 -12.37
N SER A 328 19.69 24.32 -13.67
CA SER A 328 18.84 24.92 -14.69
C SER A 328 18.82 24.02 -15.92
N ASP A 329 18.01 24.43 -16.90
CA ASP A 329 17.85 23.65 -18.12
C ASP A 329 19.05 23.79 -19.05
N GLU A 330 19.51 25.02 -19.26
CA GLU A 330 20.66 25.27 -20.12
C GLU A 330 21.99 24.93 -19.46
N GLU A 331 22.01 24.73 -18.14
CA GLU A 331 23.25 24.40 -17.47
C GLU A 331 23.75 23.02 -17.89
N VAL A 332 22.84 22.08 -18.14
CA VAL A 332 23.26 20.76 -18.58
C VAL A 332 23.71 20.80 -20.03
N ILE A 333 23.20 21.75 -20.81
CA ILE A 333 23.59 21.84 -22.21
C ILE A 333 24.91 22.59 -22.35
N GLN A 334 25.09 23.68 -21.61
CA GLN A 334 26.32 24.45 -21.70
C GLN A 334 27.50 23.68 -21.11
N SER A 335 27.27 22.95 -20.02
CA SER A 335 28.36 22.21 -19.37
C SER A 335 28.74 20.97 -20.18
N PHE A 336 27.74 20.22 -20.66
CA PHE A 336 28.03 19.03 -21.45
C PHE A 336 28.69 19.40 -22.77
N CYS A 337 28.14 20.38 -23.48
CA CYS A 337 28.74 20.82 -24.73
C CYS A 337 30.14 21.36 -24.52
N LYS A 338 30.42 21.93 -23.34
CA LYS A 338 31.78 22.36 -23.03
C LYS A 338 32.69 21.15 -22.82
N TYR A 339 32.21 20.14 -22.09
CA TYR A 339 32.96 18.90 -21.96
C TYR A 339 32.95 18.12 -23.26
N LYS A 340 31.88 18.22 -24.04
CA LYS A 340 31.80 17.51 -25.31
C LYS A 340 32.80 18.09 -26.31
N THR A 341 32.86 19.42 -26.42
CA THR A 341 33.82 20.04 -27.31
C THR A 341 35.26 19.87 -26.84
N LEU A 342 35.46 19.54 -25.57
CA LEU A 342 36.79 19.24 -25.07
C LEU A 342 37.29 17.88 -25.54
N LEU A 343 36.37 16.94 -25.81
CA LEU A 343 36.76 15.63 -26.30
C LEU A 343 37.26 15.67 -27.73
N ARG A 344 36.84 16.66 -28.52
CA ARG A 344 37.36 16.80 -29.87
C ARG A 344 38.79 17.32 -29.88
N ASN A 345 39.07 18.34 -29.04
CA ASN A 345 40.40 18.93 -29.03
C ASN A 345 41.44 17.94 -28.51
N GLU A 346 41.10 17.16 -27.49
CA GLU A 346 42.00 16.12 -27.01
C GLU A 346 42.09 14.94 -27.96
N ASN A 347 41.14 14.82 -28.90
CA ASN A 347 41.10 13.74 -29.87
C ASN A 347 41.12 12.38 -29.17
N VAL A 348 40.27 12.25 -28.15
CA VAL A 348 40.23 11.01 -27.38
C VAL A 348 39.60 9.88 -28.21
N LEU A 349 38.72 10.22 -29.14
CA LEU A 349 38.17 9.19 -30.04
C LEU A 349 39.26 8.64 -30.95
N GLU A 350 40.05 9.53 -31.56
CA GLU A 350 41.12 9.08 -32.43
C GLU A 350 42.18 8.29 -31.67
N THR A 351 42.45 8.69 -30.43
CA THR A 351 43.38 7.93 -29.59
C THR A 351 42.81 6.57 -29.22
N ALA A 352 41.51 6.52 -28.91
CA ALA A 352 40.87 5.25 -28.58
C ALA A 352 40.76 4.34 -29.79
N GLU A 353 40.38 4.90 -30.94
CA GLU A 353 40.29 4.10 -32.16
C GLU A 353 41.66 3.57 -32.57
N ALA A 354 42.73 4.29 -32.23
CA ALA A 354 44.08 3.82 -32.54
C ALA A 354 44.55 2.73 -31.58
N LEU A 355 44.11 2.78 -30.31
CA LEU A 355 44.50 1.76 -29.36
C LEU A 355 43.88 0.41 -29.71
N PHE A 356 42.57 0.39 -29.98
CA PHE A 356 41.92 -0.86 -30.34
C PHE A 356 42.38 -1.39 -31.69
N ASN A 357 42.90 -0.53 -32.56
CA ASN A 357 43.51 -0.99 -33.80
C ASN A 357 44.89 -1.57 -33.57
N GLU A 358 45.57 -1.17 -32.50
CA GLU A 358 46.86 -1.78 -32.16
C GLU A 358 46.71 -3.25 -31.81
N LEU A 359 45.55 -3.65 -31.28
CA LEU A 359 45.35 -5.01 -30.82
C LEU A 359 45.41 -6.04 -31.94
N ASN A 360 45.43 -5.61 -33.20
CA ASN A 360 45.51 -6.54 -34.33
C ASN A 360 46.93 -7.01 -34.61
N SER A 361 47.94 -6.32 -34.09
CA SER A 361 49.32 -6.65 -34.39
C SER A 361 50.24 -6.74 -33.17
N ILE A 362 49.90 -6.10 -32.05
CA ILE A 362 50.78 -6.11 -30.88
C ILE A 362 50.63 -7.43 -30.14
N ASP A 363 51.52 -7.65 -29.17
CA ASP A 363 51.52 -8.89 -28.38
C ASP A 363 50.34 -8.86 -27.42
N LEU A 364 49.38 -9.77 -27.61
CA LEU A 364 48.17 -9.80 -26.82
C LEU A 364 48.31 -10.60 -25.52
N THR A 365 49.48 -11.21 -25.27
CA THR A 365 49.70 -11.89 -24.01
C THR A 365 49.94 -10.94 -22.85
N HIS A 366 50.06 -9.63 -23.13
CA HIS A 366 50.25 -8.62 -22.09
C HIS A 366 49.10 -7.62 -22.04
N ILE A 367 48.03 -7.85 -22.79
CA ILE A 367 46.80 -7.07 -22.69
C ILE A 367 45.82 -7.88 -21.86
N PHE A 368 45.51 -7.40 -20.65
CA PHE A 368 44.76 -8.17 -19.68
C PHE A 368 43.33 -7.66 -19.55
N ILE A 369 42.40 -8.61 -19.41
CA ILE A 369 41.00 -8.32 -19.17
C ILE A 369 40.70 -8.52 -17.69
N SER A 370 39.96 -7.59 -17.11
CA SER A 370 39.64 -7.67 -15.69
C SER A 370 38.66 -8.81 -15.42
N HIS A 371 38.88 -9.54 -14.33
CA HIS A 371 37.99 -10.62 -13.97
C HIS A 371 36.62 -10.11 -13.56
N LYS A 372 36.54 -8.88 -13.04
CA LYS A 372 35.26 -8.28 -12.69
C LYS A 372 34.40 -7.98 -13.91
N LYS A 373 34.98 -8.01 -15.12
CA LYS A 373 34.25 -7.71 -16.34
C LYS A 373 34.17 -8.90 -17.30
N LEU A 374 34.81 -10.02 -16.97
CA LEU A 374 34.88 -11.13 -17.92
C LEU A 374 33.49 -11.70 -18.22
N GLU A 375 32.65 -11.82 -17.19
CA GLU A 375 31.31 -12.36 -17.41
C GLU A 375 30.44 -11.38 -18.19
N THR A 376 30.63 -10.08 -17.95
CA THR A 376 29.89 -9.09 -18.73
C THR A 376 30.29 -9.11 -20.19
N ILE A 377 31.60 -9.26 -20.46
CA ILE A 377 32.07 -9.34 -21.84
C ILE A 377 31.56 -10.61 -22.51
N SER A 378 31.51 -11.72 -21.78
CA SER A 378 31.02 -12.97 -22.34
C SER A 378 29.56 -12.83 -22.78
N SER A 379 28.75 -12.15 -21.98
CA SER A 379 27.34 -11.97 -22.33
C SER A 379 27.14 -10.99 -23.47
N ALA A 380 28.08 -10.07 -23.68
CA ALA A 380 27.95 -9.07 -24.73
C ALA A 380 28.50 -9.53 -26.06
N LEU A 381 29.42 -10.50 -26.07
CA LEU A 381 30.05 -10.96 -27.29
C LEU A 381 29.73 -12.41 -27.64
N CYS A 382 29.18 -13.19 -26.72
CA CYS A 382 28.95 -14.61 -26.97
C CYS A 382 27.51 -15.00 -26.66
N ASP A 383 27.24 -16.31 -26.66
CA ASP A 383 25.88 -16.79 -26.42
C ASP A 383 25.43 -16.45 -25.00
N HIS A 384 26.24 -16.81 -24.00
CA HIS A 384 25.88 -16.59 -22.61
C HIS A 384 27.09 -16.04 -21.86
N TRP A 385 26.85 -15.68 -20.60
CA TRP A 385 27.92 -15.30 -19.69
C TRP A 385 28.86 -16.46 -19.39
N ASP A 386 28.40 -17.69 -19.62
CA ASP A 386 29.17 -18.88 -19.26
C ASP A 386 30.31 -19.16 -20.23
N THR A 387 30.13 -18.83 -21.51
CA THR A 387 30.98 -19.41 -22.55
C THR A 387 32.45 -19.07 -22.35
N LEU A 388 32.76 -17.84 -21.97
CA LEU A 388 34.16 -17.44 -21.83
C LEU A 388 34.82 -18.15 -20.65
N ARG A 389 34.20 -18.06 -19.46
CA ARG A 389 34.77 -18.73 -18.29
C ARG A 389 34.89 -20.23 -18.53
N ASN A 390 33.94 -20.82 -19.24
CA ASN A 390 33.98 -22.25 -19.52
C ASN A 390 35.08 -22.58 -20.54
N ALA A 391 35.21 -21.75 -21.57
CA ALA A 391 36.24 -22.01 -22.58
C ALA A 391 37.64 -21.91 -21.98
N LEU A 392 37.87 -20.93 -21.12
CA LEU A 392 39.15 -20.84 -20.42
C LEU A 392 39.36 -22.02 -19.50
N TYR A 393 38.27 -22.51 -18.89
CA TYR A 393 38.38 -23.67 -18.00
C TYR A 393 38.83 -24.91 -18.76
N GLU A 394 38.24 -25.15 -19.93
CA GLU A 394 38.58 -26.35 -20.69
C GLU A 394 40.01 -26.30 -21.20
N ARG A 395 40.46 -25.13 -21.63
CA ARG A 395 41.83 -25.03 -22.16
C ARG A 395 42.87 -25.15 -21.06
N ARG A 396 42.54 -24.69 -19.84
CA ARG A 396 43.48 -24.82 -18.74
C ARG A 396 43.54 -26.25 -18.21
N ILE A 397 42.40 -26.93 -18.16
CA ILE A 397 42.40 -28.36 -17.86
C ILE A 397 43.16 -29.12 -18.93
N SER A 398 43.14 -28.61 -20.17
CA SER A 398 43.84 -29.24 -21.28
C SER A 398 45.36 -29.20 -21.10
N GLU A 399 45.88 -28.36 -20.21
CA GLU A 399 47.31 -28.20 -20.04
C GLU A 399 47.76 -28.48 -18.61
N LEU A 400 47.02 -29.33 -17.89
CA LEU A 400 47.47 -29.79 -16.60
C LEU A 400 48.43 -30.98 -16.75
N THR A 401 49.15 -31.28 -15.68
CA THR A 401 50.19 -32.29 -15.69
C THR A 401 49.73 -33.52 -14.91
N GLY A 402 49.93 -34.70 -15.49
CA GLY A 402 49.70 -35.95 -14.79
C GLY A 402 48.22 -36.26 -14.59
N LYS A 403 47.96 -37.09 -13.58
CA LYS A 403 46.61 -37.52 -13.25
C LYS A 403 45.77 -36.33 -12.80
N ILE A 404 44.91 -35.85 -13.70
CA ILE A 404 44.07 -34.69 -13.41
C ILE A 404 42.97 -35.08 -12.42
N THR A 405 43.22 -34.85 -11.14
CA THR A 405 42.23 -35.15 -10.12
C THR A 405 41.10 -34.13 -10.15
N LYS A 406 40.05 -34.40 -9.38
CA LYS A 406 38.99 -33.41 -9.23
C LYS A 406 39.43 -32.25 -8.36
N SER A 407 40.50 -32.42 -7.58
CA SER A 407 41.05 -31.30 -6.82
C SER A 407 41.75 -30.31 -7.75
N ALA A 408 42.45 -30.82 -8.77
CA ALA A 408 43.10 -29.94 -9.74
C ALA A 408 42.09 -29.16 -10.56
N LYS A 409 40.92 -29.74 -10.80
CA LYS A 409 39.89 -29.01 -11.54
C LYS A 409 39.30 -27.88 -10.71
N GLU A 410 39.09 -28.13 -9.42
CA GLU A 410 38.56 -27.08 -8.55
C GLU A 410 39.56 -25.95 -8.37
N LYS A 411 40.86 -26.25 -8.44
CA LYS A 411 41.86 -25.20 -8.38
C LYS A 411 41.82 -24.33 -9.63
N VAL A 412 41.56 -24.93 -10.79
CA VAL A 412 41.42 -24.15 -12.01
C VAL A 412 40.16 -23.29 -11.96
N GLN A 413 39.08 -23.82 -11.35
CA GLN A 413 37.85 -23.04 -11.22
C GLN A 413 38.08 -21.82 -10.34
N ARG A 414 38.66 -22.02 -9.16
CA ARG A 414 38.87 -20.90 -8.23
C ARG A 414 39.83 -19.88 -8.80
N SER A 415 40.79 -20.31 -9.63
CA SER A 415 41.74 -19.37 -10.22
C SER A 415 41.05 -18.43 -11.19
N LEU A 416 40.05 -18.91 -11.92
CA LEU A 416 39.35 -18.09 -12.90
C LEU A 416 38.43 -17.05 -12.27
N LYS A 417 38.14 -17.16 -10.97
CA LYS A 417 37.24 -16.20 -10.34
C LYS A 417 37.95 -14.89 -9.99
N HIS A 418 39.22 -14.95 -9.60
CA HIS A 418 39.93 -13.77 -9.11
C HIS A 418 41.34 -13.68 -9.71
N GLU A 419 41.41 -13.60 -11.04
CA GLU A 419 42.67 -13.29 -11.69
C GLU A 419 42.37 -12.69 -13.06
N ASP A 420 43.27 -11.83 -13.52
CA ASP A 420 43.09 -11.18 -14.82
C ASP A 420 43.63 -12.07 -15.92
N ILE A 421 42.82 -12.28 -16.95
CA ILE A 421 43.18 -13.12 -18.09
C ILE A 421 43.71 -12.23 -19.20
N ASN A 422 44.82 -12.64 -19.80
CA ASN A 422 45.35 -11.91 -20.94
C ASN A 422 44.50 -12.20 -22.17
N LEU A 423 44.48 -11.23 -23.09
CA LEU A 423 43.59 -11.32 -24.25
C LEU A 423 43.96 -12.49 -25.16
N GLN A 424 45.22 -12.90 -25.17
CA GLN A 424 45.63 -14.00 -26.04
C GLN A 424 45.04 -15.33 -25.57
N GLU A 425 45.06 -15.58 -24.25
CA GLU A 425 44.49 -16.82 -23.73
C GLU A 425 42.98 -16.88 -23.97
N ILE A 426 42.32 -15.73 -24.03
CA ILE A 426 40.89 -15.72 -24.34
C ILE A 426 40.65 -16.12 -25.79
N ILE A 427 41.44 -15.56 -26.71
CA ILE A 427 41.27 -15.86 -28.12
C ILE A 427 41.63 -17.31 -28.41
N SER A 428 42.71 -17.80 -27.80
CA SER A 428 43.13 -19.18 -28.02
C SER A 428 42.15 -20.19 -27.46
N ALA A 429 41.27 -19.77 -26.54
CA ALA A 429 40.32 -20.69 -25.92
C ALA A 429 38.91 -20.56 -26.47
N ALA A 430 38.55 -19.41 -27.02
CA ALA A 430 37.19 -19.17 -27.49
C ALA A 430 37.02 -19.36 -28.99
N GLY A 431 38.08 -19.17 -29.77
CA GLY A 431 38.02 -19.32 -31.20
C GLY A 431 38.06 -17.97 -31.91
N LYS A 432 38.15 -18.05 -33.24
CA LYS A 432 38.26 -16.84 -34.05
C LYS A 432 36.97 -16.04 -34.07
N GLU A 433 35.84 -16.65 -33.70
CA GLU A 433 34.57 -15.93 -33.71
C GLU A 433 34.45 -14.92 -32.57
N LEU A 434 35.32 -15.00 -31.55
CA LEU A 434 35.34 -13.94 -30.54
C LEU A 434 36.04 -12.70 -31.08
N SER A 435 37.12 -12.87 -31.85
CA SER A 435 37.79 -11.73 -32.44
C SER A 435 36.85 -10.93 -33.33
N GLU A 436 36.03 -11.63 -34.12
CA GLU A 436 35.06 -10.94 -34.95
C GLU A 436 34.00 -10.24 -34.09
N ALA A 437 33.61 -10.85 -32.98
CA ALA A 437 32.69 -10.18 -32.06
C ALA A 437 33.37 -9.01 -31.36
N PHE A 438 34.65 -9.16 -31.02
CA PHE A 438 35.38 -8.06 -30.39
C PHE A 438 35.58 -6.91 -31.36
N LYS A 439 35.91 -7.21 -32.62
CA LYS A 439 36.08 -6.16 -33.62
C LYS A 439 34.76 -5.44 -33.89
N GLN A 440 33.68 -6.21 -34.06
CA GLN A 440 32.39 -5.60 -34.40
C GLN A 440 31.85 -4.76 -33.25
N LYS A 441 31.97 -5.25 -32.02
CA LYS A 441 31.47 -4.49 -30.88
C LYS A 441 32.30 -3.24 -30.64
N THR A 442 33.61 -3.31 -30.88
CA THR A 442 34.47 -2.15 -30.66
C THR A 442 34.16 -1.04 -31.65
N SER A 443 34.07 -1.39 -32.94
CA SER A 443 33.74 -0.38 -33.94
C SER A 443 32.32 0.13 -33.78
N GLU A 444 31.40 -0.72 -33.30
CA GLU A 444 30.03 -0.28 -33.08
C GLU A 444 29.97 0.78 -32.00
N ILE A 445 30.69 0.57 -30.89
CA ILE A 445 30.72 1.56 -29.81
C ILE A 445 31.48 2.81 -30.24
N LEU A 446 32.62 2.62 -30.93
CA LEU A 446 33.42 3.76 -31.36
C LEU A 446 32.68 4.62 -32.39
N SER A 447 31.92 3.97 -33.28
CA SER A 447 31.17 4.74 -34.28
C SER A 447 30.05 5.53 -33.62
N HIS A 448 29.37 4.96 -32.63
CA HIS A 448 28.30 5.68 -31.95
C HIS A 448 28.85 6.86 -31.17
N ALA A 449 30.01 6.69 -30.51
CA ALA A 449 30.63 7.81 -29.82
C ALA A 449 31.16 8.84 -30.82
N HIS A 450 31.69 8.37 -31.95
CA HIS A 450 32.14 9.29 -33.00
C HIS A 450 30.96 10.02 -33.64
N ALA A 451 29.84 9.31 -33.84
CA ALA A 451 28.65 9.93 -34.41
C ALA A 451 27.90 10.82 -33.42
N ALA A 452 28.25 10.76 -32.14
CA ALA A 452 27.61 11.59 -31.13
C ALA A 452 28.40 12.85 -30.80
N LEU A 453 29.72 12.84 -30.95
CA LEU A 453 30.51 14.02 -30.64
C LEU A 453 30.30 15.13 -31.65
N ASP A 454 30.02 14.78 -32.92
CA ASP A 454 29.76 15.80 -33.93
C ASP A 454 28.29 16.17 -34.03
N GLN A 455 27.40 15.36 -33.48
CA GLN A 455 25.98 15.68 -33.47
C GLN A 455 25.72 16.79 -32.44
N PRO A 456 25.18 17.93 -32.85
CA PRO A 456 24.99 19.04 -31.90
C PRO A 456 23.80 18.81 -30.98
N LEU A 457 23.94 19.33 -29.76
CA LEU A 457 22.86 19.27 -28.79
C LEU A 457 21.74 20.23 -29.19
N PRO A 458 20.51 19.99 -28.70
CA PRO A 458 19.41 20.91 -29.01
C PRO A 458 19.54 22.23 -28.26
N THR A 459 18.58 23.13 -28.48
CA THR A 459 18.63 24.43 -27.83
C THR A 459 18.08 24.37 -26.41
N THR A 460 17.00 23.61 -26.21
CA THR A 460 16.38 23.48 -24.89
C THR A 460 15.98 22.03 -24.66
N LEU A 461 15.58 21.74 -23.42
CA LEU A 461 15.05 20.43 -23.04
C LEU A 461 13.53 20.46 -22.87
N LYS A 462 12.85 21.36 -23.60
CA LYS A 462 11.41 21.49 -23.44
C LYS A 462 10.67 20.29 -23.99
N LYS A 463 11.05 19.84 -25.20
CA LYS A 463 10.39 18.71 -25.83
C LYS A 463 11.07 17.41 -25.45
N GLN A 464 10.29 16.32 -25.47
CA GLN A 464 10.85 15.01 -25.18
C GLN A 464 11.79 14.54 -26.28
N GLU A 465 11.53 14.96 -27.53
CA GLU A 465 12.43 14.61 -28.62
C GLU A 465 13.81 15.23 -28.42
N GLU A 466 13.88 16.36 -27.70
CA GLU A 466 15.17 16.97 -27.39
C GLU A 466 15.81 16.33 -26.16
N LYS A 467 15.00 15.76 -25.25
CA LYS A 467 15.57 14.99 -24.15
C LYS A 467 16.15 13.68 -24.64
N GLU A 468 15.57 13.10 -25.69
CA GLU A 468 16.02 11.79 -26.16
C GLU A 468 17.42 11.86 -26.77
N ILE A 469 17.70 12.91 -27.54
CA ILE A 469 19.01 13.00 -28.18
C ILE A 469 20.09 13.30 -27.16
N LEU A 470 19.75 13.98 -26.06
CA LEU A 470 20.72 14.17 -24.98
C LEU A 470 21.05 12.84 -24.31
N LYS A 471 20.04 12.01 -24.08
CA LYS A 471 20.28 10.69 -23.51
C LYS A 471 21.03 9.80 -24.50
N SER A 472 20.70 9.91 -25.79
CA SER A 472 21.34 9.07 -26.80
C SER A 472 22.84 9.33 -26.87
N GLN A 473 23.24 10.61 -26.81
CA GLN A 473 24.66 10.94 -26.86
C GLN A 473 25.36 10.53 -25.56
N LEU A 474 24.66 10.62 -24.42
CA LEU A 474 25.24 10.17 -23.17
C LEU A 474 25.40 8.65 -23.13
N ASP A 475 24.47 7.92 -23.76
CA ASP A 475 24.62 6.46 -23.84
C ASP A 475 25.84 6.08 -24.66
N SER A 476 26.11 6.81 -25.73
CA SER A 476 27.30 6.55 -26.53
C SER A 476 28.57 6.88 -25.76
N LEU A 477 28.54 7.95 -24.97
CA LEU A 477 29.69 8.30 -24.15
C LEU A 477 29.90 7.29 -23.03
N LEU A 478 28.81 6.84 -22.39
CA LEU A 478 28.93 5.83 -21.36
C LEU A 478 29.30 4.47 -21.95
N GLY A 479 28.89 4.21 -23.19
CA GLY A 479 29.28 2.97 -23.84
C GLY A 479 30.77 2.87 -24.07
N LEU A 480 31.40 3.96 -24.50
CA LEU A 480 32.85 3.98 -24.64
C LEU A 480 33.53 3.92 -23.28
N TYR A 481 32.96 4.60 -22.28
CA TYR A 481 33.49 4.52 -20.93
C TYR A 481 33.38 3.11 -20.37
N HIS A 482 32.29 2.41 -20.69
CA HIS A 482 32.15 1.02 -20.28
C HIS A 482 33.18 0.13 -20.97
N LEU A 483 33.46 0.41 -22.24
CA LEU A 483 34.40 -0.43 -23.00
C LEU A 483 35.81 -0.34 -22.43
N LEU A 484 36.23 0.86 -22.01
CA LEU A 484 37.60 1.03 -21.53
C LEU A 484 37.83 0.32 -20.20
N ASP A 485 36.78 0.16 -19.39
CA ASP A 485 36.90 -0.53 -18.12
C ASP A 485 37.00 -2.04 -18.26
N TRP A 486 37.07 -2.56 -19.49
CA TRP A 486 37.26 -3.99 -19.68
C TRP A 486 38.67 -4.42 -19.31
N PHE A 487 39.65 -3.52 -19.42
CA PHE A 487 41.05 -3.87 -19.23
C PHE A 487 41.46 -3.71 -17.77
N ALA A 488 42.32 -4.61 -17.31
CA ALA A 488 42.79 -4.58 -15.93
C ALA A 488 43.65 -3.34 -15.69
N VAL A 489 43.45 -2.72 -14.53
CA VAL A 489 44.12 -1.46 -14.20
C VAL A 489 45.26 -1.74 -13.21
N ASP A 490 45.11 -2.78 -12.42
CA ASP A 490 46.10 -3.08 -11.38
C ASP A 490 47.45 -3.40 -12.01
N GLU A 491 48.52 -2.93 -11.35
CA GLU A 491 49.88 -3.16 -11.81
C GLU A 491 50.39 -4.54 -11.47
N SER A 492 49.53 -5.44 -10.97
CA SER A 492 49.96 -6.79 -10.67
C SER A 492 50.28 -7.59 -11.93
N ASN A 493 49.69 -7.22 -13.06
CA ASN A 493 49.93 -7.89 -14.32
C ASN A 493 51.03 -7.17 -15.11
N GLU A 494 51.64 -7.90 -16.04
CA GLU A 494 52.68 -7.35 -16.91
C GLU A 494 51.99 -6.57 -18.04
N VAL A 495 51.66 -5.31 -17.74
CA VAL A 495 50.97 -4.46 -18.69
C VAL A 495 51.96 -3.91 -19.71
N ASP A 496 51.46 -3.63 -20.90
CA ASP A 496 52.30 -3.07 -21.95
C ASP A 496 52.74 -1.65 -21.57
N PRO A 497 53.98 -1.27 -21.88
CA PRO A 497 54.44 0.09 -21.54
C PRO A 497 53.60 1.17 -22.18
N GLU A 498 53.54 1.20 -23.51
CA GLU A 498 52.83 2.26 -24.21
C GLU A 498 51.33 2.12 -24.08
N PHE A 499 50.81 0.89 -24.18
CA PHE A 499 49.37 0.70 -24.19
C PHE A 499 48.73 1.10 -22.86
N SER A 500 49.33 0.68 -21.74
CA SER A 500 48.77 1.01 -20.44
C SER A 500 48.81 2.51 -20.17
N ALA A 501 49.80 3.21 -20.72
CA ALA A 501 49.88 4.65 -20.51
C ALA A 501 48.84 5.39 -21.34
N ARG A 502 48.69 5.01 -22.61
CA ARG A 502 47.71 5.66 -23.47
C ARG A 502 46.29 5.31 -23.06
N LEU A 503 46.06 4.09 -22.57
CA LEU A 503 44.72 3.71 -22.12
C LEU A 503 44.33 4.44 -20.84
N THR A 504 45.24 4.49 -19.86
CA THR A 504 44.96 5.18 -18.61
C THR A 504 44.74 6.67 -18.83
N GLY A 505 45.35 7.23 -19.88
CA GLY A 505 45.14 8.65 -20.16
C GLY A 505 43.73 8.95 -20.63
N ILE A 506 43.27 8.20 -21.65
CA ILE A 506 41.93 8.43 -22.17
C ILE A 506 40.87 7.86 -21.23
N LYS A 507 41.23 6.92 -20.35
CA LYS A 507 40.27 6.42 -19.38
C LYS A 507 39.95 7.47 -18.32
N LEU A 508 40.96 8.24 -17.89
CA LEU A 508 40.74 9.32 -16.94
C LEU A 508 40.13 10.54 -17.59
N GLU A 509 40.30 10.72 -18.89
CA GLU A 509 39.67 11.83 -19.59
C GLU A 509 38.22 11.53 -19.98
N MET A 510 37.82 10.26 -19.95
CA MET A 510 36.43 9.86 -20.08
C MET A 510 35.74 9.68 -18.74
N GLU A 511 36.49 9.81 -17.65
CA GLU A 511 35.90 9.61 -16.31
C GLU A 511 34.80 10.61 -15.96
N PRO A 512 34.91 11.90 -16.26
CA PRO A 512 33.80 12.82 -15.91
C PRO A 512 32.50 12.53 -16.64
N SER A 513 32.52 11.67 -17.67
CA SER A 513 31.28 11.37 -18.39
C SER A 513 30.32 10.51 -17.58
N LEU A 514 30.83 9.77 -16.60
CA LEU A 514 29.94 8.95 -15.75
C LEU A 514 29.08 9.83 -14.86
N SER A 515 29.70 10.82 -14.20
CA SER A 515 28.93 11.73 -13.36
C SER A 515 28.00 12.61 -14.20
N PHE A 516 28.40 12.93 -15.43
CA PHE A 516 27.53 13.70 -16.30
C PHE A 516 26.28 12.93 -16.69
N TYR A 517 26.37 11.60 -16.79
CA TYR A 517 25.19 10.79 -17.05
C TYR A 517 24.23 10.86 -15.86
N ASN A 518 24.76 10.69 -14.64
CA ASN A 518 23.90 10.71 -13.47
C ASN A 518 23.38 12.12 -13.19
N LYS A 519 24.23 13.14 -13.37
CA LYS A 519 23.78 14.51 -13.15
C LYS A 519 22.69 14.91 -14.13
N ALA A 520 22.80 14.45 -15.39
CA ALA A 520 21.80 14.81 -16.39
C ALA A 520 20.49 14.06 -16.17
N ARG A 521 20.56 12.78 -15.81
CA ARG A 521 19.35 12.02 -15.56
C ARG A 521 18.60 12.55 -14.34
N ASN A 522 19.34 12.97 -13.30
CA ASN A 522 18.70 13.47 -12.09
C ASN A 522 17.96 14.77 -12.32
N TYR A 523 18.22 15.47 -13.43
CA TYR A 523 17.47 16.67 -13.78
C TYR A 523 16.46 16.45 -14.88
N ALA A 524 16.81 15.72 -15.93
CA ALA A 524 15.92 15.54 -17.06
C ALA A 524 14.68 14.72 -16.71
N THR A 525 14.74 13.91 -15.65
CA THR A 525 13.61 13.08 -15.24
C THR A 525 12.81 13.71 -14.11
N LYS A 526 13.06 14.97 -13.80
CA LYS A 526 12.28 15.65 -12.76
C LYS A 526 10.89 15.97 -13.27
N LYS A 527 9.92 15.94 -12.34
CA LYS A 527 8.54 16.19 -12.70
C LYS A 527 8.37 17.63 -13.14
N PRO A 528 7.73 17.89 -14.29
CA PRO A 528 7.52 19.27 -14.71
C PRO A 528 6.55 19.99 -13.79
N TYR A 529 6.67 21.32 -13.78
CA TYR A 529 5.82 22.14 -12.93
C TYR A 529 4.36 22.02 -13.37
N SER A 530 3.50 21.68 -12.42
CA SER A 530 2.07 21.57 -12.64
C SER A 530 1.32 22.54 -11.75
N VAL A 531 0.12 22.91 -12.19
CA VAL A 531 -0.73 23.83 -11.44
C VAL A 531 -1.56 23.03 -10.45
N GLU A 532 -1.61 23.51 -9.21
CA GLU A 532 -2.33 22.85 -8.13
C GLU A 532 -3.36 23.80 -7.54
N LYS A 533 -4.49 23.24 -7.11
CA LYS A 533 -5.50 24.05 -6.44
C LYS A 533 -4.98 24.51 -5.09
N PHE A 534 -5.46 25.67 -4.65
CA PHE A 534 -5.05 26.23 -3.36
C PHE A 534 -6.28 26.72 -2.62
N LYS A 535 -6.15 26.84 -1.30
CA LYS A 535 -7.27 27.15 -0.43
C LYS A 535 -7.58 28.64 -0.47
N LEU A 536 -8.87 28.97 -0.43
CA LEU A 536 -9.35 30.34 -0.38
C LEU A 536 -9.84 30.67 1.03
N ASN A 537 -9.69 31.95 1.40
CA ASN A 537 -10.08 32.38 2.72
C ASN A 537 -10.89 33.68 2.68
N PHE A 538 -10.62 34.53 1.69
CA PHE A 538 -11.23 35.86 1.61
C PHE A 538 -10.98 36.65 2.89
N GLN A 539 -9.76 36.57 3.39
CA GLN A 539 -9.34 37.21 4.64
C GLN A 539 -10.19 36.79 5.84
N MET A 540 -10.84 35.63 5.75
CA MET A 540 -11.60 35.09 6.86
C MET A 540 -10.91 33.84 7.38
N PRO A 541 -10.31 33.89 8.58
CA PRO A 541 -9.55 32.72 9.07
C PRO A 541 -10.40 31.50 9.32
N THR A 542 -11.71 31.65 9.51
CA THR A 542 -12.61 30.54 9.76
C THR A 542 -13.67 30.45 8.67
N LEU A 543 -13.25 30.61 7.41
CA LEU A 543 -14.18 30.54 6.29
C LEU A 543 -14.80 29.16 6.20
N ALA A 544 -16.13 29.12 6.21
CA ALA A 544 -16.91 27.88 6.13
C ALA A 544 -16.54 26.91 7.24
N SER A 545 -16.10 27.44 8.39
CA SER A 545 -15.78 26.58 9.53
C SER A 545 -17.03 25.87 10.04
N GLY A 546 -18.12 26.62 10.22
CA GLY A 546 -19.38 26.03 10.62
C GLY A 546 -20.52 26.76 9.95
N TRP A 547 -21.68 26.10 9.93
CA TRP A 547 -22.85 26.62 9.24
C TRP A 547 -23.86 27.28 10.18
N ASP A 548 -23.57 27.34 11.48
CA ASP A 548 -24.57 27.79 12.44
C ASP A 548 -24.95 29.25 12.23
N VAL A 549 -26.19 29.58 12.61
CA VAL A 549 -26.68 30.94 12.45
C VAL A 549 -25.89 31.92 13.32
N ASN A 550 -25.45 31.49 14.50
CA ASN A 550 -24.63 32.35 15.35
C ASN A 550 -23.24 32.59 14.78
N LYS A 551 -22.88 31.89 13.71
CA LYS A 551 -21.55 31.97 13.14
C LYS A 551 -21.55 32.42 11.68
N GLU A 552 -22.71 32.82 11.15
CA GLU A 552 -22.79 33.22 9.75
C GLU A 552 -21.97 34.47 9.46
N LYS A 553 -21.82 35.35 10.46
CA LYS A 553 -20.99 36.53 10.27
C LYS A 553 -19.50 36.19 10.38
N ASN A 554 -19.15 35.31 11.32
CA ASN A 554 -17.75 34.95 11.52
C ASN A 554 -17.25 34.02 10.43
N ASN A 555 -18.03 33.01 10.07
CA ASN A 555 -17.60 32.06 9.04
C ASN A 555 -17.93 32.54 7.64
N GLY A 556 -18.97 33.36 7.48
CA GLY A 556 -19.29 33.95 6.19
C GLY A 556 -19.68 32.97 5.11
N ALA A 557 -20.50 31.98 5.45
CA ALA A 557 -20.89 30.97 4.47
C ALA A 557 -22.30 30.47 4.79
N ILE A 558 -23.19 30.55 3.80
CA ILE A 558 -24.55 30.04 3.91
C ILE A 558 -24.90 29.32 2.61
N LEU A 559 -26.07 28.68 2.60
CA LEU A 559 -26.51 27.87 1.48
C LEU A 559 -27.95 28.22 1.11
N PHE A 560 -28.21 28.25 -0.20
CA PHE A 560 -29.56 28.45 -0.73
C PHE A 560 -29.95 27.26 -1.60
N VAL A 561 -31.26 27.11 -1.79
CA VAL A 561 -31.79 26.20 -2.79
C VAL A 561 -32.95 26.91 -3.50
N LYS A 562 -32.80 27.16 -4.79
CA LYS A 562 -33.81 27.86 -5.58
C LYS A 562 -34.13 27.03 -6.81
N ASN A 563 -35.37 26.54 -6.88
CA ASN A 563 -35.86 25.76 -8.01
C ASN A 563 -34.97 24.56 -8.30
N GLY A 564 -34.70 23.78 -7.26
CA GLY A 564 -33.89 22.58 -7.40
C GLY A 564 -32.40 22.80 -7.54
N LEU A 565 -31.95 24.05 -7.61
CA LEU A 565 -30.54 24.38 -7.73
C LEU A 565 -30.00 24.87 -6.39
N TYR A 566 -28.76 24.47 -6.08
CA TYR A 566 -28.14 24.78 -4.80
C TYR A 566 -27.07 25.85 -4.98
N TYR A 567 -26.92 26.70 -3.98
CA TYR A 567 -26.03 27.85 -4.07
C TYR A 567 -25.25 28.01 -2.77
N LEU A 568 -24.02 28.50 -2.91
CA LEU A 568 -23.15 28.82 -1.79
C LEU A 568 -22.88 30.32 -1.77
N GLY A 569 -23.16 30.96 -0.65
CA GLY A 569 -22.98 32.39 -0.50
C GLY A 569 -21.82 32.70 0.42
N ILE A 570 -21.01 33.68 0.03
CA ILE A 570 -19.83 34.09 0.80
C ILE A 570 -19.98 35.57 1.14
N MET A 571 -19.73 35.90 2.41
CA MET A 571 -19.84 37.27 2.91
C MET A 571 -18.48 37.77 3.34
N PRO A 572 -17.76 38.49 2.49
CA PRO A 572 -16.43 38.99 2.88
C PRO A 572 -16.53 40.21 3.78
N LYS A 573 -15.39 40.56 4.37
CA LYS A 573 -15.31 41.74 5.22
C LYS A 573 -15.42 43.00 4.38
N GLN A 574 -16.27 43.92 4.81
CA GLN A 574 -16.45 45.20 4.13
C GLN A 574 -15.64 46.27 4.85
N LYS A 575 -14.66 46.85 4.14
CA LYS A 575 -13.77 47.87 4.68
C LYS A 575 -13.01 47.35 5.89
N GLY A 576 -12.63 46.07 5.85
CA GLY A 576 -11.89 45.47 6.93
C GLY A 576 -12.68 45.24 8.20
N ARG A 577 -14.01 45.25 8.12
CA ARG A 577 -14.85 45.06 9.29
C ARG A 577 -15.99 44.10 8.95
N TYR A 578 -16.41 43.34 9.95
CA TYR A 578 -17.53 42.42 9.78
C TYR A 578 -18.86 43.16 9.92
N LYS A 579 -19.78 42.87 9.00
CA LYS A 579 -21.12 43.46 9.04
C LYS A 579 -22.09 42.40 8.55
N ALA A 580 -22.75 41.73 9.50
CA ALA A 580 -23.69 40.65 9.18
C ALA A 580 -24.90 41.24 8.47
N LEU A 581 -24.89 41.18 7.14
CA LEU A 581 -26.04 41.64 6.35
C LEU A 581 -27.24 40.74 6.66
N SER A 582 -28.03 41.15 7.65
CA SER A 582 -29.14 40.33 8.12
C SER A 582 -30.19 40.13 7.04
N PHE A 583 -30.20 38.95 6.42
CA PHE A 583 -31.24 38.63 5.45
C PHE A 583 -32.59 38.48 6.14
N GLU A 584 -33.62 39.07 5.54
CA GLU A 584 -34.93 39.13 6.16
C GLU A 584 -35.85 38.07 5.58
N PRO A 585 -36.25 37.05 6.36
CA PRO A 585 -37.20 36.06 5.83
C PRO A 585 -38.48 36.73 5.37
N THR A 586 -39.10 36.15 4.35
CA THR A 586 -40.27 36.73 3.72
C THR A 586 -41.32 35.65 3.49
N GLU A 587 -42.52 36.10 3.12
CA GLU A 587 -43.61 35.19 2.78
C GLU A 587 -43.21 34.30 1.61
N LYS A 588 -43.79 33.10 1.57
CA LYS A 588 -43.50 32.19 0.47
C LYS A 588 -44.02 32.77 -0.85
N THR A 589 -43.60 32.13 -1.95
CA THR A 589 -43.98 32.44 -3.33
C THR A 589 -43.31 33.72 -3.85
N SER A 590 -42.94 34.64 -2.95
CA SER A 590 -42.10 35.75 -3.36
C SER A 590 -40.79 35.23 -3.95
N GLU A 591 -40.37 35.83 -5.06
CA GLU A 591 -39.18 35.33 -5.74
C GLU A 591 -37.97 35.41 -4.81
N GLY A 592 -37.17 34.35 -4.81
CA GLY A 592 -35.98 34.32 -3.99
C GLY A 592 -35.47 32.89 -3.86
N PHE A 593 -34.66 32.69 -2.84
CA PHE A 593 -33.95 31.43 -2.61
C PHE A 593 -34.31 30.93 -1.22
N ASP A 594 -34.59 29.63 -1.11
CA ASP A 594 -34.82 29.04 0.20
C ASP A 594 -33.50 29.00 0.95
N LYS A 595 -33.31 29.96 1.85
CA LYS A 595 -32.05 30.07 2.59
C LYS A 595 -32.09 29.13 3.79
N MET A 596 -31.06 28.32 3.94
CA MET A 596 -31.01 27.36 5.03
C MET A 596 -30.68 28.05 6.34
N TYR A 597 -31.30 27.57 7.42
CA TYR A 597 -31.03 28.04 8.77
C TYR A 597 -30.54 26.85 9.58
N TYR A 598 -29.26 26.88 9.95
CA TYR A 598 -28.53 25.74 10.50
C TYR A 598 -28.36 25.97 11.99
N ASP A 599 -29.13 25.23 12.80
CA ASP A 599 -29.07 25.33 14.24
C ASP A 599 -28.47 24.04 14.80
N TYR A 600 -27.30 24.14 15.43
CA TYR A 600 -26.55 22.96 15.80
C TYR A 600 -25.79 23.21 17.11
N PHE A 601 -25.87 22.24 18.01
CA PHE A 601 -25.06 22.21 19.22
C PHE A 601 -24.13 21.00 19.12
N PRO A 602 -22.81 21.20 19.10
CA PRO A 602 -21.90 20.07 18.84
C PRO A 602 -21.89 19.03 19.95
N ASP A 603 -20.92 18.13 19.89
CA ASP A 603 -20.85 16.98 20.78
C ASP A 603 -21.07 17.38 22.23
N ALA A 604 -22.16 16.87 22.81
CA ALA A 604 -22.52 17.24 24.18
C ALA A 604 -21.48 16.76 25.18
N ALA A 605 -20.73 15.71 24.83
CA ALA A 605 -19.71 15.20 25.74
C ALA A 605 -18.64 16.25 26.03
N LYS A 606 -18.38 17.15 25.09
CA LYS A 606 -17.40 18.20 25.26
C LYS A 606 -18.00 19.60 25.37
N MET A 607 -19.12 19.86 24.70
CA MET A 607 -19.67 21.21 24.69
C MET A 607 -20.30 21.57 26.02
N ILE A 608 -20.97 20.61 26.66
CA ILE A 608 -21.62 20.87 27.94
C ILE A 608 -20.57 21.17 29.01
N PRO A 609 -19.50 20.38 29.16
CA PRO A 609 -18.44 20.80 30.11
C PRO A 609 -17.77 22.09 29.71
N LYS A 610 -17.60 22.34 28.41
CA LYS A 610 -16.96 23.57 27.96
C LYS A 610 -17.76 24.80 28.39
N CYS A 611 -19.09 24.73 28.28
CA CYS A 611 -19.94 25.88 28.53
C CYS A 611 -20.40 25.99 29.98
N SER A 612 -19.98 25.08 30.86
CA SER A 612 -20.45 25.10 32.23
C SER A 612 -19.37 24.67 33.22
N THR A 613 -19.05 23.38 33.27
CA THR A 613 -18.25 22.84 34.35
C THR A 613 -16.76 23.15 34.20
N GLN A 614 -16.30 23.47 32.99
CA GLN A 614 -14.89 23.75 32.75
C GLN A 614 -14.61 25.25 32.58
N LEU A 615 -15.60 26.10 32.84
CA LEU A 615 -15.38 27.54 32.77
C LEU A 615 -14.28 27.95 33.74
N LYS A 616 -13.49 28.94 33.33
CA LYS A 616 -12.38 29.40 34.15
C LYS A 616 -12.87 29.90 35.51
N ALA A 617 -14.04 30.53 35.54
CA ALA A 617 -14.57 31.01 36.82
C ALA A 617 -14.99 29.86 37.72
N VAL A 618 -15.45 28.74 37.15
CA VAL A 618 -15.86 27.60 37.95
C VAL A 618 -14.65 26.88 38.51
N THR A 619 -13.63 26.65 37.68
CA THR A 619 -12.42 26.00 38.15
C THR A 619 -11.71 26.83 39.21
N ALA A 620 -11.67 28.15 39.02
CA ALA A 620 -11.03 29.01 40.00
C ALA A 620 -11.82 29.07 41.30
N HIS A 621 -13.16 29.07 41.21
CA HIS A 621 -13.97 29.12 42.41
C HIS A 621 -13.78 27.88 43.27
N PHE A 622 -13.71 26.70 42.64
CA PHE A 622 -13.57 25.46 43.38
C PHE A 622 -12.14 25.16 43.79
N GLN A 623 -11.18 26.05 43.48
CA GLN A 623 -9.84 25.91 44.03
C GLN A 623 -9.78 26.35 45.48
N THR A 624 -10.68 27.25 45.89
CA THR A 624 -10.70 27.78 47.24
C THR A 624 -11.97 27.45 48.01
N HIS A 625 -13.13 27.55 47.37
CA HIS A 625 -14.41 27.38 48.04
C HIS A 625 -15.02 26.02 47.71
N THR A 626 -15.89 25.57 48.62
CA THR A 626 -16.67 24.35 48.41
C THR A 626 -18.16 24.63 48.20
N THR A 627 -18.58 25.89 48.35
CA THR A 627 -19.97 26.25 48.17
C THR A 627 -20.37 26.13 46.70
N PRO A 628 -21.66 25.97 46.42
CA PRO A 628 -22.11 25.94 45.02
C PRO A 628 -21.89 27.28 44.35
N ILE A 629 -21.87 27.23 43.01
CA ILE A 629 -21.71 28.42 42.18
C ILE A 629 -22.79 28.39 41.10
N LEU A 630 -23.41 29.54 40.85
CA LEU A 630 -24.53 29.65 39.93
C LEU A 630 -24.13 30.46 38.71
N LEU A 631 -24.39 29.91 37.53
CA LEU A 631 -24.05 30.54 36.26
C LEU A 631 -25.30 31.15 35.65
N SER A 632 -25.19 32.40 35.22
CA SER A 632 -26.33 33.12 34.65
C SER A 632 -26.14 33.53 33.20
N ASN A 633 -24.90 33.72 32.75
CA ASN A 633 -24.65 34.15 31.39
C ASN A 633 -24.96 33.01 30.41
N ASN A 634 -25.78 33.32 29.41
CA ASN A 634 -26.27 32.36 28.41
C ASN A 634 -27.08 31.22 29.03
N PHE A 635 -27.69 31.45 30.18
CA PHE A 635 -28.61 30.50 30.80
C PHE A 635 -29.90 31.23 31.11
N ILE A 636 -31.01 30.74 30.55
CA ILE A 636 -32.30 31.41 30.75
C ILE A 636 -32.69 31.38 32.23
N GLU A 637 -32.23 30.37 32.96
CA GLU A 637 -32.36 30.30 34.41
C GLU A 637 -31.03 29.81 34.97
N PRO A 638 -30.66 30.23 36.18
CA PRO A 638 -29.32 29.96 36.69
C PRO A 638 -29.04 28.46 36.81
N LEU A 639 -27.88 28.05 36.30
CA LEU A 639 -27.42 26.68 36.40
C LEU A 639 -26.50 26.54 37.60
N GLU A 640 -26.78 25.54 38.44
CA GLU A 640 -26.02 25.33 39.67
C GLU A 640 -24.90 24.34 39.43
N ILE A 641 -23.69 24.70 39.85
CA ILE A 641 -22.52 23.83 39.78
C ILE A 641 -22.07 23.56 41.20
N THR A 642 -22.19 22.31 41.64
CA THR A 642 -21.74 21.90 42.96
C THR A 642 -20.37 21.24 42.86
N LYS A 643 -19.70 21.14 44.01
CA LYS A 643 -18.40 20.48 44.05
C LYS A 643 -18.51 19.01 43.69
N GLU A 644 -19.62 18.37 44.06
CA GLU A 644 -19.85 16.98 43.67
C GLU A 644 -19.88 16.83 42.15
N ILE A 645 -20.53 17.76 41.47
CA ILE A 645 -20.60 17.71 40.01
C ILE A 645 -19.26 18.07 39.40
N TYR A 646 -18.58 19.07 39.96
CA TYR A 646 -17.30 19.49 39.40
C TYR A 646 -16.22 18.42 39.58
N ASP A 647 -16.23 17.73 40.72
CA ASP A 647 -15.25 16.67 40.95
C ASP A 647 -15.47 15.47 40.04
N LEU A 648 -16.69 15.28 39.54
CA LEU A 648 -16.94 14.15 38.65
C LEU A 648 -16.25 14.32 37.31
N ASN A 649 -16.28 15.52 36.75
CA ASN A 649 -15.63 15.79 35.47
C ASN A 649 -14.19 16.28 35.65
N ASN A 650 -13.73 16.44 36.89
CA ASN A 650 -12.33 16.79 37.19
C ASN A 650 -11.84 15.93 38.34
N PRO A 651 -11.64 14.63 38.12
CA PRO A 651 -11.40 13.71 39.24
C PRO A 651 -9.97 13.73 39.77
N GLU A 652 -9.03 14.10 38.90
CA GLU A 652 -7.58 13.91 39.04
C GLU A 652 -7.18 12.44 38.99
N LYS A 653 -8.14 11.52 38.91
CA LYS A 653 -7.88 10.13 38.56
C LYS A 653 -8.16 9.94 37.07
N GLU A 654 -7.29 9.18 36.41
CA GLU A 654 -7.36 9.02 34.95
C GLU A 654 -8.76 8.67 34.43
N PRO A 655 -9.50 7.71 35.02
CA PRO A 655 -10.86 7.45 34.51
C PRO A 655 -11.95 8.16 35.31
N LYS A 656 -12.82 8.89 34.62
CA LYS A 656 -13.95 9.52 35.29
C LYS A 656 -14.92 8.45 35.83
N LYS A 657 -15.56 8.78 36.96
CA LYS A 657 -16.31 7.78 37.70
C LYS A 657 -17.59 7.35 36.99
N PHE A 658 -18.07 8.12 36.01
CA PHE A 658 -19.25 7.76 35.24
C PHE A 658 -18.91 7.09 33.90
N GLN A 659 -17.66 6.68 33.72
CA GLN A 659 -17.24 6.01 32.50
C GLN A 659 -17.15 4.51 32.73
N THR A 660 -17.37 3.75 31.65
CA THR A 660 -17.26 2.29 31.73
C THR A 660 -15.87 1.82 32.09
N ALA A 661 -14.84 2.63 31.81
CA ALA A 661 -13.49 2.29 32.23
C ALA A 661 -13.40 2.17 33.74
N TYR A 662 -14.04 3.10 34.46
CA TYR A 662 -14.07 3.01 35.92
C TYR A 662 -14.79 1.75 36.39
N ALA A 663 -15.90 1.42 35.74
CA ALA A 663 -16.66 0.24 36.15
C ALA A 663 -15.90 -1.05 35.81
N LYS A 664 -15.18 -1.05 34.68
CA LYS A 664 -14.42 -2.24 34.30
C LYS A 664 -13.13 -2.38 35.07
N LYS A 665 -12.50 -1.26 35.44
CA LYS A 665 -11.26 -1.32 36.21
C LYS A 665 -11.53 -1.60 37.68
N THR A 666 -12.30 -0.74 38.33
CA THR A 666 -12.61 -0.89 39.76
C THR A 666 -13.49 -2.10 40.00
N GLY A 667 -14.74 -2.03 39.57
CA GLY A 667 -15.67 -3.14 39.70
C GLY A 667 -16.89 -2.88 40.58
N ASP A 668 -17.08 -1.67 41.09
CA ASP A 668 -18.23 -1.36 41.93
C ASP A 668 -19.35 -0.81 41.05
N GLN A 669 -20.40 -1.61 40.85
CA GLN A 669 -21.52 -1.16 40.04
C GLN A 669 -22.41 -0.19 40.78
N LYS A 670 -22.43 -0.25 42.12
CA LYS A 670 -23.27 0.68 42.88
C LYS A 670 -22.77 2.11 42.75
N GLY A 671 -21.45 2.30 42.77
CA GLY A 671 -20.87 3.62 42.64
C GLY A 671 -20.90 4.13 41.21
N TYR A 672 -20.68 3.24 40.24
CA TYR A 672 -20.68 3.64 38.84
C TYR A 672 -22.06 4.11 38.40
N ARG A 673 -23.10 3.33 38.68
CA ARG A 673 -24.46 3.72 38.32
C ARG A 673 -24.92 4.97 39.06
N GLU A 674 -24.32 5.28 40.21
CA GLU A 674 -24.64 6.50 40.93
C GLU A 674 -24.03 7.72 40.24
N ALA A 675 -22.74 7.64 39.91
CA ALA A 675 -22.08 8.76 39.25
C ALA A 675 -22.61 8.99 37.84
N LEU A 676 -22.94 7.90 37.13
CA LEU A 676 -23.52 8.04 35.80
C LEU A 676 -24.87 8.72 35.86
N CYS A 677 -25.71 8.36 36.83
CA CYS A 677 -27.03 8.96 36.95
C CYS A 677 -26.92 10.42 37.37
N LYS A 678 -25.97 10.75 38.26
CA LYS A 678 -25.84 12.13 38.71
C LYS A 678 -25.28 13.04 37.62
N TRP A 679 -24.55 12.48 36.65
CA TRP A 679 -24.02 13.30 35.56
C TRP A 679 -25.06 13.52 34.47
N ILE A 680 -25.84 12.48 34.15
CA ILE A 680 -26.89 12.63 33.15
C ILE A 680 -27.94 13.63 33.64
N ASP A 681 -28.26 13.59 34.93
CA ASP A 681 -29.20 14.56 35.49
C ASP A 681 -28.64 15.98 35.39
N PHE A 682 -27.33 16.14 35.49
CA PHE A 682 -26.74 17.48 35.37
C PHE A 682 -26.81 17.98 33.94
N THR A 683 -26.56 17.10 32.96
CA THR A 683 -26.65 17.51 31.56
C THR A 683 -28.07 17.91 31.19
N ARG A 684 -29.07 17.16 31.69
CA ARG A 684 -30.45 17.53 31.48
C ARG A 684 -30.75 18.90 32.08
N ASP A 685 -30.15 19.20 33.23
CA ASP A 685 -30.30 20.52 33.83
C ASP A 685 -29.65 21.59 32.96
N PHE A 686 -28.48 21.29 32.39
CA PHE A 686 -27.80 22.24 31.51
C PHE A 686 -28.62 22.49 30.25
N LEU A 687 -29.03 21.40 29.58
CA LEU A 687 -29.73 21.53 28.31
C LEU A 687 -31.05 22.30 28.45
N SER A 688 -31.70 22.19 29.61
CA SER A 688 -32.97 22.88 29.81
C SER A 688 -32.79 24.37 29.98
N LYS A 689 -31.58 24.84 30.30
CA LYS A 689 -31.34 26.24 30.61
C LYS A 689 -30.46 26.96 29.61
N TYR A 690 -29.60 26.25 28.89
CA TYR A 690 -28.69 26.91 27.96
C TYR A 690 -29.47 27.45 26.76
N THR A 691 -29.13 28.69 26.37
CA THR A 691 -29.89 29.39 25.34
C THR A 691 -29.97 28.57 24.05
N LYS A 692 -28.88 27.89 23.69
CA LYS A 692 -28.85 27.16 22.42
C LYS A 692 -29.77 25.94 22.45
N THR A 693 -30.05 25.39 23.64
CA THR A 693 -30.77 24.13 23.74
C THR A 693 -31.98 24.17 24.66
N THR A 694 -32.32 25.31 25.27
CA THR A 694 -33.43 25.33 26.20
C THR A 694 -34.76 25.06 25.52
N SER A 695 -34.89 25.44 24.25
CA SER A 695 -36.13 25.24 23.51
C SER A 695 -36.25 23.85 22.90
N ILE A 696 -35.19 23.05 22.92
CA ILE A 696 -35.21 21.75 22.28
C ILE A 696 -36.01 20.78 23.15
N ASP A 697 -37.00 20.13 22.54
CA ASP A 697 -37.81 19.13 23.23
C ASP A 697 -37.00 17.84 23.38
N LEU A 698 -36.74 17.45 24.63
CA LEU A 698 -35.96 16.24 24.92
C LEU A 698 -36.81 15.20 25.67
N SER A 699 -38.13 15.24 25.46
CA SER A 699 -39.00 14.32 26.19
C SER A 699 -38.85 12.88 25.70
N SER A 700 -38.25 12.65 24.53
CA SER A 700 -38.06 11.30 24.03
C SER A 700 -36.99 10.55 24.81
N LEU A 701 -36.10 11.26 25.50
CA LEU A 701 -35.07 10.60 26.30
C LEU A 701 -35.69 9.94 27.52
N ARG A 702 -35.30 8.70 27.78
CA ARG A 702 -35.79 7.98 28.95
C ARG A 702 -35.11 8.47 30.21
N PRO A 703 -35.66 8.16 31.39
CA PRO A 703 -35.06 8.64 32.64
C PRO A 703 -33.58 8.31 32.75
N SER A 704 -32.86 9.15 33.51
CA SER A 704 -31.41 9.03 33.59
C SER A 704 -30.98 7.71 34.20
N SER A 705 -31.73 7.21 35.18
CA SER A 705 -31.37 5.97 35.85
C SER A 705 -31.53 4.74 34.97
N GLN A 706 -32.10 4.88 33.77
CA GLN A 706 -32.30 3.76 32.87
C GLN A 706 -31.16 3.58 31.87
N TYR A 707 -30.29 4.56 31.72
CA TYR A 707 -29.17 4.44 30.80
C TYR A 707 -28.06 3.61 31.43
N LYS A 708 -27.58 2.61 30.70
CA LYS A 708 -26.59 1.69 31.23
C LYS A 708 -25.18 2.28 31.21
N ASP A 709 -24.83 2.99 30.14
CA ASP A 709 -23.55 3.66 30.05
C ASP A 709 -23.74 5.04 29.43
N LEU A 710 -22.69 5.85 29.53
CA LEU A 710 -22.79 7.24 29.06
C LEU A 710 -22.81 7.34 27.54
N GLY A 711 -22.10 6.44 26.86
CA GLY A 711 -22.11 6.48 25.40
C GLY A 711 -23.48 6.23 24.81
N GLU A 712 -24.27 5.37 25.46
CA GLU A 712 -25.63 5.12 25.01
C GLU A 712 -26.49 6.37 25.14
N TYR A 713 -26.27 7.15 26.20
CA TYR A 713 -27.04 8.38 26.40
C TYR A 713 -26.65 9.43 25.37
N TYR A 714 -25.34 9.63 25.17
CA TYR A 714 -24.89 10.62 24.19
C TYR A 714 -25.27 10.23 22.77
N ALA A 715 -25.39 8.92 22.50
CA ALA A 715 -25.80 8.48 21.17
C ALA A 715 -27.27 8.77 20.89
N GLU A 716 -28.09 8.96 21.93
CA GLU A 716 -29.48 9.33 21.76
C GLU A 716 -29.73 10.83 21.90
N LEU A 717 -28.82 11.55 22.55
CA LEU A 717 -29.00 12.99 22.77
C LEU A 717 -28.53 13.80 21.57
N ASN A 718 -27.36 13.47 21.03
CA ASN A 718 -26.80 14.26 19.93
C ASN A 718 -27.71 14.38 18.72
N PRO A 719 -28.44 13.35 18.28
CA PRO A 719 -29.37 13.54 17.14
C PRO A 719 -30.43 14.61 17.39
N LEU A 720 -30.76 14.90 18.65
CA LEU A 720 -31.75 15.92 18.98
C LEU A 720 -31.17 17.33 19.05
N LEU A 721 -29.85 17.47 18.91
CA LEU A 721 -29.19 18.77 19.00
C LEU A 721 -28.88 19.37 17.64
N TYR A 722 -29.38 18.77 16.55
CA TYR A 722 -29.11 19.25 15.20
C TYR A 722 -30.43 19.35 14.45
N HIS A 723 -30.71 20.54 13.93
CA HIS A 723 -31.92 20.77 13.13
C HIS A 723 -31.59 21.74 12.01
N ILE A 724 -32.25 21.53 10.87
CA ILE A 724 -32.07 22.37 9.68
C ILE A 724 -33.45 22.74 9.14
N SER A 725 -33.59 24.00 8.72
CA SER A 725 -34.84 24.48 8.17
C SER A 725 -34.54 25.58 7.15
N PHE A 726 -35.54 25.88 6.32
CA PHE A 726 -35.40 26.86 5.26
C PHE A 726 -36.47 27.94 5.38
N GLN A 727 -36.09 29.16 5.01
CA GLN A 727 -37.01 30.29 4.96
C GLN A 727 -36.72 31.08 3.69
N ARG A 728 -37.78 31.53 3.03
CA ARG A 728 -37.63 32.26 1.78
C ARG A 728 -36.99 33.62 2.04
N ILE A 729 -36.10 34.02 1.12
CA ILE A 729 -35.43 35.31 1.18
C ILE A 729 -35.83 36.11 -0.06
N ALA A 730 -35.78 37.43 0.05
CA ALA A 730 -36.18 38.29 -1.05
C ALA A 730 -35.18 38.21 -2.19
N GLU A 731 -35.67 38.05 -3.42
CA GLU A 731 -34.81 38.04 -4.60
C GLU A 731 -34.04 39.34 -4.74
N LYS A 732 -34.74 40.47 -4.60
CA LYS A 732 -34.12 41.77 -4.76
C LYS A 732 -33.04 42.03 -3.71
N GLU A 733 -33.06 41.31 -2.59
CA GLU A 733 -32.08 41.54 -1.54
C GLU A 733 -30.74 40.90 -1.85
N ILE A 734 -30.73 39.77 -2.56
CA ILE A 734 -29.46 39.12 -2.90
C ILE A 734 -28.79 39.83 -4.07
N MET A 735 -29.56 40.14 -5.12
CA MET A 735 -28.99 40.84 -6.26
C MET A 735 -28.37 42.17 -5.84
N ASP A 736 -28.93 42.80 -4.80
CA ASP A 736 -28.29 43.97 -4.21
C ASP A 736 -26.98 43.58 -3.54
N ALA A 737 -27.00 42.52 -2.72
CA ALA A 737 -25.81 42.07 -2.03
C ALA A 737 -24.77 41.49 -2.98
N VAL A 738 -25.17 41.09 -4.19
CA VAL A 738 -24.22 40.64 -5.20
C VAL A 738 -23.63 41.81 -5.98
N GLU A 739 -24.47 42.80 -6.32
CA GLU A 739 -23.98 43.97 -7.04
C GLU A 739 -23.04 44.80 -6.17
N THR A 740 -23.39 44.98 -4.89
CA THR A 740 -22.54 45.77 -3.99
C THR A 740 -21.26 45.04 -3.63
N GLY A 741 -21.23 43.72 -3.73
CA GLY A 741 -20.07 42.95 -3.32
C GLY A 741 -20.10 42.45 -1.90
N LYS A 742 -21.21 42.64 -1.19
CA LYS A 742 -21.35 42.13 0.17
C LYS A 742 -21.68 40.65 0.21
N LEU A 743 -21.99 40.04 -0.94
CA LEU A 743 -22.32 38.62 -1.01
C LEU A 743 -21.79 38.05 -2.32
N TYR A 744 -20.88 37.09 -2.22
CA TYR A 744 -20.40 36.34 -3.38
C TYR A 744 -21.23 35.07 -3.51
N LEU A 745 -21.88 34.91 -4.66
CA LEU A 745 -22.82 33.82 -4.88
C LEU A 745 -22.29 32.85 -5.93
N PHE A 746 -22.23 31.58 -5.58
CA PHE A 746 -21.86 30.51 -6.49
C PHE A 746 -22.99 29.50 -6.58
N GLN A 747 -22.98 28.71 -7.65
CA GLN A 747 -23.91 27.59 -7.81
C GLN A 747 -23.16 26.30 -7.56
N ILE A 748 -23.52 25.60 -6.49
CA ILE A 748 -23.00 24.27 -6.20
C ILE A 748 -23.40 23.35 -7.36
N TYR A 749 -22.44 22.95 -8.18
CA TYR A 749 -22.73 22.36 -9.47
C TYR A 749 -21.93 21.07 -9.69
N ASN A 750 -22.56 20.13 -10.38
CA ASN A 750 -21.89 18.97 -10.95
C ASN A 750 -22.67 18.55 -12.19
N LYS A 751 -22.27 17.43 -12.81
CA LYS A 751 -22.85 17.03 -14.09
C LYS A 751 -24.34 16.72 -13.98
N ASP A 752 -24.84 16.42 -12.78
CA ASP A 752 -26.26 16.10 -12.62
C ASP A 752 -27.15 17.32 -12.58
N PHE A 753 -26.58 18.53 -12.64
CA PHE A 753 -27.35 19.76 -12.69
C PHE A 753 -27.17 20.51 -13.99
N ALA A 754 -26.48 19.91 -14.97
CA ALA A 754 -26.43 20.48 -16.31
C ALA A 754 -27.82 20.47 -16.93
N LYS A 755 -28.05 21.40 -17.86
CA LYS A 755 -29.37 21.56 -18.44
C LYS A 755 -29.82 20.31 -19.19
N GLY A 756 -28.91 19.70 -19.95
CA GLY A 756 -29.25 18.51 -20.70
C GLY A 756 -29.31 17.23 -19.88
N HIS A 757 -28.96 17.30 -18.60
CA HIS A 757 -28.95 16.10 -17.76
C HIS A 757 -30.32 15.46 -17.71
N HIS A 758 -30.35 14.13 -17.83
CA HIS A 758 -31.61 13.39 -17.85
C HIS A 758 -31.49 11.97 -17.34
N GLY A 759 -30.30 11.52 -16.93
CA GLY A 759 -30.09 10.15 -16.50
C GLY A 759 -29.96 10.03 -14.99
N LYS A 760 -29.50 8.86 -14.57
CA LYS A 760 -29.36 8.57 -13.15
C LYS A 760 -28.32 9.50 -12.53
N PRO A 761 -28.51 9.90 -11.28
CA PRO A 761 -27.55 10.80 -10.63
C PRO A 761 -26.34 10.05 -10.10
N ASN A 762 -25.27 10.79 -9.90
CA ASN A 762 -24.13 10.26 -9.19
C ASN A 762 -24.52 9.95 -7.75
N LEU A 763 -23.88 8.93 -7.18
CA LEU A 763 -24.21 8.52 -5.82
C LEU A 763 -23.98 9.64 -4.82
N HIS A 764 -22.98 10.49 -5.06
CA HIS A 764 -22.73 11.62 -4.15
C HIS A 764 -23.86 12.62 -4.20
N THR A 765 -24.45 12.83 -5.38
CA THR A 765 -25.54 13.79 -5.49
C THR A 765 -26.84 13.25 -4.90
N LEU A 766 -27.00 11.93 -4.89
CA LEU A 766 -28.14 11.35 -4.17
C LEU A 766 -27.98 11.57 -2.67
N TYR A 767 -26.74 11.53 -2.17
CA TYR A 767 -26.49 11.94 -0.80
C TYR A 767 -26.88 13.40 -0.58
N TRP A 768 -26.59 14.25 -1.56
CA TRP A 768 -26.83 15.68 -1.41
C TRP A 768 -28.32 16.00 -1.47
N THR A 769 -29.01 15.53 -2.52
CA THR A 769 -30.45 15.78 -2.61
C THR A 769 -31.21 15.06 -1.50
N GLY A 770 -30.74 13.88 -1.09
CA GLY A 770 -31.36 13.21 0.04
C GLY A 770 -31.16 13.94 1.35
N LEU A 771 -30.04 14.67 1.47
CA LEU A 771 -29.80 15.45 2.68
C LEU A 771 -30.85 16.55 2.84
N PHE A 772 -31.24 17.19 1.74
CA PHE A 772 -32.19 18.30 1.77
C PHE A 772 -33.60 17.86 1.39
N SER A 773 -33.86 16.57 1.28
CA SER A 773 -35.21 16.10 1.03
C SER A 773 -36.08 16.36 2.25
N PRO A 774 -37.36 16.70 2.07
CA PRO A 774 -38.21 17.01 3.23
C PRO A 774 -38.32 15.88 4.22
N GLU A 775 -38.18 14.63 3.76
CA GLU A 775 -38.24 13.50 4.68
C GLU A 775 -37.00 13.43 5.57
N ASN A 776 -35.88 14.00 5.13
CA ASN A 776 -34.68 13.98 5.95
C ASN A 776 -34.65 15.16 6.92
N LEU A 777 -35.31 16.28 6.58
CA LEU A 777 -35.36 17.41 7.49
C LEU A 777 -36.24 17.11 8.71
N ALA A 778 -37.24 16.26 8.55
CA ALA A 778 -38.05 15.85 9.70
C ALA A 778 -37.28 14.91 10.61
N LYS A 779 -36.80 13.80 10.06
CA LYS A 779 -35.98 12.82 10.79
C LYS A 779 -34.62 12.79 10.12
N THR A 780 -33.58 13.22 10.84
CA THR A 780 -32.26 13.40 10.25
C THR A 780 -31.56 12.06 10.07
N SER A 781 -31.30 11.70 8.81
CA SER A 781 -30.44 10.58 8.48
C SER A 781 -29.07 11.02 7.96
N ILE A 782 -29.03 12.10 7.20
CA ILE A 782 -27.80 12.67 6.68
C ILE A 782 -27.65 14.08 7.25
N LYS A 783 -26.48 14.37 7.82
CA LYS A 783 -26.20 15.66 8.43
C LYS A 783 -25.17 16.42 7.59
N LEU A 784 -25.37 17.72 7.47
CA LEU A 784 -24.40 18.60 6.82
C LEU A 784 -23.37 19.04 7.85
N ASN A 785 -22.11 18.69 7.62
CA ASN A 785 -21.03 18.97 8.55
C ASN A 785 -20.31 20.27 8.19
N GLY A 786 -19.63 20.83 9.18
CA GLY A 786 -18.86 22.03 9.00
C GLY A 786 -17.46 21.76 8.50
N GLN A 787 -16.60 22.76 8.62
CA GLN A 787 -15.21 22.70 8.15
C GLN A 787 -15.16 22.33 6.66
N ALA A 788 -15.91 23.08 5.86
CA ALA A 788 -15.84 22.94 4.42
C ALA A 788 -14.70 23.82 3.87
N GLU A 789 -14.31 23.54 2.63
CA GLU A 789 -13.22 24.26 2.00
C GLU A 789 -13.62 24.70 0.60
N LEU A 790 -12.96 25.76 0.14
CA LEU A 790 -13.13 26.29 -1.21
C LEU A 790 -11.77 26.32 -1.88
N PHE A 791 -11.73 25.92 -3.15
CA PHE A 791 -10.48 25.84 -3.90
C PHE A 791 -10.61 26.57 -5.23
N TYR A 792 -9.45 26.89 -5.80
CA TYR A 792 -9.37 27.57 -7.10
C TYR A 792 -8.16 27.01 -7.83
N ARG A 793 -8.40 26.12 -8.79
CA ARG A 793 -7.27 25.63 -9.57
C ARG A 793 -7.23 26.33 -10.93
N PRO A 794 -6.09 26.87 -11.32
CA PRO A 794 -6.03 27.60 -12.61
C PRO A 794 -6.08 26.68 -13.81
N LYS A 795 -5.99 27.26 -15.01
CA LYS A 795 -5.96 26.47 -16.22
C LYS A 795 -4.71 25.60 -16.25
N SER A 796 -4.85 24.38 -16.77
CA SER A 796 -3.77 23.41 -16.73
C SER A 796 -3.30 22.97 -18.11
N ARG A 797 -4.20 22.73 -19.05
CA ARG A 797 -3.85 22.23 -20.37
C ARG A 797 -4.24 23.26 -21.42
N MET A 798 -4.04 22.88 -22.68
CA MET A 798 -4.41 23.72 -23.81
C MET A 798 -5.33 22.98 -24.77
N GLU A 807 -14.94 18.37 -38.22
CA GLU A 807 -14.25 17.09 -38.10
C GLU A 807 -15.23 15.93 -38.03
N LYS A 808 -14.79 14.84 -37.41
CA LYS A 808 -15.61 13.64 -37.31
C LYS A 808 -15.10 12.81 -36.14
N MET A 809 -15.99 11.97 -35.59
CA MET A 809 -15.66 11.13 -34.46
C MET A 809 -16.13 9.70 -34.72
N LEU A 810 -15.59 8.78 -33.93
CA LEU A 810 -15.74 7.35 -34.16
C LEU A 810 -16.18 6.65 -32.89
N ASN A 811 -17.18 5.78 -32.99
CA ASN A 811 -17.61 4.97 -31.86
C ASN A 811 -16.55 3.93 -31.52
N LYS A 812 -16.39 3.66 -30.21
CA LYS A 812 -15.47 2.62 -29.80
C LYS A 812 -16.03 1.23 -30.07
N LYS A 813 -17.35 1.07 -29.96
CA LYS A 813 -18.02 -0.19 -30.25
C LYS A 813 -18.54 -0.20 -31.69
N LEU A 814 -18.84 -1.40 -32.18
CA LEU A 814 -19.26 -1.58 -33.57
C LEU A 814 -20.71 -1.13 -33.75
N LYS A 815 -21.31 -1.50 -34.88
CA LYS A 815 -22.71 -1.18 -35.12
C LYS A 815 -23.61 -1.85 -34.09
N ASP A 816 -23.28 -3.10 -33.73
CA ASP A 816 -23.84 -3.68 -32.52
C ASP A 816 -23.05 -3.16 -31.33
N GLN A 817 -23.76 -2.76 -30.27
CA GLN A 817 -23.13 -2.04 -29.18
C GLN A 817 -22.27 -2.93 -28.29
N LYS A 818 -22.22 -4.24 -28.54
CA LYS A 818 -21.57 -5.17 -27.62
C LYS A 818 -20.07 -5.31 -27.89
N THR A 819 -19.68 -5.50 -29.16
CA THR A 819 -18.28 -5.80 -29.46
C THR A 819 -17.51 -4.53 -29.79
N PRO A 820 -16.34 -4.32 -29.21
CA PRO A 820 -15.58 -3.10 -29.47
C PRO A 820 -14.55 -3.25 -30.57
N ILE A 821 -14.07 -2.13 -31.10
CA ILE A 821 -12.98 -2.14 -32.06
C ILE A 821 -11.66 -2.32 -31.31
N PRO A 822 -10.77 -3.20 -31.77
CA PRO A 822 -9.46 -3.32 -31.12
C PRO A 822 -8.70 -1.99 -31.17
N ASP A 823 -7.86 -1.77 -30.15
CA ASP A 823 -7.11 -0.52 -30.07
C ASP A 823 -6.15 -0.37 -31.23
N THR A 824 -5.68 -1.48 -31.80
CA THR A 824 -4.78 -1.40 -32.94
C THR A 824 -5.50 -0.88 -34.18
N LEU A 825 -6.80 -1.14 -34.31
CA LEU A 825 -7.57 -0.74 -35.48
C LEU A 825 -8.38 0.52 -35.27
N TYR A 826 -8.54 0.98 -34.02
CA TYR A 826 -9.39 2.15 -33.77
C TYR A 826 -8.73 3.43 -34.28
N GLN A 827 -7.49 3.67 -33.87
CA GLN A 827 -6.81 4.89 -34.30
C GLN A 827 -6.58 4.90 -35.81
N GLU A 828 -6.51 3.72 -36.43
CA GLU A 828 -6.34 3.66 -37.88
C GLU A 828 -7.65 4.00 -38.59
N LEU A 829 -8.78 3.59 -38.02
CA LEU A 829 -10.07 3.93 -38.62
C LEU A 829 -10.44 5.38 -38.36
N TYR A 830 -10.13 5.90 -37.17
CA TYR A 830 -10.42 7.30 -36.86
C TYR A 830 -9.65 8.24 -37.77
N ASP A 831 -8.42 7.87 -38.12
CA ASP A 831 -7.65 8.68 -39.06
C ASP A 831 -8.18 8.58 -40.48
N TYR A 832 -8.94 7.52 -40.79
CA TYR A 832 -9.44 7.30 -42.14
C TYR A 832 -10.75 8.04 -42.39
N VAL A 833 -11.70 7.95 -41.46
CA VAL A 833 -12.97 8.66 -41.61
C VAL A 833 -12.77 10.18 -41.53
N ASN A 834 -11.68 10.63 -40.93
CA ASN A 834 -11.30 12.04 -40.94
C ASN A 834 -10.48 12.41 -42.17
N HIS A 835 -10.18 11.44 -43.04
CA HIS A 835 -9.45 11.68 -44.28
C HIS A 835 -8.08 12.31 -44.03
N ARG A 836 -7.37 11.79 -43.03
CA ARG A 836 -6.00 12.21 -42.75
C ARG A 836 -5.06 11.03 -42.58
N LEU A 837 -5.45 9.85 -43.06
CA LEU A 837 -4.56 8.70 -43.06
C LEU A 837 -3.61 8.78 -44.24
N SER A 838 -2.31 8.67 -43.97
CA SER A 838 -1.27 8.90 -44.96
C SER A 838 -0.81 7.62 -45.64
N HIS A 839 -1.64 6.57 -45.67
CA HIS A 839 -1.27 5.32 -46.30
C HIS A 839 -2.53 4.52 -46.60
N ASP A 840 -2.34 3.31 -47.11
CA ASP A 840 -3.46 2.45 -47.46
C ASP A 840 -4.11 1.90 -46.19
N LEU A 841 -5.44 1.77 -46.24
CA LEU A 841 -6.20 1.25 -45.11
C LEU A 841 -6.06 -0.27 -45.07
N SER A 842 -5.77 -0.81 -43.88
CA SER A 842 -5.43 -2.22 -43.75
C SER A 842 -6.64 -3.10 -44.06
N ASP A 843 -6.37 -4.40 -44.15
CA ASP A 843 -7.39 -5.35 -44.60
C ASP A 843 -8.53 -5.48 -43.61
N GLU A 844 -8.22 -5.90 -42.37
CA GLU A 844 -9.27 -6.13 -41.39
C GLU A 844 -9.97 -4.84 -41.00
N ALA A 845 -9.25 -3.71 -41.03
CA ALA A 845 -9.89 -2.43 -40.73
C ALA A 845 -10.88 -2.03 -41.83
N ARG A 846 -10.64 -2.47 -43.06
CA ARG A 846 -11.60 -2.20 -44.13
C ARG A 846 -12.77 -3.17 -44.09
N ALA A 847 -12.55 -4.37 -43.54
CA ALA A 847 -13.66 -5.30 -43.35
C ALA A 847 -14.60 -4.83 -42.25
N LEU A 848 -14.09 -4.05 -41.30
CA LEU A 848 -14.90 -3.48 -40.23
C LEU A 848 -15.50 -2.12 -40.61
N LEU A 849 -15.21 -1.61 -41.80
CA LEU A 849 -15.75 -0.31 -42.19
C LEU A 849 -17.27 -0.27 -42.27
N PRO A 850 -17.96 -1.22 -42.92
CA PRO A 850 -19.42 -1.10 -43.03
C PRO A 850 -20.14 -1.21 -41.69
N ASN A 851 -19.60 -1.96 -40.74
CA ASN A 851 -20.24 -2.17 -39.45
C ASN A 851 -19.78 -1.16 -38.39
N VAL A 852 -19.26 -0.02 -38.80
CA VAL A 852 -18.75 0.98 -37.88
C VAL A 852 -19.78 2.10 -37.75
N ILE A 853 -19.80 2.73 -36.59
CA ILE A 853 -20.71 3.82 -36.28
C ILE A 853 -19.92 5.11 -36.18
N THR A 854 -20.33 6.12 -36.94
CA THR A 854 -19.65 7.40 -37.01
C THR A 854 -20.57 8.51 -36.53
N LYS A 855 -20.04 9.40 -35.70
CA LYS A 855 -20.77 10.55 -35.20
C LYS A 855 -20.26 11.82 -35.85
N GLU A 856 -21.19 12.72 -36.18
CA GLU A 856 -20.85 14.01 -36.75
C GLU A 856 -20.66 15.04 -35.64
N VAL A 857 -19.58 15.81 -35.73
CA VAL A 857 -19.26 16.81 -34.71
C VAL A 857 -20.27 17.95 -34.79
N SER A 858 -21.32 17.87 -33.96
CA SER A 858 -22.28 18.95 -33.84
C SER A 858 -21.85 20.01 -32.84
N HIS A 859 -20.96 19.66 -31.91
CA HIS A 859 -20.44 20.59 -30.92
C HIS A 859 -19.10 20.08 -30.45
N GLU A 860 -18.20 21.00 -30.14
CA GLU A 860 -16.82 20.65 -29.80
C GLU A 860 -16.76 19.89 -28.48
N ILE A 861 -16.13 18.72 -28.52
CA ILE A 861 -15.86 17.92 -27.33
C ILE A 861 -14.35 17.90 -27.14
N ILE A 862 -13.88 18.60 -26.11
CA ILE A 862 -12.46 18.85 -25.92
C ILE A 862 -11.94 17.97 -24.78
N LYS A 863 -10.85 17.26 -25.04
CA LYS A 863 -10.21 16.43 -24.03
C LYS A 863 -9.72 17.29 -22.87
N ASP A 864 -10.04 16.87 -21.65
CA ASP A 864 -9.66 17.56 -20.43
C ASP A 864 -10.14 19.02 -20.44
N ARG A 865 -11.46 19.17 -20.57
CA ARG A 865 -12.04 20.51 -20.70
C ARG A 865 -12.07 21.24 -19.36
N ARG A 866 -12.13 20.52 -18.24
CA ARG A 866 -12.17 21.18 -16.95
C ARG A 866 -10.87 21.91 -16.63
N PHE A 867 -9.75 21.40 -17.16
CA PHE A 867 -8.44 21.96 -16.84
C PHE A 867 -8.00 23.07 -17.80
N THR A 868 -8.76 23.32 -18.85
CA THR A 868 -8.40 24.38 -19.80
C THR A 868 -8.80 25.76 -19.32
N SER A 869 -9.66 25.86 -18.30
CA SER A 869 -10.12 27.14 -17.78
C SER A 869 -10.06 27.13 -16.26
N ASP A 870 -10.08 28.33 -15.69
CA ASP A 870 -10.07 28.46 -14.24
C ASP A 870 -11.45 28.13 -13.67
N LYS A 871 -11.47 27.40 -12.56
CA LYS A 871 -12.71 26.98 -11.93
C LYS A 871 -12.57 27.03 -10.42
N PHE A 872 -13.69 27.26 -9.75
CA PHE A 872 -13.79 27.19 -8.30
C PHE A 872 -14.33 25.82 -7.90
N PHE A 873 -14.00 25.39 -6.68
CA PHE A 873 -14.40 24.07 -6.22
C PHE A 873 -14.78 24.14 -4.74
N PHE A 874 -15.66 23.21 -4.35
CA PHE A 874 -16.30 23.23 -3.05
C PHE A 874 -16.29 21.82 -2.47
N HIS A 875 -15.59 21.64 -1.36
CA HIS A 875 -15.53 20.36 -0.66
C HIS A 875 -16.29 20.49 0.65
N VAL A 876 -17.30 19.65 0.84
CA VAL A 876 -18.13 19.72 2.04
C VAL A 876 -18.35 18.31 2.59
N PRO A 877 -18.11 18.09 3.88
CA PRO A 877 -18.33 16.76 4.47
C PRO A 877 -19.74 16.60 5.00
N ILE A 878 -20.19 15.33 5.01
CA ILE A 878 -21.49 14.95 5.53
C ILE A 878 -21.32 13.72 6.41
N THR A 879 -22.40 13.37 7.12
CA THR A 879 -22.42 12.20 7.99
C THR A 879 -23.70 11.43 7.72
N LEU A 880 -23.57 10.17 7.32
CA LEU A 880 -24.70 9.29 7.10
C LEU A 880 -24.94 8.42 8.33
N ASN A 881 -26.15 7.90 8.43
CA ASN A 881 -26.62 7.18 9.62
C ASN A 881 -26.42 8.03 10.87
N TYR A 882 -27.02 9.22 10.85
CA TYR A 882 -26.80 10.17 11.94
C TYR A 882 -27.54 9.77 13.21
N GLN A 883 -28.63 9.00 13.09
CA GLN A 883 -29.34 8.54 14.27
C GLN A 883 -28.54 7.53 15.08
N ALA A 884 -27.61 6.81 14.45
CA ALA A 884 -26.83 5.80 15.14
C ALA A 884 -25.69 6.42 15.94
N ALA A 885 -25.03 5.58 16.73
CA ALA A 885 -23.92 6.03 17.56
C ALA A 885 -22.69 6.33 16.69
N ASN A 886 -21.67 6.91 17.34
CA ASN A 886 -20.44 7.23 16.64
C ASN A 886 -19.67 5.97 16.27
N SER A 887 -19.81 4.91 17.06
CA SER A 887 -19.16 3.63 16.81
C SER A 887 -20.12 2.52 17.17
N PRO A 888 -20.03 1.37 16.50
CA PRO A 888 -20.91 0.24 16.81
C PRO A 888 -20.44 -0.48 18.07
N SER A 889 -21.32 -1.36 18.56
CA SER A 889 -21.01 -2.20 19.71
C SER A 889 -21.35 -3.64 19.34
N LYS A 890 -20.34 -4.51 19.38
CA LYS A 890 -20.49 -5.93 19.06
C LYS A 890 -21.09 -6.12 17.66
N PHE A 891 -20.40 -5.53 16.67
CA PHE A 891 -20.90 -5.60 15.30
C PHE A 891 -20.76 -7.01 14.73
N ASN A 892 -19.61 -7.64 14.94
CA ASN A 892 -19.42 -9.00 14.44
C ASN A 892 -20.37 -9.97 15.13
N GLN A 893 -20.63 -9.76 16.43
CA GLN A 893 -21.58 -10.62 17.13
C GLN A 893 -23.00 -10.42 16.63
N ARG A 894 -23.35 -9.21 16.21
CA ARG A 894 -24.65 -8.98 15.60
C ARG A 894 -24.77 -9.71 14.26
N VAL A 895 -23.69 -9.72 13.48
CA VAL A 895 -23.70 -10.45 12.21
C VAL A 895 -23.76 -11.94 12.46
N ASN A 896 -22.98 -12.44 13.42
CA ASN A 896 -22.94 -13.87 13.70
C ASN A 896 -24.27 -14.37 14.24
N ALA A 897 -25.03 -13.51 14.91
CA ALA A 897 -26.37 -13.91 15.35
C ALA A 897 -27.30 -14.11 14.16
N TYR A 898 -27.14 -13.31 13.11
CA TYR A 898 -27.92 -13.49 11.90
C TYR A 898 -27.52 -14.77 11.18
N LEU A 899 -26.23 -15.08 11.15
CA LEU A 899 -25.76 -16.25 10.42
C LEU A 899 -26.22 -17.54 11.07
N LYS A 900 -26.36 -17.56 12.40
CA LYS A 900 -26.84 -18.77 13.05
C LYS A 900 -28.33 -18.98 12.82
N GLU A 901 -29.08 -17.91 12.55
CA GLU A 901 -30.49 -18.02 12.21
C GLU A 901 -30.73 -18.20 10.72
N HIS A 902 -29.70 -18.02 9.88
CA HIS A 902 -29.81 -18.18 8.44
C HIS A 902 -28.73 -19.16 8.00
N PRO A 903 -28.92 -20.46 8.25
CA PRO A 903 -27.88 -21.44 7.91
C PRO A 903 -27.62 -21.55 6.42
N GLU A 904 -28.58 -21.21 5.57
CA GLU A 904 -28.44 -21.34 4.13
C GLU A 904 -27.85 -20.11 3.47
N THR A 905 -27.17 -19.25 4.23
CA THR A 905 -26.54 -18.07 3.66
C THR A 905 -25.38 -18.49 2.75
N PRO A 906 -25.41 -18.16 1.47
CA PRO A 906 -24.32 -18.57 0.58
C PRO A 906 -23.02 -17.82 0.85
N ILE A 907 -21.96 -18.20 0.14
CA ILE A 907 -20.62 -17.69 0.38
C ILE A 907 -20.00 -17.29 -0.95
N ILE A 908 -19.42 -16.09 -1.00
CA ILE A 908 -18.76 -15.58 -2.19
C ILE A 908 -17.27 -15.51 -1.88
N GLY A 909 -16.49 -16.38 -2.52
CA GLY A 909 -15.07 -16.47 -2.28
C GLY A 909 -14.29 -15.71 -3.34
N ILE A 910 -13.60 -14.67 -2.91
CA ILE A 910 -12.77 -13.85 -3.79
C ILE A 910 -11.32 -14.28 -3.59
N ASP A 911 -10.60 -14.49 -4.70
CA ASP A 911 -9.25 -15.01 -4.67
C ASP A 911 -8.38 -14.20 -5.62
N ARG A 912 -7.10 -14.10 -5.28
CA ARG A 912 -6.10 -13.47 -6.15
C ARG A 912 -5.44 -14.58 -6.97
N GLY A 913 -5.72 -14.60 -8.27
CA GLY A 913 -5.17 -15.63 -9.14
C GLY A 913 -3.82 -15.27 -9.72
N GLU A 914 -3.14 -16.28 -10.25
CA GLU A 914 -1.84 -16.05 -10.88
C GLU A 914 -1.99 -15.49 -12.28
N ARG A 915 -2.94 -16.02 -13.05
CA ARG A 915 -3.24 -15.50 -14.38
C ARG A 915 -4.54 -14.70 -14.42
N ASN A 916 -5.10 -14.38 -13.25
CA ASN A 916 -6.29 -13.55 -13.15
C ASN A 916 -6.11 -12.55 -12.03
N LEU A 917 -6.49 -11.29 -12.29
CA LEU A 917 -6.40 -10.27 -11.25
C LEU A 917 -7.27 -10.63 -10.06
N ILE A 918 -8.55 -10.89 -10.30
CA ILE A 918 -9.49 -11.30 -9.26
C ILE A 918 -10.34 -12.43 -9.82
N TYR A 919 -10.47 -13.51 -9.04
CA TYR A 919 -11.34 -14.63 -9.39
C TYR A 919 -12.33 -14.85 -8.26
N ILE A 920 -13.61 -14.91 -8.60
CA ILE A 920 -14.66 -15.09 -7.61
C ILE A 920 -15.33 -16.45 -7.83
N THR A 921 -15.86 -16.99 -6.75
CA THR A 921 -16.58 -18.26 -6.79
C THR A 921 -17.67 -18.23 -5.73
N VAL A 922 -18.92 -18.36 -6.16
CA VAL A 922 -20.06 -18.34 -5.26
C VAL A 922 -20.53 -19.76 -5.02
N ILE A 923 -20.65 -20.13 -3.75
CA ILE A 923 -21.15 -21.44 -3.35
C ILE A 923 -22.33 -21.23 -2.41
N ASP A 924 -23.15 -22.26 -2.28
CA ASP A 924 -24.25 -22.22 -1.33
C ASP A 924 -23.74 -22.68 0.04
N SER A 925 -24.67 -22.92 0.97
CA SER A 925 -24.28 -23.27 2.32
C SER A 925 -23.65 -24.65 2.43
N THR A 926 -23.89 -25.53 1.46
CA THR A 926 -23.41 -26.90 1.55
C THR A 926 -22.18 -27.18 0.71
N GLY A 927 -21.73 -26.22 -0.10
CA GLY A 927 -20.51 -26.35 -0.86
C GLY A 927 -20.67 -26.45 -2.35
N LYS A 928 -21.90 -26.60 -2.85
CA LYS A 928 -22.11 -26.69 -4.29
C LYS A 928 -21.84 -25.34 -4.96
N ILE A 929 -21.07 -25.36 -6.03
CA ILE A 929 -20.76 -24.12 -6.74
C ILE A 929 -22.01 -23.61 -7.46
N LEU A 930 -22.35 -22.35 -7.22
CA LEU A 930 -23.47 -21.72 -7.90
C LEU A 930 -23.04 -20.80 -9.03
N GLU A 931 -21.80 -20.30 -8.99
CA GLU A 931 -21.34 -19.31 -9.95
C GLU A 931 -19.84 -19.10 -9.81
N GLN A 932 -19.11 -19.13 -10.93
CA GLN A 932 -17.67 -18.91 -10.92
C GLN A 932 -17.28 -18.13 -12.16
N ARG A 933 -16.37 -17.16 -11.99
CA ARG A 933 -16.05 -16.24 -13.06
C ARG A 933 -14.71 -15.56 -12.75
N SER A 934 -13.97 -15.27 -13.80
CA SER A 934 -12.77 -14.44 -13.70
C SER A 934 -13.12 -12.99 -14.00
N LEU A 935 -12.51 -12.07 -13.24
CA LEU A 935 -12.77 -10.65 -13.41
C LEU A 935 -11.63 -9.93 -14.13
N ASN A 936 -10.86 -10.66 -14.95
CA ASN A 936 -9.89 -10.01 -15.81
C ASN A 936 -10.55 -9.05 -16.78
N THR A 937 -11.76 -9.37 -17.23
CA THR A 937 -12.51 -8.54 -18.15
C THR A 937 -13.96 -8.46 -17.69
N ILE A 938 -14.50 -7.25 -17.65
CA ILE A 938 -15.89 -7.01 -17.28
C ILE A 938 -16.46 -5.93 -18.18
N GLN A 939 -17.71 -6.09 -18.59
CA GLN A 939 -18.37 -5.20 -19.54
C GLN A 939 -17.62 -5.16 -20.87
N GLN A 940 -17.06 -6.32 -21.25
CA GLN A 940 -16.36 -6.49 -22.53
C GLN A 940 -15.13 -5.59 -22.64
N PHE A 941 -14.44 -5.34 -21.53
CA PHE A 941 -13.20 -4.57 -21.52
C PHE A 941 -12.16 -5.35 -20.73
N ASP A 942 -11.04 -5.68 -21.40
CA ASP A 942 -9.96 -6.47 -20.79
C ASP A 942 -9.11 -5.53 -19.94
N TYR A 943 -9.45 -5.42 -18.65
CA TYR A 943 -8.69 -4.57 -17.75
C TYR A 943 -7.33 -5.16 -17.41
N GLN A 944 -7.16 -6.48 -17.52
CA GLN A 944 -5.86 -7.09 -17.24
C GLN A 944 -4.83 -6.69 -18.28
N LYS A 945 -5.18 -6.81 -19.57
CA LYS A 945 -4.26 -6.40 -20.62
C LYS A 945 -4.00 -4.91 -20.58
N LYS A 946 -5.03 -4.12 -20.28
CA LYS A 946 -4.86 -2.67 -20.18
C LYS A 946 -3.93 -2.30 -19.03
N LEU A 947 -4.11 -2.94 -17.87
CA LEU A 947 -3.23 -2.69 -16.74
C LEU A 947 -1.81 -3.16 -17.02
N ASP A 948 -1.68 -4.32 -17.67
CA ASP A 948 -0.35 -4.85 -17.95
C ASP A 948 0.37 -4.01 -19.00
N ASN A 949 -0.37 -3.59 -20.05
CA ASN A 949 0.23 -2.71 -21.05
C ASN A 949 0.57 -1.35 -20.45
N ARG A 950 -0.22 -0.88 -19.48
CA ARG A 950 0.09 0.40 -18.84
C ARG A 950 1.36 0.31 -18.02
N GLU A 951 1.55 -0.80 -17.30
CA GLU A 951 2.77 -0.97 -16.52
C GLU A 951 3.99 -1.10 -17.41
N LYS A 952 3.85 -1.72 -18.59
CA LYS A 952 4.95 -1.78 -19.53
C LYS A 952 5.31 -0.38 -20.04
N GLU A 953 4.30 0.44 -20.31
CA GLU A 953 4.56 1.80 -20.77
C GLU A 953 5.26 2.64 -19.71
N ARG A 954 4.87 2.46 -18.44
CA ARG A 954 5.47 3.24 -17.37
C ARG A 954 6.92 2.80 -17.12
N VAL A 955 7.20 1.52 -17.26
CA VAL A 955 8.58 1.04 -17.11
C VAL A 955 9.45 1.58 -18.24
N ALA A 956 8.96 1.53 -19.48
CA ALA A 956 9.71 2.07 -20.60
C ALA A 956 9.87 3.58 -20.48
N ALA A 957 8.92 4.26 -19.84
CA ALA A 957 9.03 5.71 -19.67
C ALA A 957 10.17 6.07 -18.73
N ARG A 958 10.36 5.31 -17.66
CA ARG A 958 11.47 5.57 -16.76
C ARG A 958 12.82 5.27 -17.43
N GLN A 959 12.85 4.28 -18.31
CA GLN A 959 14.09 3.94 -19.00
C GLN A 959 14.43 4.94 -20.09
N ALA A 960 13.42 5.58 -20.69
CA ALA A 960 13.61 6.53 -21.77
C ALA A 960 13.58 7.97 -21.29
N TRP A 961 13.61 8.20 -19.97
CA TRP A 961 13.58 9.53 -19.37
C TRP A 961 12.33 10.32 -19.76
N SER A 962 11.26 9.63 -20.11
CA SER A 962 10.00 10.27 -20.45
C SER A 962 9.12 10.41 -19.21
N VAL A 963 7.99 11.09 -19.39
CA VAL A 963 7.03 11.22 -18.29
C VAL A 963 6.43 9.86 -18.00
N VAL A 964 6.37 9.51 -16.71
CA VAL A 964 5.95 8.16 -16.32
C VAL A 964 4.43 8.02 -16.48
N GLY A 965 3.68 8.83 -15.75
CA GLY A 965 2.23 8.78 -15.78
C GLY A 965 1.67 8.20 -14.49
N THR A 966 0.41 7.80 -14.57
CA THR A 966 -0.34 7.31 -13.42
C THR A 966 -1.02 5.99 -13.77
N ILE A 967 -0.86 5.00 -12.90
CA ILE A 967 -1.60 3.75 -13.00
C ILE A 967 -2.65 3.60 -11.90
N LYS A 968 -2.57 4.41 -10.84
CA LYS A 968 -3.53 4.28 -9.74
C LYS A 968 -4.93 4.71 -10.17
N ASP A 969 -5.05 5.64 -11.12
CA ASP A 969 -6.36 6.03 -11.60
C ASP A 969 -7.00 4.93 -12.44
N LEU A 970 -6.18 4.13 -13.13
CA LEU A 970 -6.71 3.00 -13.88
C LEU A 970 -7.07 1.83 -12.98
N LYS A 971 -6.34 1.65 -11.88
CA LYS A 971 -6.67 0.59 -10.93
C LYS A 971 -8.00 0.85 -10.25
N GLN A 972 -8.20 2.06 -9.74
CA GLN A 972 -9.45 2.39 -9.06
C GLN A 972 -10.64 2.25 -9.98
N GLY A 973 -10.50 2.68 -11.24
CA GLY A 973 -11.58 2.53 -12.19
C GLY A 973 -11.95 1.08 -12.44
N TYR A 974 -10.95 0.20 -12.47
CA TYR A 974 -11.22 -1.23 -12.61
C TYR A 974 -11.84 -1.79 -11.35
N LEU A 975 -11.27 -1.49 -10.18
CA LEU A 975 -11.78 -2.02 -8.93
C LEU A 975 -13.20 -1.52 -8.64
N SER A 976 -13.53 -0.30 -9.08
CA SER A 976 -14.90 0.19 -8.91
C SER A 976 -15.88 -0.69 -9.65
N GLN A 977 -15.55 -1.09 -10.88
CA GLN A 977 -16.40 -2.04 -11.60
C GLN A 977 -16.44 -3.38 -10.89
N VAL A 978 -15.35 -3.77 -10.21
CA VAL A 978 -15.34 -5.00 -9.44
C VAL A 978 -16.19 -4.85 -8.18
N ILE A 979 -16.04 -3.71 -7.48
CA ILE A 979 -16.84 -3.46 -6.29
C ILE A 979 -18.33 -3.47 -6.63
N HIS A 980 -18.68 -2.93 -7.79
CA HIS A 980 -20.09 -2.93 -8.22
C HIS A 980 -20.59 -4.36 -8.40
N GLU A 981 -19.79 -5.23 -9.00
CA GLU A 981 -20.26 -6.58 -9.29
C GLU A 981 -20.31 -7.44 -8.04
N ILE A 982 -19.42 -7.21 -7.07
CA ILE A 982 -19.38 -8.04 -5.88
C ILE A 982 -20.57 -7.74 -4.97
N VAL A 983 -20.87 -6.46 -4.76
CA VAL A 983 -21.97 -6.11 -3.85
C VAL A 983 -23.32 -6.51 -4.44
N ASP A 984 -23.43 -6.53 -5.78
CA ASP A 984 -24.66 -7.03 -6.39
C ASP A 984 -24.86 -8.50 -6.09
N LEU A 985 -23.81 -9.31 -6.26
CA LEU A 985 -23.87 -10.71 -5.86
C LEU A 985 -24.09 -10.85 -4.36
N MET A 986 -23.58 -9.90 -3.57
CA MET A 986 -23.76 -9.97 -2.12
C MET A 986 -25.20 -9.70 -1.73
N ILE A 987 -25.83 -8.70 -2.34
CA ILE A 987 -27.20 -8.36 -1.97
C ILE A 987 -28.19 -9.34 -2.57
N HIS A 988 -27.96 -9.76 -3.82
CA HIS A 988 -28.84 -10.73 -4.46
C HIS A 988 -28.87 -12.05 -3.68
N TYR A 989 -27.70 -12.50 -3.22
CA TYR A 989 -27.62 -13.76 -2.48
C TYR A 989 -27.73 -13.59 -0.97
N GLN A 990 -27.65 -12.37 -0.46
CA GLN A 990 -27.56 -12.12 0.97
C GLN A 990 -26.43 -12.95 1.59
N ALA A 991 -25.27 -12.91 0.93
CA ALA A 991 -24.21 -13.87 1.12
C ALA A 991 -23.06 -13.27 1.93
N VAL A 992 -22.07 -14.12 2.21
CA VAL A 992 -20.88 -13.76 2.95
C VAL A 992 -19.70 -13.74 1.98
N VAL A 993 -18.86 -12.71 2.10
CA VAL A 993 -17.66 -12.56 1.27
C VAL A 993 -16.45 -12.99 2.08
N VAL A 994 -15.65 -13.88 1.50
CA VAL A 994 -14.42 -14.35 2.12
C VAL A 994 -13.24 -13.92 1.26
N LEU A 995 -12.18 -13.46 1.91
CA LEU A 995 -10.98 -12.98 1.25
C LEU A 995 -9.76 -13.70 1.79
N GLU A 996 -8.61 -13.42 1.19
CA GLU A 996 -7.34 -13.93 1.69
C GLU A 996 -6.83 -13.04 2.83
N ASN A 997 -6.16 -13.67 3.79
CA ASN A 997 -5.47 -12.96 4.86
C ASN A 997 -4.01 -12.81 4.46
N LEU A 998 -3.49 -11.59 4.56
CA LEU A 998 -2.14 -11.29 4.13
C LEU A 998 -1.19 -11.18 5.32
N ALA A 1013 -1.05 -5.73 -4.29
CA ALA A 1013 -1.25 -4.45 -4.97
C ALA A 1013 -2.72 -4.27 -5.35
N VAL A 1014 -3.12 -4.90 -6.45
CA VAL A 1014 -4.51 -4.82 -6.90
C VAL A 1014 -5.44 -5.46 -5.87
N TYR A 1015 -4.96 -6.47 -5.15
CA TYR A 1015 -5.80 -7.16 -4.18
C TYR A 1015 -5.91 -6.40 -2.87
N GLN A 1016 -4.81 -5.78 -2.42
CA GLN A 1016 -4.86 -5.00 -1.18
C GLN A 1016 -5.78 -3.80 -1.33
N GLN A 1017 -5.75 -3.14 -2.49
CA GLN A 1017 -6.64 -2.00 -2.72
C GLN A 1017 -8.09 -2.44 -2.82
N PHE A 1018 -8.33 -3.60 -3.44
CA PHE A 1018 -9.70 -4.10 -3.55
C PHE A 1018 -10.29 -4.39 -2.18
N GLU A 1019 -9.47 -4.82 -1.22
CA GLU A 1019 -9.98 -5.13 0.12
C GLU A 1019 -10.49 -3.89 0.82
N LYS A 1020 -9.72 -2.80 0.79
CA LYS A 1020 -10.15 -1.58 1.47
C LYS A 1020 -11.37 -0.97 0.79
N MET A 1021 -11.39 -0.96 -0.54
CA MET A 1021 -12.53 -0.42 -1.25
C MET A 1021 -13.80 -1.22 -1.00
N LEU A 1022 -13.67 -2.51 -0.69
CA LEU A 1022 -14.84 -3.32 -0.42
C LEU A 1022 -15.37 -3.09 1.00
N ILE A 1023 -14.47 -2.92 1.97
CA ILE A 1023 -14.90 -2.63 3.34
C ILE A 1023 -15.58 -1.27 3.41
N ASP A 1024 -15.00 -0.27 2.75
CA ASP A 1024 -15.58 1.08 2.79
C ASP A 1024 -16.97 1.10 2.17
N LYS A 1025 -17.14 0.43 1.03
CA LYS A 1025 -18.44 0.44 0.35
C LYS A 1025 -19.51 -0.24 1.19
N LEU A 1026 -19.14 -1.29 1.93
CA LEU A 1026 -20.09 -1.97 2.79
C LEU A 1026 -20.22 -1.33 4.17
N ASN A 1027 -19.36 -0.36 4.49
CA ASN A 1027 -19.55 0.43 5.71
C ASN A 1027 -20.78 1.32 5.61
N CYS A 1028 -21.09 1.80 4.40
CA CYS A 1028 -22.24 2.68 4.16
C CYS A 1028 -22.65 2.48 2.70
N LEU A 1029 -23.47 1.46 2.47
CA LEU A 1029 -23.85 1.02 1.13
C LEU A 1029 -25.20 1.63 0.76
N VAL A 1030 -25.23 2.38 -0.33
CA VAL A 1030 -26.44 3.01 -0.84
C VAL A 1030 -26.61 2.61 -2.30
N LEU A 1031 -27.76 2.03 -2.63
CA LEU A 1031 -28.09 1.64 -4.00
C LEU A 1031 -28.97 2.73 -4.60
N LYS A 1032 -28.50 3.31 -5.72
CA LYS A 1032 -29.14 4.50 -6.26
C LYS A 1032 -30.54 4.24 -6.81
N ASP A 1033 -30.91 2.98 -7.04
CA ASP A 1033 -32.23 2.66 -7.55
C ASP A 1033 -33.23 2.33 -6.45
N TYR A 1034 -32.78 2.16 -5.21
CA TYR A 1034 -33.74 1.91 -4.14
C TYR A 1034 -34.44 3.21 -3.75
N PRO A 1035 -35.72 3.15 -3.41
CA PRO A 1035 -36.38 4.32 -2.82
C PRO A 1035 -35.74 4.67 -1.47
N ALA A 1036 -35.80 5.96 -1.12
CA ALA A 1036 -35.10 6.44 0.06
C ALA A 1036 -35.60 5.77 1.33
N GLU A 1037 -36.88 5.39 1.38
CA GLU A 1037 -37.45 4.83 2.60
C GLU A 1037 -37.02 3.38 2.85
N LYS A 1038 -36.71 2.64 1.79
CA LYS A 1038 -36.38 1.23 1.94
C LYS A 1038 -34.93 1.05 2.40
N VAL A 1039 -34.68 -0.12 2.99
CA VAL A 1039 -33.32 -0.45 3.45
C VAL A 1039 -32.42 -0.61 2.23
N GLY A 1040 -31.40 0.24 2.16
CA GLY A 1040 -30.59 0.37 0.97
C GLY A 1040 -30.75 1.71 0.27
N GLY A 1041 -31.82 2.43 0.58
CA GLY A 1041 -32.00 3.76 0.04
C GLY A 1041 -31.06 4.76 0.67
N VAL A 1042 -31.11 5.99 0.15
CA VAL A 1042 -30.15 7.01 0.57
C VAL A 1042 -30.35 7.38 2.04
N LEU A 1043 -31.57 7.21 2.57
CA LEU A 1043 -31.85 7.54 3.95
C LEU A 1043 -31.76 6.33 4.88
N ASN A 1044 -31.51 5.14 4.35
CA ASN A 1044 -31.32 3.93 5.15
C ASN A 1044 -30.24 3.08 4.51
N PRO A 1045 -28.98 3.48 4.65
CA PRO A 1045 -27.90 2.75 4.00
C PRO A 1045 -27.66 1.39 4.65
N TYR A 1046 -27.20 0.44 3.84
CA TYR A 1046 -26.76 -0.85 4.36
C TYR A 1046 -25.42 -0.69 5.08
N GLN A 1047 -25.21 -1.55 6.08
CA GLN A 1047 -23.94 -1.60 6.81
C GLN A 1047 -23.63 -3.08 7.07
N LEU A 1048 -22.85 -3.68 6.17
CA LEU A 1048 -22.53 -5.10 6.25
C LEU A 1048 -21.16 -5.39 6.83
N THR A 1049 -20.25 -4.41 6.84
CA THR A 1049 -18.91 -4.60 7.39
C THR A 1049 -18.73 -3.73 8.63
N ASP A 1050 -17.81 -4.16 9.49
CA ASP A 1050 -17.52 -3.43 10.72
C ASP A 1050 -16.91 -2.06 10.39
N GLN A 1051 -17.01 -1.15 11.35
CA GLN A 1051 -16.49 0.19 11.16
C GLN A 1051 -14.98 0.15 10.94
N PHE A 1052 -14.53 0.70 9.82
CA PHE A 1052 -13.12 0.65 9.47
C PHE A 1052 -12.32 1.62 10.35
N THR A 1053 -11.23 1.11 10.92
CA THR A 1053 -10.29 1.96 11.66
C THR A 1053 -8.91 1.90 10.99
N SER A 1054 -8.26 0.75 11.00
CA SER A 1054 -7.01 0.55 10.28
C SER A 1054 -6.89 -0.93 9.92
N PHE A 1055 -5.90 -1.24 9.08
CA PHE A 1055 -5.67 -2.63 8.72
C PHE A 1055 -5.01 -3.39 9.85
N ALA A 1056 -4.10 -2.74 10.58
CA ALA A 1056 -3.43 -3.41 11.70
C ALA A 1056 -4.42 -3.74 12.81
N LYS A 1057 -5.37 -2.85 13.08
CA LYS A 1057 -6.35 -3.05 14.14
C LYS A 1057 -7.51 -3.95 13.70
N MET A 1058 -7.51 -4.45 12.47
CA MET A 1058 -8.57 -5.31 12.00
C MET A 1058 -8.22 -6.77 12.26
N GLY A 1059 -9.27 -7.57 12.49
CA GLY A 1059 -9.12 -8.97 12.79
C GLY A 1059 -9.60 -9.87 11.66
N THR A 1060 -9.93 -11.11 12.02
CA THR A 1060 -10.32 -12.11 11.03
C THR A 1060 -11.68 -11.78 10.41
N GLN A 1061 -12.57 -11.12 11.15
CA GLN A 1061 -13.91 -10.85 10.69
C GLN A 1061 -14.19 -9.35 10.72
N SER A 1062 -14.90 -8.87 9.69
CA SER A 1062 -15.42 -7.50 9.62
C SER A 1062 -16.85 -7.61 9.06
N GLY A 1063 -17.79 -7.89 9.95
CA GLY A 1063 -19.18 -8.05 9.52
C GLY A 1063 -19.33 -9.30 8.66
N PHE A 1064 -19.97 -9.14 7.51
CA PHE A 1064 -20.13 -10.23 6.56
C PHE A 1064 -18.87 -10.55 5.78
N LEU A 1065 -17.79 -9.80 6.00
CA LEU A 1065 -16.51 -10.09 5.38
C LEU A 1065 -15.67 -10.96 6.31
N PHE A 1066 -15.00 -11.95 5.72
CA PHE A 1066 -14.20 -12.90 6.48
C PHE A 1066 -12.86 -13.09 5.79
N TYR A 1067 -11.83 -13.33 6.60
CA TYR A 1067 -10.47 -13.51 6.11
C TYR A 1067 -9.96 -14.88 6.53
N VAL A 1068 -9.45 -15.64 5.57
CA VAL A 1068 -8.97 -17.00 5.83
C VAL A 1068 -7.54 -17.12 5.31
N PRO A 1069 -6.72 -18.02 5.86
CA PRO A 1069 -5.39 -18.23 5.31
C PRO A 1069 -5.45 -18.79 3.89
N ALA A 1070 -4.42 -18.45 3.10
CA ALA A 1070 -4.30 -18.88 1.72
C ALA A 1070 -3.69 -20.27 1.54
N PRO A 1071 -2.77 -20.72 2.41
CA PRO A 1071 -2.22 -22.07 2.25
C PRO A 1071 -3.27 -23.15 2.05
N TYR A 1072 -2.99 -24.05 1.10
CA TYR A 1072 -3.83 -25.22 0.83
C TYR A 1072 -5.23 -24.81 0.36
N THR A 1073 -5.28 -23.82 -0.53
CA THR A 1073 -6.51 -23.45 -1.22
C THR A 1073 -6.45 -23.67 -2.71
N SER A 1074 -5.25 -23.64 -3.31
CA SER A 1074 -5.07 -23.91 -4.73
C SER A 1074 -4.65 -25.35 -4.99
N LYS A 1075 -3.52 -25.78 -4.41
CA LYS A 1075 -3.00 -27.12 -4.63
C LYS A 1075 -3.70 -28.14 -3.72
N ILE A 1076 -5.00 -28.27 -3.94
CA ILE A 1076 -5.84 -29.18 -3.16
C ILE A 1076 -6.93 -29.75 -4.06
N ASP A 1077 -7.20 -31.04 -3.89
CA ASP A 1077 -8.18 -31.74 -4.73
C ASP A 1077 -9.59 -31.41 -4.27
N PRO A 1078 -10.42 -30.76 -5.10
CA PRO A 1078 -11.78 -30.42 -4.67
C PRO A 1078 -12.72 -31.60 -4.53
N LEU A 1079 -12.32 -32.81 -4.92
CA LEU A 1079 -13.16 -33.98 -4.73
C LEU A 1079 -12.84 -34.77 -3.48
N THR A 1080 -11.60 -34.68 -2.97
CA THR A 1080 -11.19 -35.43 -1.79
C THR A 1080 -10.65 -34.56 -0.67
N GLY A 1081 -10.16 -33.35 -0.97
CA GLY A 1081 -9.42 -32.59 0.01
C GLY A 1081 -7.96 -32.97 0.13
N PHE A 1082 -7.49 -33.87 -0.73
CA PHE A 1082 -6.12 -34.34 -0.66
C PHE A 1082 -5.14 -33.24 -1.06
N VAL A 1083 -3.98 -33.22 -0.39
CA VAL A 1083 -2.88 -32.35 -0.77
C VAL A 1083 -1.61 -33.18 -0.78
N ASP A 1084 -0.58 -32.64 -1.41
CA ASP A 1084 0.73 -33.30 -1.40
C ASP A 1084 1.29 -33.29 0.02
N PRO A 1085 1.43 -34.45 0.68
CA PRO A 1085 1.82 -34.44 2.09
C PRO A 1085 3.32 -34.30 2.33
N PHE A 1086 4.15 -34.50 1.31
CA PHE A 1086 5.59 -34.56 1.49
C PHE A 1086 6.24 -33.20 1.20
N VAL A 1087 7.29 -32.91 1.94
CA VAL A 1087 8.17 -31.77 1.67
C VAL A 1087 9.43 -32.32 1.00
N TRP A 1088 9.70 -31.86 -0.21
CA TRP A 1088 10.74 -32.45 -1.04
C TRP A 1088 12.13 -31.89 -0.75
N LYS A 1089 12.25 -30.94 0.16
CA LYS A 1089 13.56 -30.47 0.59
C LYS A 1089 14.27 -31.53 1.43
N THR A 1090 13.52 -32.45 2.05
CA THR A 1090 14.10 -33.49 2.89
C THR A 1090 14.45 -34.76 2.12
N ILE A 1091 13.87 -34.95 0.94
CA ILE A 1091 14.20 -36.09 0.10
C ILE A 1091 15.31 -35.66 -0.86
N LYS A 1092 16.53 -35.52 -0.33
CA LYS A 1092 17.62 -34.85 -1.04
C LYS A 1092 18.62 -35.81 -1.67
N ASN A 1093 18.96 -36.92 -1.00
CA ASN A 1093 20.02 -37.80 -1.47
C ASN A 1093 19.48 -39.20 -1.73
N HIS A 1094 20.39 -40.11 -2.08
CA HIS A 1094 20.00 -41.45 -2.48
C HIS A 1094 19.45 -42.26 -1.31
N GLU A 1095 20.09 -42.18 -0.15
CA GLU A 1095 19.61 -42.93 1.01
C GLU A 1095 18.26 -42.42 1.47
N SER A 1096 18.03 -41.11 1.39
CA SER A 1096 16.72 -40.57 1.77
C SER A 1096 15.64 -40.97 0.77
N ARG A 1097 15.98 -41.01 -0.52
CA ARG A 1097 15.01 -41.44 -1.52
C ARG A 1097 14.64 -42.90 -1.35
N LYS A 1098 15.61 -43.74 -0.92
CA LYS A 1098 15.32 -45.15 -0.70
C LYS A 1098 14.41 -45.34 0.50
N HIS A 1099 14.65 -44.61 1.59
CA HIS A 1099 13.77 -44.67 2.74
C HIS A 1099 12.39 -44.10 2.42
N PHE A 1100 12.32 -43.16 1.48
CA PHE A 1100 11.03 -42.60 1.09
C PHE A 1100 10.17 -43.63 0.38
N LEU A 1101 10.78 -44.40 -0.54
CA LEU A 1101 10.02 -45.43 -1.24
C LEU A 1101 9.65 -46.59 -0.31
N GLU A 1102 10.46 -46.82 0.73
CA GLU A 1102 10.15 -47.89 1.68
C GLU A 1102 8.94 -47.57 2.54
N GLY A 1103 8.52 -46.30 2.59
CA GLY A 1103 7.33 -45.93 3.34
C GLY A 1103 6.02 -46.24 2.66
N PHE A 1104 6.05 -46.57 1.37
CA PHE A 1104 4.85 -46.94 0.64
C PHE A 1104 4.65 -48.44 0.70
N ASP A 1105 3.39 -48.85 0.90
CA ASP A 1105 3.09 -50.28 1.02
C ASP A 1105 3.32 -51.01 -0.30
N PHE A 1106 2.60 -50.62 -1.35
CA PHE A 1106 2.76 -51.29 -2.63
C PHE A 1106 2.60 -50.30 -3.77
N LEU A 1107 3.03 -50.73 -4.96
CA LEU A 1107 2.80 -50.02 -6.21
C LEU A 1107 2.67 -51.07 -7.29
N HIS A 1108 1.48 -51.22 -7.86
CA HIS A 1108 1.24 -52.25 -8.86
C HIS A 1108 0.36 -51.71 -9.97
N TYR A 1109 0.31 -52.45 -11.07
CA TYR A 1109 -0.40 -52.07 -12.28
C TYR A 1109 -1.79 -52.71 -12.28
N ASP A 1110 -2.81 -51.88 -12.46
CA ASP A 1110 -4.18 -52.36 -12.56
C ASP A 1110 -4.45 -52.77 -14.00
N VAL A 1111 -4.72 -54.06 -14.22
CA VAL A 1111 -4.87 -54.57 -15.58
C VAL A 1111 -6.19 -54.11 -16.20
N LYS A 1112 -7.25 -53.97 -15.40
CA LYS A 1112 -8.56 -53.62 -15.95
C LYS A 1112 -8.61 -52.15 -16.32
N THR A 1113 -8.35 -51.26 -15.36
CA THR A 1113 -8.43 -49.83 -15.62
C THR A 1113 -7.26 -49.35 -16.48
N GLY A 1114 -6.08 -49.96 -16.30
CA GLY A 1114 -4.92 -49.62 -17.11
C GLY A 1114 -3.94 -48.65 -16.50
N ASP A 1115 -4.15 -48.25 -15.24
CA ASP A 1115 -3.28 -47.31 -14.57
C ASP A 1115 -2.65 -47.94 -13.33
N PHE A 1116 -1.64 -47.27 -12.79
CA PHE A 1116 -0.94 -47.76 -11.61
C PHE A 1116 -1.57 -47.20 -10.33
N ILE A 1117 -1.38 -47.93 -9.23
CA ILE A 1117 -1.92 -47.56 -7.94
C ILE A 1117 -0.80 -47.60 -6.91
N LEU A 1118 -0.62 -46.50 -6.19
CA LEU A 1118 0.41 -46.38 -5.16
C LEU A 1118 -0.29 -46.13 -3.82
N HIS A 1119 -0.24 -47.11 -2.93
CA HIS A 1119 -0.88 -47.01 -1.63
C HIS A 1119 0.09 -46.47 -0.60
N PHE A 1120 -0.34 -45.42 0.12
CA PHE A 1120 0.49 -44.77 1.11
C PHE A 1120 -0.31 -44.57 2.39
N LYS A 1121 0.21 -45.08 3.51
CA LYS A 1121 -0.37 -44.84 4.82
C LYS A 1121 0.20 -43.54 5.38
N MET A 1122 -0.69 -42.69 5.91
CA MET A 1122 -0.27 -41.39 6.40
C MET A 1122 0.67 -41.48 7.59
N ASN A 1123 0.65 -42.58 8.35
CA ASN A 1123 1.53 -42.73 9.49
C ASN A 1123 2.95 -43.12 9.11
N ARG A 1124 3.21 -43.40 7.84
CA ARG A 1124 4.55 -43.72 7.36
C ARG A 1124 5.21 -42.48 6.77
N ASN A 1125 6.53 -42.55 6.63
CA ASN A 1125 7.34 -41.46 6.08
C ASN A 1125 7.10 -40.16 6.84
N LEU A 1126 7.07 -40.26 8.18
CA LEU A 1126 6.83 -39.08 9.00
C LEU A 1126 7.95 -38.06 8.88
N SER A 1127 9.18 -38.51 8.64
CA SER A 1127 10.31 -37.60 8.50
C SER A 1127 10.27 -36.80 7.19
N PHE A 1128 9.43 -37.20 6.23
CA PHE A 1128 9.35 -36.51 4.95
C PHE A 1128 8.05 -35.71 4.80
N GLN A 1129 7.18 -35.71 5.79
CA GLN A 1129 5.90 -35.03 5.69
C GLN A 1129 5.98 -33.62 6.29
N ARG A 1130 4.94 -32.84 6.03
CA ARG A 1130 4.82 -31.48 6.52
C ARG A 1130 4.15 -31.40 7.89
N GLY A 1131 3.87 -32.53 8.52
CA GLY A 1131 3.22 -32.53 9.81
C GLY A 1131 1.73 -32.37 9.79
N LEU A 1132 1.07 -32.64 8.66
CA LEU A 1132 -0.37 -32.46 8.50
C LEU A 1132 -1.00 -33.81 8.19
N PRO A 1133 -1.43 -34.56 9.22
CA PRO A 1133 -2.06 -35.87 8.96
C PRO A 1133 -3.39 -35.78 8.23
N GLY A 1134 -4.10 -34.66 8.33
CA GLY A 1134 -5.41 -34.57 7.70
C GLY A 1134 -6.42 -35.45 8.42
N PHE A 1135 -7.26 -36.12 7.64
CA PHE A 1135 -8.28 -37.00 8.18
C PHE A 1135 -8.20 -38.43 7.66
N MET A 1136 -7.69 -38.64 6.47
CA MET A 1136 -7.64 -39.98 5.90
C MET A 1136 -6.42 -40.72 6.40
N PRO A 1137 -6.56 -41.97 6.86
CA PRO A 1137 -5.38 -42.73 7.31
C PRO A 1137 -4.52 -43.22 6.15
N ALA A 1138 -5.08 -43.35 4.95
CA ALA A 1138 -4.33 -43.84 3.81
C ALA A 1138 -4.86 -43.16 2.55
N TRP A 1139 -4.11 -43.33 1.46
CA TRP A 1139 -4.50 -42.78 0.18
C TRP A 1139 -4.04 -43.71 -0.92
N ASP A 1140 -4.82 -43.79 -1.99
CA ASP A 1140 -4.47 -44.53 -3.19
C ASP A 1140 -4.08 -43.53 -4.27
N ILE A 1141 -2.78 -43.27 -4.38
CA ILE A 1141 -2.25 -42.42 -5.44
C ILE A 1141 -2.19 -43.23 -6.73
N VAL A 1142 -2.65 -42.63 -7.83
CA VAL A 1142 -2.77 -43.34 -9.09
C VAL A 1142 -1.95 -42.62 -10.15
N PHE A 1143 -1.24 -43.42 -10.96
CA PHE A 1143 -0.57 -42.93 -12.17
C PHE A 1143 -1.57 -43.08 -13.31
N GLU A 1144 -2.36 -42.03 -13.55
CA GLU A 1144 -3.47 -42.10 -14.49
C GLU A 1144 -2.99 -42.55 -15.86
N LYS A 1145 -3.65 -43.57 -16.40
CA LYS A 1145 -3.43 -43.99 -17.78
C LYS A 1145 -3.60 -42.82 -18.73
N ASN A 1146 -2.60 -42.60 -19.58
CA ASN A 1146 -2.54 -41.43 -20.44
C ASN A 1146 -3.44 -41.62 -21.66
N GLU A 1147 -4.74 -41.58 -21.40
CA GLU A 1147 -5.74 -41.64 -22.45
C GLU A 1147 -5.92 -40.27 -23.09
N THR A 1148 -6.85 -40.17 -24.02
CA THR A 1148 -7.25 -38.90 -24.63
C THR A 1148 -8.70 -38.66 -24.23
N GLN A 1149 -8.91 -37.75 -23.29
CA GLN A 1149 -10.24 -37.38 -22.85
C GLN A 1149 -10.73 -36.14 -23.59
N PHE A 1150 -12.03 -35.87 -23.47
CA PHE A 1150 -12.64 -34.71 -24.09
C PHE A 1150 -13.44 -33.95 -23.04
N ASP A 1151 -13.42 -32.63 -23.14
CA ASP A 1151 -14.14 -31.79 -22.19
C ASP A 1151 -15.60 -31.68 -22.59
N ALA A 1152 -16.32 -30.72 -21.99
CA ALA A 1152 -17.71 -30.51 -22.35
C ALA A 1152 -17.85 -29.88 -23.73
N LYS A 1153 -16.77 -29.35 -24.29
CA LYS A 1153 -16.78 -28.75 -25.61
C LYS A 1153 -16.13 -29.63 -26.68
N GLY A 1154 -15.62 -30.80 -26.30
CA GLY A 1154 -15.05 -31.71 -27.27
C GLY A 1154 -13.59 -31.50 -27.58
N THR A 1155 -12.86 -30.78 -26.73
CA THR A 1155 -11.44 -30.53 -26.96
C THR A 1155 -10.59 -31.61 -26.31
N PRO A 1156 -9.63 -32.19 -27.01
CA PRO A 1156 -8.84 -33.29 -26.44
C PRO A 1156 -7.84 -32.83 -25.41
N PHE A 1157 -7.48 -33.76 -24.52
CA PHE A 1157 -6.38 -33.58 -23.59
C PHE A 1157 -6.00 -34.96 -23.06
N ILE A 1158 -4.75 -35.07 -22.60
CA ILE A 1158 -4.21 -36.34 -22.16
C ILE A 1158 -4.40 -36.47 -20.66
N ALA A 1159 -4.98 -37.59 -20.24
CA ALA A 1159 -5.20 -37.84 -18.82
C ALA A 1159 -3.87 -38.09 -18.11
N GLY A 1160 -3.73 -37.51 -16.92
CA GLY A 1160 -2.53 -37.67 -16.14
C GLY A 1160 -1.35 -36.81 -16.56
N LYS A 1161 -1.50 -36.00 -17.61
CA LYS A 1161 -0.41 -35.17 -18.09
C LYS A 1161 0.04 -34.18 -17.02
N ARG A 1162 1.36 -34.05 -16.86
CA ARG A 1162 1.95 -33.12 -15.92
C ARG A 1162 2.89 -32.17 -16.63
N ILE A 1163 3.07 -30.98 -16.05
CA ILE A 1163 3.91 -29.94 -16.61
C ILE A 1163 4.98 -29.60 -15.57
N VAL A 1164 6.22 -29.99 -15.85
CA VAL A 1164 7.33 -29.80 -14.92
C VAL A 1164 8.43 -29.00 -15.60
N PRO A 1165 9.28 -28.27 -14.85
CA PRO A 1165 10.39 -27.53 -15.45
C PRO A 1165 11.47 -28.45 -16.03
N TYR A 1176 9.03 -25.00 -19.96
CA TYR A 1176 8.83 -26.24 -19.22
C TYR A 1176 8.50 -27.38 -20.19
N ARG A 1177 8.48 -28.61 -19.68
CA ARG A 1177 8.23 -29.79 -20.49
C ARG A 1177 6.95 -30.49 -20.04
N ASP A 1178 6.32 -31.19 -20.98
CA ASP A 1178 5.16 -32.01 -20.69
C ASP A 1178 5.63 -33.40 -20.25
N LEU A 1179 5.09 -33.86 -19.13
CA LEU A 1179 5.44 -35.16 -18.57
C LEU A 1179 4.20 -36.05 -18.56
N TYR A 1180 4.37 -37.30 -18.99
CA TYR A 1180 3.30 -38.30 -18.97
C TYR A 1180 3.77 -39.43 -18.06
N PRO A 1181 3.45 -39.35 -16.77
CA PRO A 1181 4.09 -40.27 -15.81
C PRO A 1181 3.77 -41.74 -16.03
N ALA A 1182 2.51 -42.07 -16.33
CA ALA A 1182 2.16 -43.48 -16.53
C ALA A 1182 2.93 -44.10 -17.69
N ASN A 1183 3.18 -43.31 -18.74
CA ASN A 1183 4.00 -43.81 -19.84
C ASN A 1183 5.48 -43.79 -19.48
N GLU A 1184 5.93 -42.76 -18.75
CA GLU A 1184 7.32 -42.72 -18.30
C GLU A 1184 7.61 -43.84 -17.31
N LEU A 1185 6.61 -44.26 -16.53
CA LEU A 1185 6.80 -45.38 -15.61
C LEU A 1185 6.90 -46.70 -16.35
N ILE A 1186 5.99 -46.93 -17.31
CA ILE A 1186 6.05 -48.16 -18.10
C ILE A 1186 7.37 -48.25 -18.85
N ALA A 1187 7.88 -47.10 -19.32
CA ALA A 1187 9.17 -47.10 -19.99
C ALA A 1187 10.29 -47.51 -19.05
N LEU A 1188 10.28 -46.98 -17.82
CA LEU A 1188 11.33 -47.31 -16.86
C LEU A 1188 11.34 -48.80 -16.52
N LEU A 1189 10.16 -49.36 -16.26
CA LEU A 1189 10.08 -50.76 -15.86
C LEU A 1189 10.52 -51.70 -16.97
N GLU A 1190 10.28 -51.32 -18.23
CA GLU A 1190 10.75 -52.09 -19.36
C GLU A 1190 12.25 -51.95 -19.59
N GLU A 1191 12.85 -50.85 -19.14
CA GLU A 1191 14.31 -50.71 -19.24
C GLU A 1191 15.00 -51.60 -18.21
N LYS A 1192 14.35 -51.88 -17.08
CA LYS A 1192 14.91 -52.74 -16.05
C LYS A 1192 14.39 -54.17 -16.15
N GLY A 1193 13.47 -54.46 -17.07
CA GLY A 1193 12.92 -55.79 -17.19
C GLY A 1193 12.04 -56.21 -16.04
N ILE A 1194 11.53 -55.26 -15.27
CA ILE A 1194 10.70 -55.56 -14.11
C ILE A 1194 9.30 -55.95 -14.59
N VAL A 1195 8.86 -57.15 -14.22
CA VAL A 1195 7.52 -57.59 -14.58
C VAL A 1195 6.50 -56.86 -13.73
N PHE A 1196 5.50 -56.25 -14.39
CA PHE A 1196 4.50 -55.47 -13.69
C PHE A 1196 3.07 -55.73 -14.15
N ARG A 1197 2.85 -56.39 -15.28
CA ARG A 1197 1.51 -56.60 -15.80
C ARG A 1197 0.75 -57.72 -15.09
N ASP A 1198 1.31 -58.29 -14.02
CA ASP A 1198 0.64 -59.30 -13.22
C ASP A 1198 0.12 -58.74 -11.90
N GLY A 1199 0.05 -57.42 -11.75
CA GLY A 1199 -0.33 -56.83 -10.49
C GLY A 1199 0.71 -56.96 -9.40
N SER A 1200 1.95 -57.27 -9.77
CA SER A 1200 3.00 -57.47 -8.78
C SER A 1200 3.46 -56.16 -8.18
N ASN A 1201 3.82 -56.20 -6.90
CA ASN A 1201 4.34 -55.02 -6.22
C ASN A 1201 5.72 -54.67 -6.77
N ILE A 1202 5.86 -53.44 -7.25
CA ILE A 1202 7.08 -53.05 -7.96
C ILE A 1202 8.14 -52.49 -7.01
N LEU A 1203 7.74 -51.89 -5.90
CA LEU A 1203 8.70 -51.23 -5.02
C LEU A 1203 9.78 -52.16 -4.48
N PRO A 1204 9.46 -53.34 -3.95
CA PRO A 1204 10.55 -54.21 -3.46
C PRO A 1204 11.52 -54.65 -4.54
N LYS A 1205 11.06 -54.73 -5.80
CA LYS A 1205 11.96 -55.13 -6.87
C LYS A 1205 12.97 -54.03 -7.19
N LEU A 1206 12.54 -52.78 -7.16
CA LEU A 1206 13.45 -51.67 -7.42
C LEU A 1206 14.43 -51.47 -6.27
N LEU A 1207 13.97 -51.68 -5.03
CA LEU A 1207 14.83 -51.47 -3.87
C LEU A 1207 15.85 -52.60 -3.75
N GLU A 1208 15.43 -53.84 -3.98
CA GLU A 1208 16.37 -54.96 -3.92
C GLU A 1208 17.40 -54.88 -5.04
N ASN A 1209 16.97 -54.48 -6.24
CA ASN A 1209 17.92 -54.26 -7.32
C ASN A 1209 18.81 -53.07 -7.04
N ASP A 1210 18.26 -52.03 -6.40
CA ASP A 1210 19.02 -50.88 -5.91
C ASP A 1210 19.78 -50.18 -7.05
N ASP A 1211 19.03 -49.78 -8.07
CA ASP A 1211 19.57 -48.96 -9.15
C ASP A 1211 19.48 -47.50 -8.74
N SER A 1212 20.63 -46.82 -8.70
CA SER A 1212 20.64 -45.44 -8.24
C SER A 1212 19.85 -44.53 -9.17
N HIS A 1213 20.03 -44.71 -10.49
CA HIS A 1213 19.36 -43.83 -11.44
C HIS A 1213 17.87 -44.15 -11.54
N ALA A 1214 17.51 -45.44 -11.47
CA ALA A 1214 16.11 -45.82 -11.61
C ALA A 1214 15.28 -45.37 -10.42
N ILE A 1215 15.85 -45.40 -9.22
CA ILE A 1215 15.12 -45.00 -8.02
C ILE A 1215 14.91 -43.49 -8.00
N ASP A 1216 15.94 -42.72 -8.37
CA ASP A 1216 15.79 -41.26 -8.43
C ASP A 1216 14.75 -40.86 -9.48
N THR A 1217 14.62 -41.64 -10.55
CA THR A 1217 13.57 -41.37 -11.53
C THR A 1217 12.20 -41.75 -11.00
N MET A 1218 12.12 -42.89 -10.28
CA MET A 1218 10.85 -43.32 -9.70
C MET A 1218 10.34 -42.28 -8.70
N VAL A 1219 11.23 -41.73 -7.88
CA VAL A 1219 10.83 -40.69 -6.93
C VAL A 1219 10.36 -39.44 -7.66
N ALA A 1220 11.04 -39.08 -8.76
CA ALA A 1220 10.64 -37.91 -9.52
C ALA A 1220 9.26 -38.11 -10.15
N LEU A 1221 8.96 -39.34 -10.58
CA LEU A 1221 7.64 -39.61 -11.13
C LEU A 1221 6.55 -39.44 -10.08
N ILE A 1222 6.80 -39.91 -8.86
CA ILE A 1222 5.84 -39.75 -7.78
C ILE A 1222 5.61 -38.28 -7.49
N ARG A 1223 6.68 -37.49 -7.49
CA ARG A 1223 6.54 -36.05 -7.22
C ARG A 1223 5.76 -35.36 -8.33
N SER A 1224 5.89 -35.83 -9.57
CA SER A 1224 5.13 -35.23 -10.68
C SER A 1224 3.66 -35.59 -10.58
N VAL A 1225 3.35 -36.83 -10.19
CA VAL A 1225 1.94 -37.22 -10.04
C VAL A 1225 1.28 -36.43 -8.93
N LEU A 1226 2.01 -36.19 -7.84
CA LEU A 1226 1.46 -35.44 -6.71
C LEU A 1226 1.35 -33.94 -6.99
N GLN A 1227 1.79 -33.47 -8.16
CA GLN A 1227 1.72 -32.06 -8.51
C GLN A 1227 0.41 -31.83 -9.27
N MET A 1228 -0.65 -31.47 -8.55
CA MET A 1228 -1.94 -31.24 -9.17
C MET A 1228 -1.91 -29.99 -10.04
N ARG A 1229 -1.44 -28.88 -9.50
CA ARG A 1229 -1.45 -27.61 -10.22
C ARG A 1229 -0.39 -27.66 -11.31
N ASN A 1230 -0.82 -27.85 -12.55
CA ASN A 1230 0.06 -27.89 -13.70
C ASN A 1230 -0.27 -26.72 -14.62
N SER A 1231 0.74 -25.90 -14.93
CA SER A 1231 0.50 -24.70 -15.69
C SER A 1231 1.71 -24.40 -16.57
N ASN A 1232 1.44 -23.76 -17.71
CA ASN A 1232 2.48 -23.25 -18.59
C ASN A 1232 1.91 -22.03 -19.30
N ALA A 1233 2.57 -20.88 -19.12
CA ALA A 1233 2.02 -19.61 -19.60
C ALA A 1233 1.82 -19.61 -21.10
N ALA A 1234 2.77 -20.16 -21.85
CA ALA A 1234 2.66 -20.14 -23.31
C ALA A 1234 1.46 -20.95 -23.78
N THR A 1235 1.22 -22.11 -23.17
CA THR A 1235 0.09 -22.94 -23.59
C THR A 1235 -1.24 -22.36 -23.14
N GLY A 1236 -1.25 -21.48 -22.14
CA GLY A 1236 -2.47 -21.08 -21.50
C GLY A 1236 -3.04 -22.09 -20.52
N GLU A 1237 -2.28 -23.14 -20.21
CA GLU A 1237 -2.75 -24.18 -19.31
C GLU A 1237 -2.57 -23.75 -17.86
N ASP A 1238 -3.51 -24.13 -17.01
CA ASP A 1238 -3.41 -23.97 -15.55
C ASP A 1238 -4.51 -24.78 -14.88
N TYR A 1239 -4.38 -26.10 -14.91
CA TYR A 1239 -5.42 -27.01 -14.49
C TYR A 1239 -5.02 -27.73 -13.21
N ILE A 1240 -6.03 -28.30 -12.56
CA ILE A 1240 -5.86 -29.13 -11.36
C ILE A 1240 -6.18 -30.57 -11.74
N ASN A 1241 -5.23 -31.47 -11.53
CA ASN A 1241 -5.42 -32.89 -11.80
C ASN A 1241 -5.05 -33.65 -10.53
N SER A 1242 -6.04 -34.29 -9.92
CA SER A 1242 -5.83 -34.95 -8.63
C SER A 1242 -5.08 -36.26 -8.81
N PRO A 1243 -4.12 -36.56 -7.94
CA PRO A 1243 -3.43 -37.85 -8.02
C PRO A 1243 -4.15 -38.98 -7.29
N VAL A 1244 -5.21 -38.68 -6.54
CA VAL A 1244 -5.95 -39.70 -5.80
C VAL A 1244 -7.37 -39.77 -6.36
N ARG A 1245 -7.97 -40.94 -6.21
CA ARG A 1245 -9.32 -41.21 -6.70
C ARG A 1245 -10.27 -41.26 -5.51
N ASP A 1246 -11.38 -40.52 -5.60
CA ASP A 1246 -12.30 -40.41 -4.47
C ASP A 1246 -13.05 -41.72 -4.25
N LEU A 1247 -13.90 -41.72 -3.23
CA LEU A 1247 -14.73 -42.88 -2.94
C LEU A 1247 -15.72 -43.19 -4.06
N ASN A 1248 -15.86 -42.28 -5.04
CA ASN A 1248 -16.76 -42.47 -6.17
C ASN A 1248 -16.05 -42.87 -7.44
N GLY A 1249 -14.74 -43.11 -7.39
CA GLY A 1249 -14.02 -43.59 -8.56
C GLY A 1249 -13.72 -42.55 -9.61
N VAL A 1250 -13.58 -41.28 -9.22
CA VAL A 1250 -13.31 -40.20 -10.16
C VAL A 1250 -12.00 -39.52 -9.77
N CYS A 1251 -11.16 -39.26 -10.76
CA CYS A 1251 -9.96 -38.44 -10.59
C CYS A 1251 -10.24 -37.07 -11.18
N PHE A 1252 -10.31 -36.05 -10.32
CA PHE A 1252 -10.70 -34.73 -10.77
C PHE A 1252 -9.68 -34.15 -11.75
N ASP A 1253 -10.18 -33.54 -12.80
CA ASP A 1253 -9.34 -32.81 -13.75
C ASP A 1253 -10.15 -31.62 -14.26
N SER A 1254 -9.69 -30.41 -13.97
CA SER A 1254 -10.40 -29.23 -14.40
C SER A 1254 -10.43 -29.07 -15.91
N ARG A 1255 -9.70 -29.91 -16.65
CA ARG A 1255 -9.75 -29.89 -18.10
C ARG A 1255 -11.00 -30.54 -18.68
N PHE A 1256 -11.78 -31.25 -17.85
CA PHE A 1256 -13.09 -31.72 -18.29
C PHE A 1256 -14.08 -30.59 -18.44
N GLN A 1257 -13.81 -29.45 -17.81
CA GLN A 1257 -14.62 -28.23 -17.95
C GLN A 1257 -16.05 -28.43 -17.45
N ASN A 1258 -16.21 -29.22 -16.40
CA ASN A 1258 -17.53 -29.39 -15.78
C ASN A 1258 -17.85 -28.14 -14.97
N PRO A 1259 -18.93 -27.43 -15.29
CA PRO A 1259 -19.23 -26.18 -14.57
C PRO A 1259 -19.55 -26.38 -13.10
N GLU A 1260 -19.89 -27.60 -12.68
CA GLU A 1260 -20.17 -27.86 -11.26
C GLU A 1260 -18.93 -27.75 -10.39
N TRP A 1261 -17.75 -27.82 -10.99
CA TRP A 1261 -16.48 -27.85 -10.27
C TRP A 1261 -15.55 -26.81 -10.85
N PRO A 1262 -14.46 -26.48 -10.14
CA PRO A 1262 -13.55 -25.43 -10.64
C PRO A 1262 -13.03 -25.74 -12.04
N MET A 1263 -13.01 -24.70 -12.87
CA MET A 1263 -12.61 -24.83 -14.27
C MET A 1263 -11.11 -24.74 -14.47
N ASP A 1264 -10.37 -24.16 -13.52
CA ASP A 1264 -8.92 -24.07 -13.61
C ASP A 1264 -8.37 -23.95 -12.19
N ALA A 1265 -7.09 -23.56 -12.08
CA ALA A 1265 -6.45 -23.51 -10.78
C ALA A 1265 -6.90 -22.31 -9.96
N ASP A 1266 -7.08 -21.15 -10.62
CA ASP A 1266 -7.52 -19.97 -9.88
C ASP A 1266 -8.95 -20.13 -9.38
N ALA A 1267 -9.80 -20.81 -10.16
CA ALA A 1267 -11.14 -21.13 -9.67
C ALA A 1267 -11.07 -22.09 -8.49
N ASN A 1268 -10.10 -23.01 -8.49
CA ASN A 1268 -9.94 -23.93 -7.37
C ASN A 1268 -9.54 -23.20 -6.10
N GLY A 1269 -8.76 -22.12 -6.23
CA GLY A 1269 -8.41 -21.34 -5.05
C GLY A 1269 -9.61 -20.60 -4.48
N ALA A 1270 -10.38 -19.93 -5.33
CA ALA A 1270 -11.56 -19.21 -4.88
C ALA A 1270 -12.60 -20.17 -4.30
N TYR A 1271 -12.69 -21.38 -4.84
CA TYR A 1271 -13.63 -22.37 -4.30
C TYR A 1271 -13.25 -22.75 -2.88
N HIS A 1272 -11.97 -23.04 -2.64
CA HIS A 1272 -11.54 -23.47 -1.32
C HIS A 1272 -11.36 -22.32 -0.34
N ILE A 1273 -11.25 -21.08 -0.84
CA ILE A 1273 -11.31 -19.93 0.05
C ILE A 1273 -12.71 -19.77 0.60
N ALA A 1274 -13.73 -19.90 -0.25
CA ALA A 1274 -15.11 -19.86 0.23
C ALA A 1274 -15.38 -21.00 1.20
N LEU A 1275 -14.76 -22.16 0.96
CA LEU A 1275 -14.98 -23.30 1.85
C LEU A 1275 -14.29 -23.11 3.19
N LYS A 1276 -13.14 -22.41 3.21
CA LYS A 1276 -12.52 -22.08 4.49
C LYS A 1276 -13.42 -21.15 5.31
N GLY A 1277 -14.12 -20.24 4.63
CA GLY A 1277 -15.15 -19.47 5.29
C GLY A 1277 -16.34 -20.31 5.72
N GLN A 1278 -16.68 -21.33 4.92
CA GLN A 1278 -17.76 -22.24 5.31
C GLN A 1278 -17.41 -22.98 6.59
N LEU A 1279 -16.13 -23.32 6.77
CA LEU A 1279 -15.67 -23.91 8.03
C LEU A 1279 -15.98 -22.99 9.20
N LEU A 1280 -15.76 -21.68 9.03
CA LEU A 1280 -16.03 -20.73 10.10
C LEU A 1280 -17.52 -20.67 10.42
N LEU A 1281 -18.37 -20.71 9.39
CA LEU A 1281 -19.81 -20.69 9.62
C LEU A 1281 -20.30 -22.03 10.16
N ASN A 1282 -19.70 -23.14 9.75
CA ASN A 1282 -20.09 -24.44 10.27
C ASN A 1282 -19.69 -24.59 11.74
N HIS A 1283 -18.53 -24.06 12.12
CA HIS A 1283 -18.11 -24.09 13.51
C HIS A 1283 -18.83 -23.06 14.37
N LEU A 1284 -19.46 -22.06 13.75
CA LEU A 1284 -20.21 -21.07 14.52
C LEU A 1284 -21.52 -21.67 15.05
N LYS A 1285 -22.15 -22.52 14.25
CA LYS A 1285 -23.44 -23.09 14.65
C LYS A 1285 -23.29 -24.13 15.75
N GLU A 1286 -22.19 -24.89 15.73
CA GLU A 1286 -21.97 -25.88 16.79
C GLU A 1286 -21.56 -25.22 18.10
N SER A 1287 -21.14 -23.96 18.08
CA SER A 1287 -20.77 -23.25 19.29
C SER A 1287 -22.00 -22.68 19.98
N LYS A 1288 -21.85 -22.38 21.28
CA LYS A 1288 -22.91 -21.78 22.06
C LYS A 1288 -22.78 -20.26 22.15
N ASP A 1289 -21.64 -19.70 21.77
CA ASP A 1289 -21.40 -18.27 21.82
C ASP A 1289 -21.62 -17.65 20.44
N LEU A 1290 -21.51 -16.33 20.37
CA LEU A 1290 -21.62 -15.59 19.12
C LEU A 1290 -20.27 -15.07 18.64
N LYS A 1291 -19.18 -15.68 19.07
CA LYS A 1291 -17.83 -15.27 18.71
C LYS A 1291 -17.24 -16.27 17.73
N LEU A 1292 -16.74 -15.77 16.61
CA LEU A 1292 -16.12 -16.62 15.61
C LEU A 1292 -14.73 -17.07 16.08
N GLN A 1293 -14.31 -18.24 15.60
CA GLN A 1293 -12.97 -18.72 15.93
C GLN A 1293 -11.92 -17.94 15.15
N ASN A 1294 -10.85 -17.57 15.83
CA ASN A 1294 -9.84 -16.70 15.26
C ASN A 1294 -8.76 -17.55 14.59
N GLY A 1295 -8.68 -17.47 13.27
CA GLY A 1295 -7.68 -18.20 12.52
C GLY A 1295 -8.06 -19.65 12.27
N ILE A 1296 -7.56 -20.22 11.18
CA ILE A 1296 -7.79 -21.61 10.81
C ILE A 1296 -6.44 -22.27 10.63
N SER A 1297 -6.09 -23.19 11.52
CA SER A 1297 -4.87 -23.95 11.35
C SER A 1297 -4.98 -24.88 10.15
N ASN A 1298 -3.84 -25.18 9.53
CA ASN A 1298 -3.84 -26.03 8.34
C ASN A 1298 -4.37 -27.42 8.64
N GLN A 1299 -4.02 -27.96 9.81
CA GLN A 1299 -4.46 -29.31 10.16
C GLN A 1299 -5.96 -29.36 10.40
N ASP A 1300 -6.52 -28.36 11.09
CA ASP A 1300 -7.96 -28.32 11.30
C ASP A 1300 -8.70 -28.13 9.98
N TRP A 1301 -8.10 -27.42 9.03
CA TRP A 1301 -8.75 -27.23 7.73
C TRP A 1301 -8.68 -28.50 6.88
N LEU A 1302 -7.54 -29.19 6.89
CA LEU A 1302 -7.42 -30.41 6.10
C LEU A 1302 -8.30 -31.53 6.66
N ALA A 1303 -8.32 -31.68 7.98
CA ALA A 1303 -9.17 -32.70 8.58
C ALA A 1303 -10.65 -32.40 8.36
N TYR A 1304 -11.01 -31.11 8.38
CA TYR A 1304 -12.40 -30.73 8.14
C TYR A 1304 -12.82 -31.02 6.71
N ILE A 1305 -12.05 -30.53 5.74
CA ILE A 1305 -12.44 -30.65 4.34
C ILE A 1305 -12.34 -32.09 3.84
N GLN A 1306 -11.52 -32.93 4.47
CA GLN A 1306 -11.42 -34.33 4.06
C GLN A 1306 -12.50 -35.19 4.71
N GLU A 1307 -12.89 -34.88 5.94
CA GLU A 1307 -14.00 -35.58 6.56
C GLU A 1307 -15.30 -35.35 5.80
N LEU A 1308 -15.46 -34.17 5.21
CA LEU A 1308 -16.67 -33.86 4.44
C LEU A 1308 -16.74 -34.70 3.16
N ARG A 1309 -15.65 -34.70 2.38
CA ARG A 1309 -15.66 -35.31 1.06
C ARG A 1309 -15.43 -36.81 1.08
N ASN A 1310 -15.21 -37.41 2.24
CA ASN A 1310 -14.99 -38.85 2.31
C ASN A 1310 -15.75 -39.47 3.49
C1 EDO E . -23.01 13.52 16.76
O1 EDO E . -22.14 12.39 16.87
C2 EDO E . -22.29 14.76 17.29
O2 EDO E . -23.18 15.88 17.23
C1 EDO F . -30.18 -7.81 12.01
O1 EDO F . -31.56 -7.99 12.35
C2 EDO F . -29.31 -8.21 13.19
O2 EDO F . -29.48 -7.28 14.25
C1 EDO G . -2.15 -34.70 3.35
O1 EDO G . -2.78 -35.13 2.13
C2 EDO G . -3.07 -34.98 4.53
O2 EDO G . -4.27 -34.22 4.38
NA NA H . -25.28 9.32 -14.47
#